data_5Y3J
#
_entry.id   5Y3J
#
_cell.length_a   109.493
_cell.length_b   125.199
_cell.length_c   139.294
_cell.angle_alpha   90.00
_cell.angle_beta   94.78
_cell.angle_gamma   90.00
#
_symmetry.space_group_name_H-M   'C 1 2 1'
#
loop_
_entity.id
_entity.type
_entity.pdbx_description
1 polymer 'Toll-like receptor 9'
2 polymer "DNA (5'-D(*AP*GP*GP*CP*GP*TP*TP*TP*TP*T)-3')"
3 polymer "DNA (5'-D(*TP*CP*GP*CP*AP*C)-3')"
4 branched 2-acetamido-2-deoxy-beta-D-glucopyranose-(1-4)-2-acetamido-2-deoxy-beta-D-glucopyranose
5 non-polymer 2-acetamido-2-deoxy-beta-D-glucopyranose
6 non-polymer 'MAGNESIUM ION'
7 water water
#
loop_
_entity_poly.entity_id
_entity_poly.type
_entity_poly.pdbx_seq_one_letter_code
_entity_poly.pdbx_strand_id
1 'polypeptide(L)'
;RSPWQGTLPPFLPCELQPHGLVNCNWLFLKSVPHFSAAAPRDNVTSLSLLSNRIHHLHDSDFAQLSNLQKLNLKWNCPPA
GLSPMHFPCHMTIEPNTFLAVPTLEELNLSYNGITTVPALPSSLVSLILSRTNILQLDPTSLTGLHALRFLYMDGNCYYK
NPCGRALEVAPGALLGLGNLTHLSLKYNNLTTVPRSLPPSLEYLLLSYNHIVTLAPEDLANLTALRVLDVGGNCRRCDHA
RNPCVECPHKFPQLHSDTFSHLSRLEGLVLKDSSLYQLNPRWFRGLGNLTVLDLSENFLYDCITKTKAFQGLAQLRRLNL
SFNYHKKVSFAHLTLAPSFGSLLSLQELDMHGIFFRSLSQKTLQPLARLPMLQRLYLQMNFINQAQLGIFKDFPGLRYID
LSDNRISGAVEPVATTGEVDGGKKVWLTSRDLTPGPLDTPSSEDFMPSCKNLSFTLDLSRNNLVTVQPEMFAQLSRLQCL
RLSHNSISQAVNGSQFVPLTSLQVLDLSHNKLDLYHGRSFTELPRLEALDLSYNSQPFSMRGVGHNLSFVAQLPTLRYLS
LAHNGIHSRVSQQLCSTSLWALDFSGNSLSQMWAEGDLYLRFFQGLRSLIRLDLSQNRLHTLLPCTLGNLPKSLQLLRLR
NNYLAFFNWSSLTLLPNLETLDLAGNQLKALSNGSLPSGTQLQRLDVSRNSIIFVVPGFFALATRLRELNLSANALRTVE
PSWFGFLAGSLEVLDVSANPLHCACGAAFVDFLLQVQAAVPGLPSRVKCGSPGQLQGRSIFAQDLRLCLDESLSWDEFLV
PR
;
A,B
2 'polydeoxyribonucleotide' (DA)(DG)(DG)(DC)(DG)(DT)(DT)(DT)(DT)(DT) C,D
3 'polydeoxyribonucleotide' (DT)(DC)(DG)(DC)(DA)(DC) E,F
#
loop_
_chem_comp.id
_chem_comp.type
_chem_comp.name
_chem_comp.formula
DA DNA linking 2'-DEOXYADENOSINE-5'-MONOPHOSPHATE 'C10 H14 N5 O6 P'
DC DNA linking 2'-DEOXYCYTIDINE-5'-MONOPHOSPHATE 'C9 H14 N3 O7 P'
DG DNA linking 2'-DEOXYGUANOSINE-5'-MONOPHOSPHATE 'C10 H14 N5 O7 P'
DT DNA linking THYMIDINE-5'-MONOPHOSPHATE 'C10 H15 N2 O8 P'
MG non-polymer 'MAGNESIUM ION' 'Mg 2'
NAG D-saccharide, beta linking 2-acetamido-2-deoxy-beta-D-glucopyranose 'C8 H15 N O6'
#
# COMPACT_ATOMS: atom_id res chain seq x y z
N THR A 7 -0.76 -36.87 11.74
CA THR A 7 0.70 -36.77 12.12
C THR A 7 0.98 -35.55 13.03
N LEU A 8 1.90 -35.73 13.97
CA LEU A 8 2.17 -34.71 14.99
C LEU A 8 2.78 -33.44 14.42
N PRO A 9 2.49 -32.27 15.04
CA PRO A 9 3.27 -31.09 14.66
C PRO A 9 4.75 -31.41 14.78
N PRO A 10 5.55 -31.02 13.78
CA PRO A 10 6.92 -31.53 13.63
C PRO A 10 7.95 -31.13 14.70
N PHE A 11 7.75 -30.04 15.42
CA PHE A 11 8.76 -29.55 16.38
C PHE A 11 8.22 -29.36 17.80
N LEU A 12 7.34 -30.25 18.22
CA LEU A 12 6.81 -30.18 19.57
C LEU A 12 7.98 -30.09 20.57
N PRO A 13 7.87 -29.30 21.63
CA PRO A 13 6.70 -28.56 22.06
C PRO A 13 6.49 -27.19 21.38
N CYS A 14 7.33 -26.87 20.40
CA CYS A 14 7.34 -25.56 19.73
C CYS A 14 6.43 -25.56 18.53
N GLU A 15 6.33 -24.42 17.85
CA GLU A 15 5.45 -24.29 16.71
C GLU A 15 6.26 -23.85 15.49
N LEU A 16 6.03 -24.50 14.35
CA LEU A 16 6.69 -24.10 13.10
C LEU A 16 5.92 -22.95 12.51
N GLN A 17 6.62 -21.86 12.22
CA GLN A 17 6.00 -20.68 11.63
C GLN A 17 6.68 -20.44 10.26
N PRO A 18 6.18 -19.47 9.47
CA PRO A 18 6.74 -19.26 8.13
C PRO A 18 8.24 -18.85 8.12
N HIS A 19 8.90 -19.10 6.99
CA HIS A 19 10.32 -18.75 6.75
C HIS A 19 11.28 -19.53 7.65
N GLY A 20 10.93 -20.77 7.98
CA GLY A 20 11.81 -21.65 8.73
C GLY A 20 12.00 -21.25 10.19
N LEU A 21 11.02 -20.55 10.75
CA LEU A 21 11.03 -20.12 12.15
C LEU A 21 10.42 -21.22 13.00
N VAL A 22 11.18 -21.72 13.97
CA VAL A 22 10.65 -22.60 14.98
C VAL A 22 10.54 -21.72 16.21
N ASN A 23 9.32 -21.52 16.67
CA ASN A 23 9.03 -20.61 17.76
C ASN A 23 8.75 -21.41 19.04
N CYS A 24 9.69 -21.33 19.97
CA CYS A 24 9.59 -21.98 21.25
C CYS A 24 9.38 -20.97 22.40
N ASN A 25 8.85 -19.79 22.09
CA ASN A 25 8.75 -18.73 23.06
C ASN A 25 7.76 -19.06 24.19
N TRP A 26 8.08 -18.61 25.41
CA TRP A 26 7.13 -18.62 26.53
C TRP A 26 6.57 -20.04 26.80
N LEU A 27 7.44 -21.04 26.81
CA LEU A 27 7.06 -22.43 27.07
C LEU A 27 7.61 -22.96 28.39
N PHE A 28 8.23 -22.08 29.18
CA PHE A 28 8.85 -22.44 30.46
C PHE A 28 9.81 -23.61 30.39
N LEU A 29 10.55 -23.66 29.28
CA LEU A 29 11.52 -24.73 29.05
C LEU A 29 12.73 -24.47 29.90
N LYS A 30 13.27 -25.53 30.48
CA LYS A 30 14.49 -25.46 31.29
C LYS A 30 15.74 -25.85 30.50
N SER A 31 15.54 -26.42 29.32
CA SER A 31 16.67 -26.68 28.43
C SER A 31 16.18 -26.58 26.98
N VAL A 32 17.14 -26.41 26.07
CA VAL A 32 16.83 -26.31 24.65
C VAL A 32 16.24 -27.64 24.20
N PRO A 33 15.06 -27.62 23.55
CA PRO A 33 14.55 -28.88 23.00
C PRO A 33 15.42 -29.39 21.86
N HIS A 34 15.55 -30.71 21.77
CA HIS A 34 16.32 -31.33 20.67
C HIS A 34 15.45 -31.71 19.45
N PHE A 35 14.14 -31.88 19.66
CA PHE A 35 13.21 -32.26 18.59
C PHE A 35 13.43 -33.72 18.19
N SER A 36 12.51 -34.30 17.42
CA SER A 36 12.66 -35.72 17.09
C SER A 36 13.66 -35.87 15.95
N ALA A 37 14.32 -37.02 15.88
CA ALA A 37 15.22 -37.30 14.75
C ALA A 37 14.48 -37.30 13.41
N ALA A 38 13.16 -37.49 13.44
CA ALA A 38 12.30 -37.38 12.24
C ALA A 38 12.00 -35.94 11.79
N ALA A 39 12.27 -34.94 12.62
CA ALA A 39 11.97 -33.55 12.24
C ALA A 39 12.96 -33.03 11.19
N PRO A 40 12.52 -32.12 10.29
CA PRO A 40 13.42 -31.53 9.30
C PRO A 40 14.28 -30.44 9.90
N ARG A 41 15.23 -30.83 10.73
CA ARG A 41 16.12 -29.91 11.46
C ARG A 41 16.98 -29.06 10.53
N ASP A 42 17.29 -29.63 9.36
CA ASP A 42 17.87 -28.97 8.19
C ASP A 42 17.20 -27.72 7.69
N ASN A 43 15.88 -27.72 7.71
CA ASN A 43 15.07 -26.65 7.15
C ASN A 43 14.94 -25.50 8.19
N VAL A 44 15.43 -25.65 9.42
CA VAL A 44 15.24 -24.61 10.45
C VAL A 44 16.25 -23.49 10.29
N THR A 45 15.78 -22.29 9.96
CA THR A 45 16.66 -21.13 9.78
C THR A 45 16.68 -20.20 10.96
N SER A 46 15.62 -20.20 11.77
CA SER A 46 15.54 -19.32 12.91
C SER A 46 14.92 -20.10 14.07
N LEU A 47 15.49 -19.95 15.26
CA LEU A 47 14.97 -20.63 16.45
C LEU A 47 14.78 -19.60 17.55
N SER A 48 13.56 -19.48 18.04
CA SER A 48 13.23 -18.49 19.06
C SER A 48 12.93 -19.15 20.38
N LEU A 49 13.70 -18.77 21.40
CA LEU A 49 13.56 -19.31 22.74
C LEU A 49 13.34 -18.22 23.78
N LEU A 50 12.67 -17.15 23.35
CA LEU A 50 12.41 -15.98 24.18
C LEU A 50 11.67 -16.34 25.47
N SER A 51 12.18 -15.87 26.61
CA SER A 51 11.49 -15.91 27.88
C SER A 51 11.17 -17.31 28.40
N ASN A 52 12.00 -18.29 28.03
CA ASN A 52 11.98 -19.57 28.73
C ASN A 52 12.80 -19.42 30.00
N ARG A 53 13.21 -20.53 30.62
CA ARG A 53 13.99 -20.49 31.84
C ARG A 53 15.16 -21.45 31.70
N ILE A 54 15.84 -21.31 30.57
CA ILE A 54 17.04 -22.06 30.24
C ILE A 54 18.26 -21.37 30.87
N HIS A 55 18.83 -22.01 31.88
CA HIS A 55 20.01 -21.46 32.57
C HIS A 55 21.31 -22.14 32.23
N HIS A 56 21.26 -23.19 31.41
CA HIS A 56 22.45 -23.97 31.03
C HIS A 56 22.38 -24.27 29.53
N LEU A 57 23.33 -23.79 28.77
CA LEU A 57 23.44 -24.11 27.34
C LEU A 57 24.58 -25.09 27.15
N HIS A 58 24.41 -25.99 26.19
CA HIS A 58 25.32 -27.12 25.96
C HIS A 58 25.80 -27.20 24.51
N ASP A 59 27.00 -27.77 24.33
CA ASP A 59 27.58 -28.04 23.00
C ASP A 59 26.63 -28.74 22.02
N SER A 60 25.81 -29.67 22.51
CA SER A 60 24.90 -30.41 21.64
C SER A 60 23.57 -29.69 21.37
N ASP A 61 23.30 -28.56 22.03
CA ASP A 61 21.95 -27.97 21.94
C ASP A 61 21.53 -27.60 20.52
N PHE A 62 22.44 -26.98 19.76
CA PHE A 62 22.09 -26.45 18.45
C PHE A 62 22.81 -27.21 17.34
N ALA A 63 23.51 -28.31 17.70
CA ALA A 63 24.43 -29.01 16.78
C ALA A 63 23.74 -29.62 15.58
N GLN A 64 22.48 -30.02 15.72
CA GLN A 64 21.76 -30.66 14.62
C GLN A 64 21.04 -29.66 13.71
N LEU A 65 21.08 -28.36 14.05
CA LEU A 65 20.39 -27.33 13.27
C LEU A 65 21.41 -26.78 12.28
N SER A 66 21.70 -27.59 11.28
CA SER A 66 22.88 -27.34 10.44
C SER A 66 22.72 -26.19 9.47
N ASN A 67 21.53 -25.62 9.31
CA ASN A 67 21.37 -24.37 8.56
C ASN A 67 20.81 -23.20 9.40
N LEU A 68 20.96 -23.30 10.73
CA LEU A 68 20.48 -22.24 11.65
C LEU A 68 21.17 -20.91 11.40
N GLN A 69 20.38 -19.85 11.17
CA GLN A 69 20.89 -18.52 10.92
C GLN A 69 20.58 -17.51 12.00
N LYS A 70 19.47 -17.66 12.70
CA LYS A 70 19.07 -16.73 13.74
C LYS A 70 18.69 -17.49 15.02
N LEU A 71 19.17 -16.99 16.14
CA LEU A 71 18.93 -17.62 17.41
C LEU A 71 18.64 -16.57 18.47
N ASN A 72 17.46 -16.70 19.08
CA ASN A 72 17.01 -15.77 20.11
C ASN A 72 16.88 -16.48 21.47
N LEU A 73 17.75 -16.09 22.40
CA LEU A 73 17.82 -16.62 23.75
C LEU A 73 17.52 -15.56 24.81
N LYS A 74 16.93 -14.44 24.39
CA LYS A 74 16.61 -13.34 25.28
C LYS A 74 15.72 -13.75 26.46
N TRP A 75 16.01 -13.20 27.64
CA TRP A 75 15.16 -13.28 28.82
C TRP A 75 15.12 -14.68 29.45
N ASN A 76 16.10 -15.55 29.16
CA ASN A 76 16.13 -16.88 29.75
C ASN A 76 16.63 -16.91 31.21
N CYS A 77 17.42 -15.93 31.62
CA CYS A 77 18.12 -15.98 32.88
C CYS A 77 18.43 -14.55 33.31
N PRO A 78 17.35 -13.79 33.60
CA PRO A 78 17.62 -12.36 33.78
C PRO A 78 18.42 -12.05 35.03
N PRO A 79 19.33 -11.08 34.92
CA PRO A 79 19.98 -10.55 36.11
C PRO A 79 18.94 -10.09 37.14
N ALA A 80 19.28 -10.22 38.42
CA ALA A 80 18.35 -9.93 39.53
C ALA A 80 17.64 -8.61 39.38
N GLY A 81 18.35 -7.57 38.97
CA GLY A 81 17.70 -6.25 38.79
C GLY A 81 16.58 -6.20 37.77
N LEU A 82 16.64 -7.08 36.75
CA LEU A 82 15.65 -7.17 35.71
C LEU A 82 14.61 -8.29 35.91
N SER A 83 14.92 -9.23 36.79
CA SER A 83 13.93 -10.23 37.20
C SER A 83 12.72 -9.56 37.87
N PRO A 84 11.50 -9.93 37.49
CA PRO A 84 10.33 -9.30 38.10
C PRO A 84 10.29 -9.44 39.60
N MET A 85 10.82 -10.54 40.13
CA MET A 85 10.90 -10.74 41.58
C MET A 85 12.29 -10.58 42.15
N HIS A 86 13.20 -10.02 41.37
CA HIS A 86 14.60 -9.86 41.76
C HIS A 86 15.28 -11.15 42.18
N PHE A 87 14.93 -12.25 41.55
CA PHE A 87 15.66 -13.52 41.74
C PHE A 87 16.95 -13.48 40.93
N PRO A 88 18.06 -13.89 41.55
CA PRO A 88 19.31 -13.93 40.81
C PRO A 88 19.34 -15.01 39.74
N CYS A 89 20.15 -14.82 38.71
CA CYS A 89 20.30 -15.89 37.71
C CYS A 89 21.65 -15.81 37.08
N HIS A 90 22.29 -16.97 36.93
N HIS A 90 22.30 -16.97 36.95
CA HIS A 90 23.58 -17.07 36.23
CA HIS A 90 23.56 -17.06 36.20
C HIS A 90 23.46 -18.15 35.14
C HIS A 90 23.44 -18.15 35.13
N MET A 91 23.78 -17.80 33.90
CA MET A 91 23.68 -18.71 32.76
C MET A 91 25.07 -19.29 32.46
N THR A 92 25.15 -20.63 32.46
CA THR A 92 26.35 -21.32 31.99
C THR A 92 26.26 -21.66 30.51
N ILE A 93 27.38 -21.55 29.82
CA ILE A 93 27.47 -21.77 28.40
C ILE A 93 28.72 -22.65 28.14
N GLU A 94 28.49 -23.89 27.72
CA GLU A 94 29.57 -24.79 27.35
C GLU A 94 30.34 -24.18 26.20
N PRO A 95 31.63 -24.49 26.09
CA PRO A 95 32.49 -23.73 25.17
C PRO A 95 32.11 -23.73 23.71
N ASN A 96 31.54 -24.82 23.21
CA ASN A 96 31.25 -24.93 21.79
C ASN A 96 29.77 -24.73 21.42
N THR A 97 29.01 -24.22 22.38
CA THR A 97 27.57 -24.06 22.22
C THR A 97 27.22 -23.38 20.89
N PHE A 98 27.93 -22.29 20.59
CA PHE A 98 27.69 -21.52 19.37
C PHE A 98 28.67 -21.84 18.25
N LEU A 99 29.87 -22.29 18.58
CA LEU A 99 30.80 -22.73 17.52
C LEU A 99 30.24 -23.92 16.79
N ALA A 100 29.40 -24.70 17.44
CA ALA A 100 28.74 -25.83 16.75
C ALA A 100 27.71 -25.42 15.70
N VAL A 101 27.51 -24.10 15.51
CA VAL A 101 26.55 -23.57 14.53
C VAL A 101 27.31 -22.63 13.58
N PRO A 102 28.12 -23.23 12.66
CA PRO A 102 28.96 -22.45 11.75
C PRO A 102 28.17 -21.62 10.75
N THR A 103 26.86 -21.82 10.66
CA THR A 103 26.03 -20.98 9.81
C THR A 103 25.37 -19.80 10.54
N LEU A 104 25.59 -19.66 11.84
CA LEU A 104 24.85 -18.66 12.63
C LEU A 104 25.23 -17.23 12.25
N GLU A 105 24.23 -16.42 11.98
CA GLU A 105 24.36 -15.01 11.55
C GLU A 105 23.89 -14.01 12.57
N GLU A 106 22.83 -14.32 13.31
CA GLU A 106 22.28 -13.38 14.30
C GLU A 106 22.03 -14.07 15.61
N LEU A 107 22.55 -13.53 16.70
CA LEU A 107 22.39 -14.08 18.05
C LEU A 107 21.92 -13.01 19.02
N ASN A 108 20.85 -13.32 19.74
CA ASN A 108 20.36 -12.44 20.80
C ASN A 108 20.53 -13.17 22.13
N LEU A 109 21.46 -12.70 22.94
CA LEU A 109 21.74 -13.23 24.29
C LEU A 109 21.37 -12.25 25.41
N SER A 110 20.53 -11.26 25.10
CA SER A 110 20.22 -10.21 26.04
C SER A 110 19.35 -10.68 27.21
N TYR A 111 19.39 -9.92 28.29
CA TYR A 111 18.61 -10.23 29.51
C TYR A 111 18.96 -11.64 30.04
N ASN A 112 20.26 -11.88 30.16
CA ASN A 112 20.83 -13.14 30.66
C ASN A 112 22.03 -12.82 31.54
N GLY A 113 22.14 -13.55 32.65
CA GLY A 113 23.23 -13.38 33.58
C GLY A 113 24.49 -14.05 33.13
N ILE A 114 25.20 -13.42 32.19
CA ILE A 114 26.51 -13.85 31.73
C ILE A 114 27.52 -12.73 31.96
N THR A 115 28.77 -13.13 32.26
CA THR A 115 29.77 -12.16 32.58
C THR A 115 30.87 -12.11 31.55
N THR A 116 30.92 -13.08 30.64
CA THR A 116 31.86 -13.03 29.50
C THR A 116 31.17 -13.40 28.21
N VAL A 117 31.79 -12.99 27.11
CA VAL A 117 31.23 -13.24 25.78
C VAL A 117 31.68 -14.66 25.42
N PRO A 118 30.72 -15.54 25.07
CA PRO A 118 31.16 -16.87 24.69
C PRO A 118 31.88 -16.85 23.32
N ALA A 119 32.52 -17.96 22.97
CA ALA A 119 33.16 -18.07 21.69
C ALA A 119 32.06 -18.16 20.63
N LEU A 120 32.26 -17.45 19.52
CA LEU A 120 31.24 -17.31 18.50
C LEU A 120 31.77 -17.63 17.10
N PRO A 121 30.93 -18.17 16.25
CA PRO A 121 31.41 -18.47 14.90
C PRO A 121 31.63 -17.23 14.05
N SER A 122 32.58 -17.34 13.13
CA SER A 122 33.01 -16.23 12.30
C SER A 122 31.98 -15.83 11.24
N SER A 123 30.96 -16.66 11.07
CA SER A 123 29.75 -16.31 10.32
C SER A 123 28.92 -15.17 10.91
N LEU A 124 29.15 -14.82 12.15
CA LEU A 124 28.21 -13.94 12.84
C LEU A 124 28.21 -12.48 12.29
N VAL A 125 26.99 -11.98 12.08
CA VAL A 125 26.74 -10.64 11.55
C VAL A 125 26.13 -9.69 12.56
N SER A 126 25.30 -10.21 13.46
CA SER A 126 24.62 -9.38 14.49
C SER A 126 24.70 -10.07 15.84
N LEU A 127 25.11 -9.33 16.86
CA LEU A 127 25.25 -9.83 18.23
C LEU A 127 24.61 -8.84 19.20
N ILE A 128 23.67 -9.34 20.00
CA ILE A 128 23.00 -8.51 21.01
C ILE A 128 23.30 -9.09 22.38
N LEU A 129 23.97 -8.29 23.19
CA LEU A 129 24.43 -8.68 24.55
C LEU A 129 23.87 -7.72 25.61
N SER A 130 22.82 -7.00 25.27
CA SER A 130 22.26 -6.02 26.20
C SER A 130 21.71 -6.65 27.48
N ARG A 131 21.74 -5.89 28.55
CA ARG A 131 21.17 -6.35 29.84
C ARG A 131 21.74 -7.73 30.23
N THR A 132 23.05 -7.87 30.07
CA THR A 132 23.78 -8.96 30.66
C THR A 132 24.71 -8.35 31.71
N ASN A 133 25.67 -9.14 32.21
CA ASN A 133 26.61 -8.61 33.22
C ASN A 133 28.04 -8.64 32.69
N ILE A 134 28.19 -8.43 31.39
CA ILE A 134 29.49 -8.34 30.77
C ILE A 134 30.01 -6.92 30.98
N LEU A 135 31.11 -6.81 31.73
CA LEU A 135 31.64 -5.49 32.16
C LEU A 135 32.93 -5.09 31.48
N GLN A 136 33.39 -5.90 30.52
CA GLN A 136 34.60 -5.63 29.80
C GLN A 136 34.52 -6.17 28.37
N LEU A 137 35.05 -5.40 27.43
CA LEU A 137 35.29 -5.88 26.09
C LEU A 137 36.75 -5.61 25.78
N ASP A 138 37.47 -6.66 25.43
CA ASP A 138 38.89 -6.52 25.06
C ASP A 138 39.07 -7.30 23.76
N PRO A 139 40.27 -7.23 23.13
CA PRO A 139 40.44 -7.88 21.82
C PRO A 139 40.10 -9.35 21.76
N THR A 140 40.20 -10.06 22.87
CA THR A 140 39.84 -11.49 22.92
C THR A 140 38.36 -11.76 23.15
N SER A 141 37.55 -10.73 23.43
CA SER A 141 36.12 -10.92 23.70
C SER A 141 35.36 -11.37 22.43
N LEU A 142 35.82 -10.89 21.29
CA LEU A 142 35.09 -11.01 20.02
C LEU A 142 36.02 -11.50 18.92
N THR A 143 36.91 -12.42 19.31
CA THR A 143 37.92 -12.97 18.42
C THR A 143 37.30 -13.57 17.21
N GLY A 144 37.80 -13.14 16.06
CA GLY A 144 37.49 -13.75 14.77
C GLY A 144 36.22 -13.28 14.06
N LEU A 145 35.52 -12.28 14.62
CA LEU A 145 34.21 -11.88 14.09
C LEU A 145 34.32 -10.81 12.98
N HIS A 146 35.01 -11.17 11.91
CA HIS A 146 35.33 -10.25 10.82
C HIS A 146 34.14 -9.86 9.98
N ALA A 147 33.04 -10.63 10.04
CA ALA A 147 31.79 -10.26 9.36
C ALA A 147 30.78 -9.52 10.27
N LEU A 148 31.10 -9.31 11.54
CA LEU A 148 30.13 -8.66 12.47
C LEU A 148 29.86 -7.19 12.09
N ARG A 149 28.60 -6.89 11.80
N ARG A 149 28.60 -6.89 11.80
CA ARG A 149 28.17 -5.55 11.43
CA ARG A 149 28.17 -5.55 11.43
C ARG A 149 27.46 -4.84 12.58
C ARG A 149 27.46 -4.84 12.58
N PHE A 150 26.77 -5.60 13.43
CA PHE A 150 25.99 -5.02 14.54
C PHE A 150 26.41 -5.57 15.88
N LEU A 151 26.69 -4.67 16.83
CA LEU A 151 26.97 -5.06 18.20
C LEU A 151 26.18 -4.15 19.14
N TYR A 152 25.18 -4.71 19.77
CA TYR A 152 24.36 -3.98 20.76
C TYR A 152 24.65 -4.53 22.13
N MET A 153 25.06 -3.68 23.05
CA MET A 153 25.29 -4.08 24.42
C MET A 153 24.98 -2.91 25.34
N ASP A 154 23.68 -2.66 25.44
CA ASP A 154 23.11 -1.62 26.28
C ASP A 154 22.66 -2.15 27.64
N GLY A 155 22.80 -1.34 28.68
CA GLY A 155 22.13 -1.68 29.95
C GLY A 155 22.84 -2.73 30.80
N ASN A 156 24.16 -2.78 30.75
CA ASN A 156 24.95 -3.69 31.60
C ASN A 156 25.41 -3.00 32.87
N CYS A 157 25.14 -1.70 33.04
CA CYS A 157 25.45 -1.08 34.32
C CYS A 157 24.66 0.21 34.53
N TYR A 158 23.47 0.04 35.10
CA TYR A 158 22.60 1.16 35.40
C TYR A 158 21.67 0.77 36.56
N TYR A 159 20.73 1.63 36.91
CA TYR A 159 19.96 1.41 38.15
C TYR A 159 19.14 0.09 38.14
N LYS A 160 18.64 -0.36 36.98
CA LYS A 160 17.96 -1.65 36.91
C LYS A 160 18.90 -2.86 36.80
N ASN A 161 20.20 -2.64 36.67
CA ASN A 161 21.19 -3.72 36.50
C ASN A 161 22.53 -3.17 36.90
N PRO A 162 22.72 -2.93 38.19
CA PRO A 162 23.91 -2.21 38.61
C PRO A 162 25.14 -3.09 38.62
N CYS A 163 26.31 -2.47 38.52
CA CYS A 163 27.57 -3.19 38.51
C CYS A 163 28.67 -2.58 39.39
N GLY A 164 28.50 -1.37 39.88
CA GLY A 164 29.48 -0.73 40.80
C GLY A 164 30.70 -0.09 40.21
N ARG A 165 30.78 -0.02 38.87
CA ARG A 165 31.93 0.57 38.16
C ARG A 165 31.51 0.89 36.71
N ALA A 166 32.40 1.46 35.91
CA ALA A 166 32.14 1.68 34.49
C ALA A 166 32.38 0.39 33.69
N LEU A 167 31.58 0.17 32.63
CA LEU A 167 31.94 -0.82 31.62
C LEU A 167 33.32 -0.40 31.08
N GLU A 168 34.20 -1.36 30.88
N GLU A 168 34.20 -1.36 30.88
CA GLU A 168 35.56 -1.09 30.38
CA GLU A 168 35.54 -1.07 30.38
C GLU A 168 35.71 -1.67 28.99
C GLU A 168 35.71 -1.66 28.99
N VAL A 169 35.86 -0.79 28.00
CA VAL A 169 36.11 -1.19 26.62
C VAL A 169 37.52 -0.67 26.42
N ALA A 170 38.47 -1.60 26.32
CA ALA A 170 39.88 -1.22 26.24
C ALA A 170 40.17 -0.44 24.95
N PRO A 171 41.09 0.55 25.01
CA PRO A 171 41.51 1.24 23.78
C PRO A 171 41.81 0.26 22.66
N GLY A 172 41.19 0.47 21.51
CA GLY A 172 41.35 -0.43 20.37
C GLY A 172 40.80 -1.82 20.50
N ALA A 173 40.02 -2.13 21.55
CA ALA A 173 39.50 -3.48 21.75
C ALA A 173 38.72 -3.99 20.59
N LEU A 174 38.04 -3.10 19.86
CA LEU A 174 37.15 -3.57 18.82
C LEU A 174 37.71 -3.39 17.44
N LEU A 175 38.99 -3.01 17.30
CA LEU A 175 39.57 -2.73 15.96
C LEU A 175 39.59 -3.93 15.04
N GLY A 176 39.61 -5.14 15.59
CA GLY A 176 39.50 -6.36 14.81
C GLY A 176 38.15 -6.57 14.10
N LEU A 177 37.11 -5.83 14.50
CA LEU A 177 35.80 -5.87 13.83
C LEU A 177 35.74 -4.88 12.67
N GLY A 178 36.43 -5.25 11.59
CA GLY A 178 36.63 -4.34 10.47
C GLY A 178 35.40 -4.11 9.62
N ASN A 179 34.36 -4.91 9.85
CA ASN A 179 33.07 -4.70 9.23
C ASN A 179 32.03 -4.02 10.14
N LEU A 180 32.40 -3.62 11.35
CA LEU A 180 31.41 -3.14 12.31
C LEU A 180 30.86 -1.78 11.92
N THR A 181 29.55 -1.73 11.73
CA THR A 181 28.86 -0.51 11.36
C THR A 181 27.93 0.05 12.43
N HIS A 182 27.43 -0.79 13.34
CA HIS A 182 26.48 -0.32 14.38
C HIS A 182 27.01 -0.75 15.75
N LEU A 183 27.26 0.22 16.63
CA LEU A 183 27.65 -0.04 18.01
C LEU A 183 26.78 0.74 18.98
N SER A 184 26.15 0.02 19.88
CA SER A 184 25.30 0.65 20.89
C SER A 184 25.79 0.26 22.26
N LEU A 185 26.14 1.25 23.06
CA LEU A 185 26.66 1.03 24.42
C LEU A 185 25.97 1.97 25.43
N LYS A 186 24.66 2.00 25.35
CA LYS A 186 23.84 2.85 26.22
C LYS A 186 23.77 2.28 27.66
N TYR A 187 23.55 3.12 28.65
CA TYR A 187 23.20 2.66 30.02
C TYR A 187 24.28 1.73 30.59
N ASN A 188 25.54 2.14 30.41
CA ASN A 188 26.71 1.35 30.81
C ASN A 188 27.65 2.07 31.80
N ASN A 189 27.17 3.19 32.35
CA ASN A 189 27.91 3.95 33.35
C ASN A 189 29.25 4.44 32.82
N LEU A 190 29.34 4.70 31.53
CA LEU A 190 30.59 5.23 30.93
C LEU A 190 30.78 6.68 31.30
N THR A 191 32.04 7.09 31.48
CA THR A 191 32.39 8.49 31.65
C THR A 191 33.25 9.02 30.52
N THR A 192 33.76 8.16 29.65
CA THR A 192 34.44 8.59 28.43
C THR A 192 34.05 7.69 27.29
N VAL A 193 34.25 8.20 26.09
CA VAL A 193 34.03 7.44 24.87
C VAL A 193 35.20 6.46 24.76
N PRO A 194 34.91 5.17 24.49
CA PRO A 194 35.99 4.22 24.21
C PRO A 194 36.94 4.71 23.07
N ARG A 195 38.23 4.49 23.25
CA ARG A 195 39.30 4.96 22.33
C ARG A 195 39.49 4.02 21.17
N SER A 196 39.84 4.58 20.01
CA SER A 196 40.20 3.81 18.85
C SER A 196 39.14 2.77 18.52
N LEU A 197 37.90 3.25 18.39
CA LEU A 197 36.80 2.47 17.84
C LEU A 197 36.97 2.24 16.33
N PRO A 198 36.31 1.19 15.79
CA PRO A 198 36.43 0.85 14.36
C PRO A 198 36.03 2.00 13.42
N PRO A 199 36.91 2.42 12.50
CA PRO A 199 36.57 3.53 11.58
C PRO A 199 35.45 3.22 10.60
N SER A 200 35.09 1.96 10.48
CA SER A 200 33.94 1.56 9.70
C SER A 200 32.60 1.98 10.34
N LEU A 201 32.59 2.42 11.60
CA LEU A 201 31.31 2.71 12.25
C LEU A 201 30.49 3.77 11.54
N GLU A 202 29.21 3.43 11.37
CA GLU A 202 28.22 4.31 10.84
C GLU A 202 27.20 4.77 11.93
N TYR A 203 26.97 3.95 12.95
CA TYR A 203 25.99 4.25 14.02
C TYR A 203 26.71 4.02 15.35
N LEU A 204 26.84 5.08 16.14
CA LEU A 204 27.48 5.00 17.45
C LEU A 204 26.50 5.58 18.46
N LEU A 205 26.01 4.73 19.35
CA LEU A 205 24.95 5.12 20.33
C LEU A 205 25.49 5.00 21.74
N LEU A 206 25.61 6.15 22.40
CA LEU A 206 26.23 6.27 23.69
C LEU A 206 25.36 6.96 24.71
N SER A 207 24.05 6.93 24.50
CA SER A 207 23.15 7.66 25.38
C SER A 207 23.03 7.08 26.78
N TYR A 208 22.62 7.94 27.71
CA TYR A 208 22.34 7.52 29.08
C TYR A 208 23.53 6.86 29.76
N ASN A 209 24.71 7.42 29.49
CA ASN A 209 25.89 7.14 30.29
C ASN A 209 26.15 8.41 31.13
N HIS A 210 27.40 8.65 31.52
CA HIS A 210 27.74 9.88 32.23
C HIS A 210 28.94 10.54 31.57
N ILE A 211 28.90 10.60 30.25
CA ILE A 211 29.94 11.23 29.44
C ILE A 211 29.57 12.71 29.36
N VAL A 212 30.22 13.54 30.19
CA VAL A 212 29.84 14.93 30.37
C VAL A 212 30.80 15.94 29.71
N THR A 213 31.87 15.43 29.10
CA THR A 213 32.84 16.20 28.32
C THR A 213 33.01 15.49 27.01
N LEU A 214 32.99 16.27 25.93
CA LEU A 214 33.32 15.82 24.59
C LEU A 214 34.22 16.80 23.85
N ALA A 215 35.06 16.23 22.99
CA ALA A 215 36.04 16.97 22.21
C ALA A 215 36.35 16.16 20.96
N PRO A 216 36.95 16.79 19.93
CA PRO A 216 37.17 16.08 18.67
C PRO A 216 37.96 14.77 18.82
N GLU A 217 38.88 14.73 19.79
CA GLU A 217 39.68 13.54 20.06
C GLU A 217 38.84 12.33 20.48
N ASP A 218 37.64 12.59 21.04
CA ASP A 218 36.75 11.52 21.45
C ASP A 218 36.10 10.77 20.30
N LEU A 219 36.15 11.33 19.10
CA LEU A 219 35.52 10.79 17.91
C LEU A 219 36.56 10.58 16.79
N ALA A 220 37.80 10.34 17.19
CA ALA A 220 38.95 10.24 16.23
C ALA A 220 38.73 9.18 15.20
N ASN A 221 38.91 9.54 13.93
CA ASN A 221 38.84 8.61 12.82
C ASN A 221 37.44 8.05 12.51
N LEU A 222 36.40 8.56 13.16
CA LEU A 222 35.04 8.06 12.96
C LEU A 222 34.31 8.82 11.87
N THR A 223 34.98 8.98 10.73
CA THR A 223 34.52 9.86 9.68
C THR A 223 33.42 9.25 8.83
N ALA A 224 33.15 7.95 9.00
CA ALA A 224 32.02 7.33 8.34
C ALA A 224 30.70 7.44 9.12
N LEU A 225 30.70 8.06 10.30
CA LEU A 225 29.51 8.13 11.13
C LEU A 225 28.37 8.81 10.38
N ARG A 226 27.22 8.12 10.37
CA ARG A 226 25.96 8.67 9.91
C ARG A 226 25.01 9.06 11.08
N VAL A 227 25.07 8.33 12.20
CA VAL A 227 24.29 8.65 13.36
C VAL A 227 25.18 8.61 14.59
N LEU A 228 25.08 9.68 15.38
CA LEU A 228 25.77 9.78 16.66
C LEU A 228 24.75 10.18 17.71
N ASP A 229 24.61 9.34 18.78
CA ASP A 229 23.65 9.61 19.85
C ASP A 229 24.43 9.70 21.15
N VAL A 230 24.50 10.94 21.66
CA VAL A 230 25.16 11.19 22.94
C VAL A 230 24.20 11.81 23.96
N GLY A 231 22.91 11.60 23.73
CA GLY A 231 21.86 12.17 24.55
C GLY A 231 21.79 11.56 25.92
N GLY A 232 21.21 12.32 26.87
CA GLY A 232 20.92 11.76 28.20
C GLY A 232 22.14 11.51 29.04
N ASN A 233 23.27 12.17 28.73
CA ASN A 233 24.49 12.01 29.53
C ASN A 233 24.64 13.07 30.60
N CYS A 234 23.86 14.15 30.51
CA CYS A 234 23.88 15.23 31.50
C CYS A 234 22.44 15.75 31.67
N ARG A 235 21.70 15.06 32.53
CA ARG A 235 20.24 15.13 32.53
C ARG A 235 19.67 16.28 33.36
N ARG A 236 18.46 16.69 32.98
CA ARG A 236 17.63 17.53 33.81
C ARG A 236 16.63 16.62 34.53
N CYS A 237 16.90 16.37 35.80
CA CYS A 237 16.04 15.44 36.56
C CYS A 237 14.63 15.98 36.86
N ASP A 238 14.40 17.30 36.75
CA ASP A 238 13.06 17.85 36.94
C ASP A 238 12.03 17.30 35.91
N HIS A 239 12.50 16.86 34.76
CA HIS A 239 11.64 16.19 33.80
C HIS A 239 11.64 14.64 33.89
N ALA A 240 12.53 14.04 34.67
CA ALA A 240 12.72 12.60 34.65
C ALA A 240 11.53 11.79 35.16
N ARG A 241 11.24 10.71 34.45
CA ARG A 241 10.21 9.76 34.91
C ARG A 241 10.85 8.62 35.71
N ASN A 242 12.18 8.54 35.66
CA ASN A 242 12.90 7.44 36.25
C ASN A 242 14.00 7.96 37.19
N PRO A 243 14.66 7.03 37.90
CA PRO A 243 15.71 7.49 38.77
C PRO A 243 16.74 8.28 37.95
N CYS A 244 17.30 9.34 38.50
CA CYS A 244 18.01 10.32 37.71
C CYS A 244 19.03 11.05 38.62
N VAL A 245 20.23 11.31 38.11
CA VAL A 245 21.20 12.18 38.81
C VAL A 245 21.46 13.40 37.95
N GLU A 246 21.43 14.57 38.58
CA GLU A 246 21.42 15.86 37.86
C GLU A 246 22.78 16.07 37.21
N CYS A 247 22.75 16.64 36.01
CA CYS A 247 23.96 17.10 35.35
C CYS A 247 24.73 17.98 36.35
N PRO A 248 26.02 17.73 36.57
CA PRO A 248 26.74 18.66 37.50
C PRO A 248 26.83 20.09 37.00
N HIS A 249 26.93 21.00 37.94
CA HIS A 249 27.05 22.42 37.65
C HIS A 249 28.27 22.62 36.72
N LYS A 250 28.12 23.50 35.72
CA LYS A 250 29.18 23.82 34.73
C LYS A 250 29.42 22.75 33.66
N PHE A 251 28.54 21.76 33.57
CA PHE A 251 28.61 20.74 32.57
C PHE A 251 27.31 20.73 31.78
N PRO A 252 27.26 20.10 30.61
CA PRO A 252 28.38 19.47 29.97
C PRO A 252 29.34 20.49 29.33
N GLN A 253 30.49 19.99 28.92
CA GLN A 253 31.49 20.78 28.17
C GLN A 253 31.71 20.08 26.82
N LEU A 254 31.14 20.64 25.76
CA LEU A 254 31.27 20.14 24.39
C LEU A 254 32.06 21.12 23.60
N HIS A 255 33.26 20.70 23.19
CA HIS A 255 34.16 21.55 22.43
C HIS A 255 33.49 22.00 21.14
N SER A 256 33.80 23.23 20.73
CA SER A 256 33.33 23.80 19.47
C SER A 256 33.42 22.88 18.25
N ASP A 257 34.50 22.11 18.19
CA ASP A 257 34.86 21.39 16.99
C ASP A 257 34.67 19.89 17.17
N THR A 258 33.95 19.49 18.21
CA THR A 258 33.71 18.07 18.49
C THR A 258 33.24 17.28 17.26
N PHE A 259 32.32 17.85 16.49
CA PHE A 259 31.64 17.12 15.42
C PHE A 259 32.15 17.47 14.03
N SER A 260 33.20 18.29 13.95
CA SER A 260 33.52 19.04 12.71
C SER A 260 34.12 18.17 11.59
N HIS A 261 34.59 16.97 11.93
CA HIS A 261 35.08 16.00 10.96
C HIS A 261 34.03 14.98 10.47
N LEU A 262 32.80 15.05 11.00
CA LEU A 262 31.79 14.05 10.72
C LEU A 262 30.99 14.50 9.52
N SER A 263 31.64 14.56 8.35
CA SER A 263 30.99 15.15 7.18
C SER A 263 29.85 14.30 6.63
N ARG A 264 29.76 13.04 6.96
CA ARG A 264 28.68 12.19 6.49
C ARG A 264 27.54 12.12 7.51
N LEU A 265 27.65 12.83 8.62
CA LEU A 265 26.62 12.72 9.70
C LEU A 265 25.24 13.12 9.20
N GLU A 266 24.27 12.23 9.42
CA GLU A 266 22.88 12.45 9.05
C GLU A 266 22.01 12.71 10.27
N GLY A 267 22.30 12.04 11.39
CA GLY A 267 21.51 12.20 12.59
C GLY A 267 22.38 12.47 13.79
N LEU A 268 22.00 13.49 14.59
CA LEU A 268 22.72 13.83 15.79
C LEU A 268 21.72 13.98 16.95
N VAL A 269 21.90 13.23 18.02
CA VAL A 269 21.00 13.28 19.19
C VAL A 269 21.75 13.90 20.35
N LEU A 270 21.31 15.09 20.75
CA LEU A 270 21.83 15.83 21.90
C LEU A 270 20.72 16.13 22.92
N LYS A 271 19.76 15.22 23.00
CA LYS A 271 18.66 15.41 23.91
C LYS A 271 19.13 15.27 25.35
N ASP A 272 18.41 15.89 26.28
CA ASP A 272 18.60 15.71 27.72
C ASP A 272 20.08 15.83 28.07
N SER A 273 20.67 16.94 27.64
CA SER A 273 22.08 17.26 27.85
C SER A 273 22.31 18.58 28.61
N SER A 274 21.25 19.11 29.25
CA SER A 274 21.28 20.35 30.02
C SER A 274 21.88 21.53 29.24
N LEU A 275 21.60 21.60 27.95
CA LEU A 275 22.10 22.69 27.08
C LEU A 275 21.28 23.96 27.22
N TYR A 276 21.94 25.04 27.61
CA TYR A 276 21.32 26.37 27.68
C TYR A 276 21.63 27.23 26.48
N GLN A 277 22.69 26.90 25.75
CA GLN A 277 23.11 27.62 24.55
C GLN A 277 23.57 26.67 23.46
N LEU A 278 23.41 27.05 22.21
CA LEU A 278 23.92 26.27 21.11
C LEU A 278 25.13 26.93 20.48
N ASN A 279 26.22 26.20 20.42
CA ASN A 279 27.42 26.73 19.78
C ASN A 279 27.28 26.51 18.29
N PRO A 280 27.18 27.61 17.51
CA PRO A 280 27.05 27.37 16.06
C PRO A 280 28.14 26.51 15.46
N ARG A 281 29.32 26.52 16.06
CA ARG A 281 30.43 25.69 15.54
C ARG A 281 30.16 24.18 15.61
N TRP A 282 29.29 23.74 16.54
CA TRP A 282 28.91 22.32 16.60
C TRP A 282 28.31 21.81 15.29
N PHE A 283 27.66 22.70 14.52
CA PHE A 283 26.95 22.30 13.32
C PHE A 283 27.69 22.64 12.01
N ARG A 284 28.82 23.33 12.12
CA ARG A 284 29.68 23.64 10.98
C ARG A 284 30.23 22.42 10.31
N GLY A 285 30.07 22.35 9.00
CA GLY A 285 30.57 21.19 8.27
C GLY A 285 29.65 19.97 8.35
N LEU A 286 28.48 20.09 9.01
CA LEU A 286 27.47 19.01 9.02
C LEU A 286 26.43 19.24 7.92
N GLY A 287 26.90 19.30 6.69
CA GLY A 287 26.04 19.63 5.55
C GLY A 287 25.08 18.52 5.16
N ASN A 288 25.31 17.29 5.60
CA ASN A 288 24.39 16.19 5.34
C ASN A 288 23.39 15.94 6.49
N LEU A 289 23.39 16.80 7.49
CA LEU A 289 22.55 16.54 8.69
C LEU A 289 21.09 16.70 8.32
N THR A 290 20.32 15.62 8.52
CA THR A 290 18.89 15.61 8.26
C THR A 290 18.03 15.54 9.53
N VAL A 291 18.58 15.02 10.63
CA VAL A 291 17.79 14.85 11.89
C VAL A 291 18.60 15.39 13.07
N LEU A 292 17.99 16.30 13.84
CA LEU A 292 18.67 16.89 15.00
C LEU A 292 17.70 16.86 16.16
N ASP A 293 18.06 16.13 17.22
CA ASP A 293 17.25 16.02 18.43
C ASP A 293 17.88 16.80 19.54
N LEU A 294 17.26 17.93 19.88
CA LEU A 294 17.69 18.80 20.96
C LEU A 294 16.63 18.86 22.09
N SER A 295 15.81 17.83 22.20
CA SER A 295 14.73 17.83 23.16
C SER A 295 15.25 17.78 24.60
N GLU A 296 14.45 18.26 25.54
CA GLU A 296 14.69 18.13 26.99
C GLU A 296 15.95 18.90 27.43
N ASN A 297 16.31 19.97 26.72
CA ASN A 297 17.40 20.86 27.12
C ASN A 297 16.80 22.11 27.76
N PHE A 298 17.56 23.21 27.87
CA PHE A 298 17.04 24.44 28.43
C PHE A 298 17.11 25.53 27.39
N LEU A 299 16.67 25.22 26.16
CA LEU A 299 16.84 26.12 25.01
C LEU A 299 15.70 27.12 24.75
N TYR A 300 14.82 27.32 25.72
CA TYR A 300 13.66 28.25 25.60
C TYR A 300 14.04 29.73 25.22
N ASP A 301 15.13 30.25 25.75
N ASP A 301 15.13 30.25 25.74
CA ASP A 301 15.60 31.58 25.36
CA ASP A 301 15.63 31.57 25.38
C ASP A 301 16.43 31.45 24.07
C ASP A 301 16.44 31.45 24.08
N CYS A 302 17.30 30.44 23.99
CA CYS A 302 18.17 30.25 22.81
C CYS A 302 17.41 30.20 21.49
N ILE A 303 16.28 29.48 21.47
CA ILE A 303 15.47 29.40 20.23
C ILE A 303 14.85 30.71 19.76
N THR A 304 14.86 31.74 20.59
CA THR A 304 14.37 33.06 20.20
C THR A 304 15.44 33.94 19.58
N LYS A 305 16.70 33.56 19.72
CA LYS A 305 17.87 34.40 19.33
C LYS A 305 18.93 33.67 18.44
N THR A 306 18.99 32.37 18.49
CA THR A 306 20.14 31.65 17.93
C THR A 306 20.28 31.79 16.39
N LYS A 307 21.54 31.76 15.95
CA LYS A 307 21.88 31.66 14.54
C LYS A 307 22.44 30.28 14.25
N ALA A 308 22.42 29.38 15.23
CA ALA A 308 23.08 28.09 15.04
C ALA A 308 22.47 27.21 13.94
N PHE A 309 21.21 27.50 13.59
CA PHE A 309 20.52 26.84 12.49
C PHE A 309 20.83 27.40 11.10
N GLN A 310 21.54 28.52 11.02
CA GLN A 310 21.79 29.26 9.73
C GLN A 310 22.23 28.33 8.59
N GLY A 311 23.15 27.41 8.88
CA GLY A 311 23.73 26.61 7.82
C GLY A 311 23.05 25.31 7.44
N LEU A 312 21.99 24.91 8.15
CA LEU A 312 21.56 23.52 8.16
C LEU A 312 20.54 23.30 7.06
N ALA A 313 21.04 23.31 5.82
CA ALA A 313 20.20 23.40 4.63
C ALA A 313 19.54 22.10 4.28
N GLN A 314 20.06 20.98 4.80
CA GLN A 314 19.47 19.69 4.58
C GLN A 314 18.61 19.19 5.74
N LEU A 315 18.48 19.95 6.80
CA LEU A 315 17.78 19.44 7.99
C LEU A 315 16.28 19.23 7.69
N ARG A 316 15.82 18.00 7.91
CA ARG A 316 14.43 17.62 7.72
C ARG A 316 13.62 17.56 9.01
N ARG A 317 14.21 17.13 10.11
CA ARG A 317 13.44 16.94 11.35
C ARG A 317 14.20 17.55 12.50
N LEU A 318 13.55 18.43 13.25
CA LEU A 318 14.18 19.15 14.36
C LEU A 318 13.27 18.97 15.57
N ASN A 319 13.81 18.35 16.61
CA ASN A 319 13.11 18.13 17.84
C ASN A 319 13.59 19.14 18.93
N LEU A 320 12.66 20.02 19.34
CA LEU A 320 12.90 21.00 20.41
C LEU A 320 11.96 20.77 21.58
N SER A 321 11.38 19.55 21.68
CA SER A 321 10.35 19.34 22.68
C SER A 321 10.93 19.39 24.10
N PHE A 322 10.08 19.80 25.02
CA PHE A 322 10.43 19.90 26.45
C PHE A 322 11.64 20.74 26.78
N ASN A 323 11.88 21.78 25.99
CA ASN A 323 12.84 22.85 26.33
C ASN A 323 12.12 23.91 27.13
N TYR A 324 11.68 23.55 28.32
CA TYR A 324 10.85 24.45 29.14
C TYR A 324 11.74 25.01 30.27
N HIS A 325 11.35 26.17 30.76
CA HIS A 325 11.94 26.84 31.93
C HIS A 325 11.27 26.29 33.17
N LYS A 326 12.09 25.82 34.12
CA LYS A 326 11.60 25.27 35.36
C LYS A 326 10.64 26.24 36.01
N LYS A 327 9.49 25.67 36.39
CA LYS A 327 8.42 26.31 37.13
C LYS A 327 7.67 27.41 36.39
N VAL A 328 7.94 27.63 35.12
CA VAL A 328 7.27 28.74 34.42
C VAL A 328 6.70 28.34 33.07
N SER A 329 5.77 29.15 32.60
CA SER A 329 5.44 29.22 31.20
C SER A 329 5.65 30.66 30.72
N PHE A 330 5.93 30.79 29.44
CA PHE A 330 6.11 32.14 28.83
C PHE A 330 4.85 32.78 28.33
N ALA A 331 4.72 34.09 28.56
CA ALA A 331 3.63 34.86 28.00
C ALA A 331 3.59 34.76 26.51
N HIS A 332 4.77 34.84 25.91
CA HIS A 332 4.98 34.89 24.47
C HIS A 332 6.24 34.14 24.10
N LEU A 333 6.28 33.73 22.84
CA LEU A 333 7.44 33.05 22.29
C LEU A 333 7.60 33.46 20.83
N THR A 334 8.80 33.87 20.45
CA THR A 334 9.07 34.31 19.06
C THR A 334 10.25 33.56 18.53
N LEU A 335 10.09 32.72 17.51
CA LEU A 335 11.20 31.91 17.03
C LEU A 335 12.20 32.82 16.32
N ALA A 336 13.48 32.46 16.43
CA ALA A 336 14.58 33.23 15.82
C ALA A 336 14.46 33.27 14.32
N PRO A 337 14.86 34.41 13.69
CA PRO A 337 14.93 34.56 12.24
C PRO A 337 15.63 33.42 11.51
N SER A 338 16.69 32.87 12.09
CA SER A 338 17.46 31.79 11.47
C SER A 338 16.71 30.50 11.14
N PHE A 339 15.56 30.25 11.81
CA PHE A 339 14.71 29.14 11.39
C PHE A 339 14.29 29.24 9.91
N GLY A 340 14.19 30.47 9.39
CA GLY A 340 13.84 30.68 8.02
C GLY A 340 14.81 30.14 6.98
N SER A 341 16.03 29.80 7.38
CA SER A 341 16.98 29.20 6.45
C SER A 341 16.86 27.67 6.40
N LEU A 342 15.97 27.06 7.19
CA LEU A 342 15.84 25.62 7.19
C LEU A 342 14.93 25.15 6.03
N LEU A 343 15.43 25.25 4.79
CA LEU A 343 14.58 25.08 3.64
C LEU A 343 14.17 23.64 3.40
N SER A 344 14.90 22.66 3.96
CA SER A 344 14.47 21.27 3.87
C SER A 344 13.54 20.82 5.00
N LEU A 345 13.24 21.71 5.95
CA LEU A 345 12.49 21.26 7.14
C LEU A 345 11.11 20.69 6.80
N GLN A 346 10.89 19.47 7.27
CA GLN A 346 9.64 18.77 7.10
C GLN A 346 8.84 18.64 8.41
N GLU A 347 9.53 18.55 9.53
N GLU A 347 9.54 18.54 9.53
CA GLU A 347 8.89 18.23 10.80
CA GLU A 347 8.89 18.26 10.80
C GLU A 347 9.56 19.08 11.86
C GLU A 347 9.56 19.11 11.85
N LEU A 348 8.77 19.80 12.65
CA LEU A 348 9.29 20.53 13.79
C LEU A 348 8.46 20.20 15.01
N ASP A 349 9.15 19.77 16.06
CA ASP A 349 8.53 19.42 17.32
C ASP A 349 8.84 20.49 18.35
N MET A 350 7.83 21.23 18.73
CA MET A 350 7.90 22.27 19.73
C MET A 350 6.94 21.99 20.90
N HIS A 351 6.65 20.71 21.19
CA HIS A 351 5.73 20.41 22.26
C HIS A 351 6.39 20.50 23.61
N GLY A 352 5.64 20.92 24.63
CA GLY A 352 6.19 20.95 25.99
C GLY A 352 7.23 22.03 26.34
N ILE A 353 7.18 23.13 25.62
CA ILE A 353 8.05 24.31 25.90
C ILE A 353 7.40 25.17 26.93
N PHE A 354 6.06 25.26 26.82
CA PHE A 354 5.17 25.99 27.78
C PHE A 354 5.16 27.49 27.51
N PHE A 355 4.20 27.93 26.69
CA PHE A 355 4.03 29.31 26.32
C PHE A 355 2.54 29.52 26.04
N ARG A 356 2.02 30.68 26.41
CA ARG A 356 0.60 30.88 26.52
C ARG A 356 -0.14 31.46 25.32
N SER A 357 0.59 32.06 24.41
CA SER A 357 0.04 32.71 23.25
C SER A 357 0.70 32.18 21.99
N LEU A 358 -0.10 31.84 20.99
CA LEU A 358 0.36 31.45 19.68
C LEU A 358 -0.21 32.48 18.70
N SER A 359 0.68 33.27 18.13
CA SER A 359 0.26 34.37 17.27
C SER A 359 1.15 34.40 16.03
N GLN A 360 0.83 35.34 15.13
CA GLN A 360 1.56 35.52 13.89
C GLN A 360 3.10 35.56 14.11
N LYS A 361 3.53 36.29 15.12
CA LYS A 361 4.97 36.43 15.34
C LYS A 361 5.67 35.17 15.81
N THR A 362 4.92 34.28 16.50
CA THR A 362 5.51 33.11 17.09
C THR A 362 6.27 32.26 16.07
N LEU A 363 5.59 31.95 14.97
CA LEU A 363 6.09 31.03 13.98
C LEU A 363 6.45 31.67 12.64
N GLN A 364 6.52 33.00 12.59
N GLN A 364 6.52 33.00 12.58
CA GLN A 364 6.71 33.71 11.32
CA GLN A 364 6.71 33.72 11.32
C GLN A 364 7.92 33.21 10.48
C GLN A 364 7.92 33.21 10.48
N PRO A 365 9.05 32.91 11.12
CA PRO A 365 10.17 32.37 10.32
C PRO A 365 9.93 31.03 9.63
N LEU A 366 8.91 30.29 10.06
CA LEU A 366 8.57 29.02 9.45
C LEU A 366 7.60 29.15 8.28
N ALA A 367 6.95 30.30 8.15
CA ALA A 367 5.75 30.42 7.35
C ALA A 367 5.91 30.26 5.83
N ARG A 368 7.13 30.38 5.31
CA ARG A 368 7.39 30.19 3.90
C ARG A 368 8.28 28.98 3.63
N LEU A 369 8.62 28.21 4.67
CA LEU A 369 9.43 27.02 4.49
C LEU A 369 8.63 26.03 3.64
N PRO A 370 9.10 25.72 2.42
CA PRO A 370 8.24 25.04 1.46
C PRO A 370 7.88 23.58 1.69
N MET A 371 8.71 22.85 2.44
CA MET A 371 8.48 21.42 2.67
C MET A 371 7.94 21.12 4.08
N LEU A 372 7.63 22.14 4.85
CA LEU A 372 7.21 21.95 6.24
C LEU A 372 5.78 21.33 6.32
N GLN A 373 5.72 20.07 6.76
CA GLN A 373 4.51 19.26 6.74
C GLN A 373 3.87 19.02 8.09
N ARG A 374 4.67 18.79 9.13
CA ARG A 374 4.15 18.40 10.45
C ARG A 374 4.70 19.35 11.52
N LEU A 375 3.80 19.92 12.33
CA LEU A 375 4.16 20.81 13.40
C LEU A 375 3.53 20.29 14.70
N TYR A 376 4.36 20.04 15.73
CA TYR A 376 3.89 19.49 17.00
C TYR A 376 3.94 20.60 18.02
N LEU A 377 2.76 21.05 18.46
CA LEU A 377 2.62 22.14 19.41
C LEU A 377 1.79 21.80 20.65
N GLN A 378 1.73 20.51 20.92
CA GLN A 378 0.93 20.03 22.01
C GLN A 378 1.57 20.35 23.37
N MET A 379 0.77 20.30 24.44
CA MET A 379 1.29 20.36 25.84
C MET A 379 2.08 21.62 26.08
N ASN A 380 1.54 22.76 25.65
CA ASN A 380 2.25 24.04 25.80
C ASN A 380 1.53 25.02 26.69
N PHE A 381 0.39 24.61 27.28
CA PHE A 381 -0.51 25.48 28.03
C PHE A 381 -0.88 26.74 27.24
N ILE A 382 -1.02 26.59 25.91
CA ILE A 382 -1.45 27.70 25.08
C ILE A 382 -2.93 28.01 25.44
N ASN A 383 -3.22 29.26 25.81
CA ASN A 383 -4.61 29.70 26.04
C ASN A 383 -5.21 30.67 25.01
N GLN A 384 -4.40 31.19 24.13
CA GLN A 384 -4.78 32.10 23.02
C GLN A 384 -4.04 31.62 21.80
N ALA A 385 -4.79 31.24 20.76
CA ALA A 385 -4.19 30.73 19.52
C ALA A 385 -4.90 31.29 18.31
N GLN A 386 -4.18 32.06 17.50
CA GLN A 386 -4.70 32.52 16.22
C GLN A 386 -4.44 31.44 15.15
N LEU A 387 -5.44 30.60 14.93
CA LEU A 387 -5.27 29.47 14.00
C LEU A 387 -5.16 29.95 12.54
N GLY A 388 -5.59 31.17 12.29
CA GLY A 388 -5.43 31.82 11.00
C GLY A 388 -3.99 31.92 10.52
N ILE A 389 -3.04 31.83 11.45
CA ILE A 389 -1.65 31.92 11.06
C ILE A 389 -1.23 30.83 10.10
N PHE A 390 -1.91 29.68 10.14
CA PHE A 390 -1.52 28.52 9.34
C PHE A 390 -1.97 28.56 7.88
N LYS A 391 -2.87 29.47 7.54
CA LYS A 391 -3.50 29.45 6.24
C LYS A 391 -2.49 29.39 5.08
N ASP A 392 -1.54 30.33 5.11
CA ASP A 392 -0.57 30.46 4.05
C ASP A 392 0.72 29.62 4.19
N PHE A 393 0.85 28.75 5.21
CA PHE A 393 1.95 27.77 5.25
C PHE A 393 1.80 26.87 4.02
N PRO A 394 2.85 26.78 3.15
CA PRO A 394 2.60 26.14 1.87
C PRO A 394 2.57 24.61 1.86
N GLY A 395 3.11 23.91 2.85
CA GLY A 395 3.22 22.46 2.75
C GLY A 395 2.52 21.69 3.87
N LEU A 396 1.83 22.40 4.74
CA LEU A 396 1.35 21.81 6.00
C LEU A 396 0.33 20.72 5.81
N ARG A 397 0.55 19.58 6.43
CA ARG A 397 -0.33 18.45 6.40
C ARG A 397 -0.91 18.13 7.79
N TYR A 398 -0.23 18.52 8.87
CA TYR A 398 -0.60 18.03 10.19
C TYR A 398 -0.16 19.03 11.26
N ILE A 399 -1.09 19.47 12.07
CA ILE A 399 -0.79 20.33 13.22
C ILE A 399 -1.32 19.66 14.47
N ASP A 400 -0.47 19.41 15.44
CA ASP A 400 -0.89 18.91 16.75
C ASP A 400 -0.91 20.05 17.78
N LEU A 401 -2.11 20.49 18.15
CA LEU A 401 -2.33 21.47 19.16
C LEU A 401 -3.10 20.89 20.38
N SER A 402 -3.00 19.58 20.54
CA SER A 402 -3.75 18.86 21.57
C SER A 402 -3.13 19.16 22.94
N ASP A 403 -3.92 18.94 23.99
CA ASP A 403 -3.42 19.11 25.36
C ASP A 403 -2.97 20.57 25.54
N ASN A 404 -3.83 21.53 25.20
CA ASN A 404 -3.60 22.94 25.44
C ASN A 404 -4.85 23.49 26.13
N ARG A 405 -4.94 24.83 26.26
CA ARG A 405 -5.99 25.51 26.98
C ARG A 405 -6.75 26.47 26.12
N ILE A 406 -6.91 26.09 24.87
CA ILE A 406 -7.57 26.93 23.86
C ILE A 406 -9.07 26.77 24.07
N SER A 407 -9.81 27.89 24.05
CA SER A 407 -11.27 27.83 24.32
C SER A 407 -12.13 28.51 23.27
N GLY A 408 -11.53 29.04 22.22
CA GLY A 408 -12.26 29.88 21.28
C GLY A 408 -11.34 30.67 20.39
N ALA A 409 -11.93 31.62 19.67
CA ALA A 409 -11.18 32.56 18.85
C ALA A 409 -10.41 33.52 19.79
N VAL A 410 -9.31 34.06 19.32
CA VAL A 410 -8.50 35.01 20.12
C VAL A 410 -9.33 36.26 20.47
N GLU A 411 -9.07 36.82 21.66
CA GLU A 411 -9.77 38.06 22.15
C GLU A 411 -9.81 39.32 21.26
N SER A 442 -10.93 0.06 14.87
CA SER A 442 -11.29 -0.44 13.53
C SER A 442 -11.69 0.65 12.49
N GLU A 443 -10.78 0.74 11.50
CA GLU A 443 -10.97 1.67 10.38
C GLU A 443 -12.13 1.32 9.46
N ASP A 444 -12.61 0.08 9.57
CA ASP A 444 -13.92 -0.35 9.01
C ASP A 444 -15.02 0.63 9.46
N PHE A 445 -15.00 1.00 10.74
CA PHE A 445 -16.08 1.77 11.34
C PHE A 445 -15.74 3.25 11.47
N MET A 446 -14.47 3.60 11.53
CA MET A 446 -14.10 5.01 11.58
C MET A 446 -12.73 5.17 10.95
N PRO A 447 -12.65 5.81 9.78
CA PRO A 447 -11.37 5.97 9.16
C PRO A 447 -10.45 6.89 9.97
N SER A 448 -9.14 6.70 9.77
CA SER A 448 -8.16 7.62 10.34
C SER A 448 -7.94 8.76 9.38
N CYS A 449 -7.16 9.74 9.83
CA CYS A 449 -6.88 10.90 9.00
C CYS A 449 -5.49 10.83 8.39
N LYS A 450 -4.77 9.70 8.56
CA LYS A 450 -3.35 9.61 8.17
C LYS A 450 -3.11 9.90 6.69
N ASN A 451 -4.03 9.44 5.84
CA ASN A 451 -3.91 9.67 4.39
C ASN A 451 -4.47 11.02 3.86
N LEU A 452 -4.95 11.91 4.75
CA LEU A 452 -5.60 13.13 4.33
C LEU A 452 -4.61 14.28 4.19
N SER A 453 -5.02 15.32 3.51
CA SER A 453 -4.08 16.34 3.10
C SER A 453 -3.82 17.33 4.23
N PHE A 454 -4.76 17.58 5.11
CA PHE A 454 -4.61 18.64 6.13
C PHE A 454 -5.46 18.30 7.35
N THR A 455 -4.81 18.07 8.48
CA THR A 455 -5.40 17.64 9.71
C THR A 455 -4.94 18.58 10.82
N LEU A 456 -5.87 18.97 11.66
CA LEU A 456 -5.60 19.73 12.87
C LEU A 456 -6.12 18.96 14.08
N ASP A 457 -5.25 18.68 15.04
CA ASP A 457 -5.66 18.05 16.29
C ASP A 457 -5.77 19.13 17.39
N LEU A 458 -7.00 19.44 17.77
CA LEU A 458 -7.36 20.27 18.89
C LEU A 458 -8.03 19.48 20.04
N SER A 459 -7.72 18.21 20.15
N SER A 459 -7.73 18.20 20.15
CA SER A 459 -8.27 17.35 21.20
CA SER A 459 -8.27 17.35 21.20
C SER A 459 -7.67 17.78 22.53
C SER A 459 -7.67 17.79 22.53
N ARG A 460 -8.35 17.51 23.62
CA ARG A 460 -7.79 17.80 24.94
C ARG A 460 -7.50 19.30 25.10
N ASN A 461 -8.44 20.14 24.64
CA ASN A 461 -8.43 21.58 24.85
C ASN A 461 -9.68 21.93 25.67
N ASN A 462 -9.98 23.23 25.78
CA ASN A 462 -10.94 23.76 26.71
C ASN A 462 -12.14 24.38 26.00
N LEU A 463 -12.51 23.85 24.85
CA LEU A 463 -13.72 24.35 24.18
C LEU A 463 -14.95 23.90 24.97
N VAL A 464 -15.86 24.82 25.19
CA VAL A 464 -17.22 24.47 25.72
C VAL A 464 -18.32 24.71 24.69
N THR A 465 -18.10 25.63 23.75
CA THR A 465 -18.97 25.78 22.57
C THR A 465 -18.03 25.90 21.39
N VAL A 466 -18.55 25.72 20.20
CA VAL A 466 -17.79 25.87 19.00
C VAL A 466 -18.35 27.09 18.30
N GLN A 467 -17.51 28.08 18.05
CA GLN A 467 -17.91 29.26 17.31
C GLN A 467 -17.15 29.21 16.03
N PRO A 468 -17.82 29.55 14.91
CA PRO A 468 -17.19 29.47 13.61
C PRO A 468 -16.00 30.38 13.40
N GLU A 469 -15.97 31.54 14.05
N GLU A 469 -15.96 31.54 14.04
CA GLU A 469 -14.86 32.52 13.91
CA GLU A 469 -14.87 32.49 13.84
C GLU A 469 -13.46 31.89 14.03
C GLU A 469 -13.46 31.89 14.03
N MET A 470 -13.28 30.99 14.99
CA MET A 470 -11.94 30.39 15.21
C MET A 470 -11.40 29.57 14.03
N PHE A 471 -12.30 29.06 13.19
CA PHE A 471 -12.02 28.26 12.01
C PHE A 471 -12.07 29.04 10.69
N ALA A 472 -12.20 30.37 10.76
CA ALA A 472 -12.43 31.20 9.53
C ALA A 472 -11.43 31.02 8.42
N GLN A 473 -10.16 30.81 8.76
CA GLN A 473 -9.12 30.71 7.76
C GLN A 473 -8.69 29.27 7.52
N LEU A 474 -9.51 28.31 7.92
CA LEU A 474 -9.13 26.90 7.90
C LEU A 474 -10.02 26.11 6.97
N SER A 475 -10.53 26.75 5.92
CA SER A 475 -11.37 26.06 4.98
C SER A 475 -10.67 24.92 4.21
N ARG A 476 -9.33 24.90 4.15
CA ARG A 476 -8.63 23.79 3.56
C ARG A 476 -8.61 22.48 4.38
N LEU A 477 -8.98 22.54 5.68
CA LEU A 477 -8.88 21.38 6.52
C LEU A 477 -9.72 20.21 6.06
N GLN A 478 -9.12 19.01 6.09
CA GLN A 478 -9.83 17.77 5.81
C GLN A 478 -10.21 16.98 7.05
N CYS A 479 -9.48 17.18 8.14
CA CYS A 479 -9.72 16.43 9.35
C CYS A 479 -9.55 17.36 10.54
N LEU A 480 -10.51 17.29 11.46
CA LEU A 480 -10.45 18.07 12.68
C LEU A 480 -10.76 17.17 13.84
N ARG A 481 -9.84 17.15 14.82
CA ARG A 481 -10.07 16.37 16.02
C ARG A 481 -10.35 17.32 17.17
N LEU A 482 -11.52 17.18 17.77
CA LEU A 482 -11.93 17.95 18.89
C LEU A 482 -12.35 17.07 20.05
N SER A 483 -11.78 15.88 20.14
CA SER A 483 -12.13 14.94 21.16
C SER A 483 -11.63 15.41 22.51
N HIS A 484 -12.32 15.02 23.57
CA HIS A 484 -11.83 15.33 24.95
C HIS A 484 -11.73 16.83 25.18
N ASN A 485 -12.66 17.60 24.62
CA ASN A 485 -12.84 18.97 25.04
C ASN A 485 -13.96 18.95 26.14
N SER A 486 -14.68 20.07 26.34
CA SER A 486 -15.82 20.16 27.27
C SER A 486 -17.02 20.72 26.57
N ILE A 487 -17.20 20.31 25.32
CA ILE A 487 -18.25 20.90 24.50
C ILE A 487 -19.62 20.45 24.97
N SER A 488 -20.41 21.42 25.44
N SER A 488 -20.40 21.41 25.45
CA SER A 488 -21.74 21.13 25.96
CA SER A 488 -21.73 21.17 25.95
C SER A 488 -22.92 21.71 25.16
C SER A 488 -22.53 22.16 25.18
N GLN A 489 -22.75 21.90 23.90
CA GLN A 489 -23.56 22.76 23.09
C GLN A 489 -24.65 21.90 22.41
N ALA A 490 -25.83 22.47 22.22
CA ALA A 490 -26.90 21.92 21.34
C ALA A 490 -26.56 22.40 19.94
N VAL A 491 -25.66 21.68 19.29
CA VAL A 491 -25.24 22.00 17.92
C VAL A 491 -26.44 22.07 16.98
N ASN A 492 -26.38 22.97 16.01
CA ASN A 492 -27.55 23.24 15.22
C ASN A 492 -27.33 23.67 13.77
N GLY A 493 -26.13 23.54 13.28
CA GLY A 493 -25.80 23.84 11.87
C GLY A 493 -25.06 25.16 11.67
N SER A 494 -24.68 25.84 12.75
CA SER A 494 -24.00 27.15 12.64
C SER A 494 -22.61 27.18 13.24
N GLN A 495 -22.11 26.03 13.68
CA GLN A 495 -20.85 25.99 14.40
C GLN A 495 -19.60 25.86 13.53
N PHE A 496 -19.69 25.05 12.49
CA PHE A 496 -18.53 24.64 11.68
C PHE A 496 -18.49 25.24 10.25
N VAL A 497 -19.17 26.38 10.07
CA VAL A 497 -19.50 26.89 8.75
C VAL A 497 -18.31 27.06 7.80
N PRO A 498 -17.17 27.57 8.27
CA PRO A 498 -16.04 27.74 7.30
C PRO A 498 -15.38 26.47 6.82
N LEU A 499 -15.61 25.33 7.49
CA LEU A 499 -14.92 24.07 7.19
C LEU A 499 -15.50 23.31 6.00
N THR A 500 -15.35 23.92 4.82
CA THR A 500 -16.01 23.40 3.62
C THR A 500 -15.26 22.26 2.98
N SER A 501 -14.01 22.00 3.40
CA SER A 501 -13.34 20.77 2.96
C SER A 501 -13.38 19.59 3.91
N LEU A 502 -13.99 19.78 5.11
CA LEU A 502 -13.84 18.82 6.14
C LEU A 502 -14.52 17.49 5.85
N GLN A 503 -13.71 16.42 5.83
CA GLN A 503 -14.19 15.06 5.64
C GLN A 503 -14.41 14.27 6.95
N VAL A 504 -13.55 14.51 7.95
CA VAL A 504 -13.61 13.74 9.18
C VAL A 504 -13.66 14.72 10.37
N LEU A 505 -14.62 14.49 11.26
CA LEU A 505 -14.77 15.31 12.47
C LEU A 505 -14.90 14.38 13.68
N ASP A 506 -13.97 14.50 14.64
CA ASP A 506 -13.94 13.68 15.82
C ASP A 506 -14.35 14.58 17.01
N LEU A 507 -15.56 14.29 17.51
CA LEU A 507 -16.14 14.99 18.66
C LEU A 507 -16.29 14.06 19.85
N SER A 508 -15.55 12.98 19.88
CA SER A 508 -15.74 11.99 20.94
C SER A 508 -15.34 12.61 22.28
N HIS A 509 -15.89 12.06 23.36
CA HIS A 509 -15.59 12.50 24.71
C HIS A 509 -15.88 13.97 24.89
N ASN A 510 -17.12 14.37 24.59
CA ASN A 510 -17.61 15.71 24.89
C ASN A 510 -18.96 15.55 25.50
N LYS A 511 -19.77 16.61 25.51
CA LYS A 511 -21.17 16.55 26.05
C LYS A 511 -22.15 17.20 25.10
N LEU A 512 -22.04 16.89 23.80
CA LEU A 512 -22.94 17.48 22.81
C LEU A 512 -24.38 17.03 23.04
N ASP A 513 -25.27 17.99 23.00
CA ASP A 513 -26.72 17.73 23.13
C ASP A 513 -27.28 17.58 21.75
N LEU A 514 -27.65 16.35 21.40
CA LEU A 514 -28.20 16.02 20.09
C LEU A 514 -29.73 16.23 20.11
N TYR A 515 -30.16 17.28 19.45
CA TYR A 515 -31.52 17.81 19.65
C TYR A 515 -31.99 18.55 18.39
N HIS A 516 -31.26 19.60 18.02
CA HIS A 516 -31.63 20.40 16.85
C HIS A 516 -31.48 19.61 15.52
N GLY A 517 -32.33 19.93 14.57
CA GLY A 517 -32.45 19.13 13.35
C GLY A 517 -31.33 19.24 12.31
N ARG A 518 -30.57 20.34 12.35
CA ARG A 518 -29.59 20.62 11.31
C ARG A 518 -28.14 20.64 11.78
N SER A 519 -27.88 20.05 12.95
CA SER A 519 -26.52 19.87 13.38
C SER A 519 -25.68 19.20 12.28
N PHE A 520 -24.50 19.78 12.05
CA PHE A 520 -23.50 19.28 11.10
C PHE A 520 -23.85 19.43 9.62
N THR A 521 -25.00 20.02 9.30
CA THR A 521 -25.37 20.23 7.91
C THR A 521 -24.53 21.29 7.22
N GLU A 522 -23.75 22.09 7.97
CA GLU A 522 -22.88 23.09 7.36
C GLU A 522 -21.52 22.53 6.84
N LEU A 523 -21.39 21.20 6.85
CA LEU A 523 -20.17 20.48 6.47
C LEU A 523 -20.49 19.69 5.23
N PRO A 524 -20.36 20.32 4.07
CA PRO A 524 -20.79 19.69 2.83
C PRO A 524 -19.99 18.47 2.36
N ARG A 525 -18.76 18.27 2.87
N ARG A 525 -18.76 18.27 2.87
CA ARG A 525 -17.95 17.12 2.51
CA ARG A 525 -17.94 17.13 2.50
C ARG A 525 -17.78 16.11 3.63
C ARG A 525 -17.77 16.11 3.63
N LEU A 526 -18.51 16.29 4.73
CA LEU A 526 -18.41 15.36 5.84
C LEU A 526 -18.71 13.91 5.49
N GLU A 527 -17.77 13.02 5.75
CA GLU A 527 -17.90 11.58 5.54
C GLU A 527 -17.88 10.73 6.80
N ALA A 528 -17.26 11.22 7.87
CA ALA A 528 -17.06 10.46 9.09
C ALA A 528 -17.22 11.38 10.30
N LEU A 529 -18.08 10.97 11.22
CA LEU A 529 -18.42 11.76 12.36
C LEU A 529 -18.37 10.88 13.57
N ASP A 530 -17.55 11.23 14.55
CA ASP A 530 -17.45 10.46 15.78
C ASP A 530 -18.09 11.23 16.92
N LEU A 531 -19.22 10.70 17.39
CA LEU A 531 -19.93 11.25 18.52
C LEU A 531 -19.97 10.31 19.70
N SER A 532 -18.94 9.46 19.79
CA SER A 532 -18.89 8.46 20.85
C SER A 532 -18.59 9.14 22.18
N TYR A 533 -18.94 8.50 23.30
CA TYR A 533 -18.66 9.07 24.60
C TYR A 533 -19.15 10.52 24.79
N ASN A 534 -20.36 10.81 24.28
CA ASN A 534 -21.12 12.01 24.62
C ASN A 534 -22.35 11.60 25.43
N SER A 535 -22.11 10.84 26.50
CA SER A 535 -23.18 10.15 27.24
C SER A 535 -23.99 11.05 28.18
N GLN A 536 -23.42 12.14 28.62
CA GLN A 536 -24.08 12.86 29.72
C GLN A 536 -25.49 13.36 29.39
N PRO A 537 -25.71 13.93 28.18
CA PRO A 537 -27.10 14.31 27.84
C PRO A 537 -28.07 13.18 27.81
N PHE A 538 -27.61 12.03 27.31
CA PHE A 538 -28.45 10.81 27.29
C PHE A 538 -28.76 10.22 28.66
N SER A 539 -27.99 10.59 29.69
CA SER A 539 -28.25 10.17 31.04
C SER A 539 -29.22 11.06 31.80
N MET A 540 -29.78 12.08 31.16
N MET A 540 -29.77 12.09 31.16
CA MET A 540 -30.63 13.04 31.83
CA MET A 540 -30.67 13.02 31.81
C MET A 540 -32.06 12.49 31.75
C MET A 540 -32.06 12.46 31.73
N ARG A 541 -32.42 11.70 32.76
CA ARG A 541 -33.65 10.93 32.72
C ARG A 541 -34.85 11.89 32.67
N GLY A 542 -35.69 11.67 31.69
CA GLY A 542 -36.81 12.56 31.47
C GLY A 542 -36.62 13.61 30.39
N VAL A 543 -35.40 13.78 29.87
CA VAL A 543 -35.16 14.76 28.83
C VAL A 543 -34.74 13.96 27.62
N GLY A 544 -35.49 14.13 26.53
CA GLY A 544 -35.25 13.37 25.31
C GLY A 544 -34.27 14.03 24.37
N HIS A 545 -33.93 13.28 23.33
CA HIS A 545 -32.96 13.72 22.33
C HIS A 545 -33.42 13.37 20.94
N ASN A 546 -32.76 13.93 19.95
CA ASN A 546 -33.27 13.86 18.58
C ASN A 546 -32.11 13.59 17.66
N LEU A 547 -32.20 12.49 16.94
CA LEU A 547 -31.12 12.06 16.02
C LEU A 547 -31.55 12.21 14.53
N SER A 548 -32.59 12.99 14.29
CA SER A 548 -33.05 13.23 12.92
C SER A 548 -32.01 13.91 12.03
N PHE A 549 -31.06 14.63 12.64
CA PHE A 549 -30.00 15.28 11.83
C PHE A 549 -29.21 14.30 10.95
N VAL A 550 -29.13 13.03 11.34
CA VAL A 550 -28.35 12.06 10.55
C VAL A 550 -28.89 12.00 9.11
N ALA A 551 -30.20 12.06 8.94
CA ALA A 551 -30.87 12.04 7.64
C ALA A 551 -30.52 13.25 6.77
N GLN A 552 -30.06 14.33 7.38
CA GLN A 552 -29.73 15.57 6.68
C GLN A 552 -28.26 15.68 6.26
N LEU A 553 -27.48 14.59 6.39
CA LEU A 553 -26.06 14.61 6.18
C LEU A 553 -25.80 13.71 4.96
N PRO A 554 -25.92 14.30 3.77
CA PRO A 554 -26.05 13.41 2.59
C PRO A 554 -24.78 12.68 2.14
N THR A 555 -23.61 13.10 2.62
CA THR A 555 -22.35 12.47 2.28
C THR A 555 -21.83 11.54 3.39
N LEU A 556 -22.56 11.45 4.52
CA LEU A 556 -22.01 10.72 5.67
C LEU A 556 -21.90 9.23 5.42
N ARG A 557 -20.72 8.64 5.70
CA ARG A 557 -20.47 7.23 5.47
C ARG A 557 -20.20 6.42 6.75
N TYR A 558 -19.62 7.08 7.77
CA TYR A 558 -19.22 6.41 9.01
C TYR A 558 -19.75 7.30 10.16
N LEU A 559 -20.46 6.67 11.10
CA LEU A 559 -20.95 7.39 12.25
C LEU A 559 -20.69 6.54 13.46
N SER A 560 -20.23 7.18 14.54
CA SER A 560 -20.20 6.49 15.83
C SER A 560 -21.11 7.22 16.84
N LEU A 561 -22.02 6.45 17.41
CA LEU A 561 -22.79 6.86 18.57
C LEU A 561 -22.46 5.99 19.77
N ALA A 562 -21.26 5.47 19.79
CA ALA A 562 -20.88 4.44 20.76
C ALA A 562 -20.71 5.01 22.16
N HIS A 563 -21.02 4.18 23.14
CA HIS A 563 -20.73 4.51 24.54
C HIS A 563 -21.48 5.78 24.96
N ASN A 564 -22.72 5.91 24.50
CA ASN A 564 -23.54 7.06 24.83
C ASN A 564 -24.63 6.75 25.84
N GLY A 565 -24.78 5.49 26.22
CA GLY A 565 -25.85 5.08 27.15
C GLY A 565 -27.24 5.45 26.62
N ILE A 566 -27.45 5.38 25.30
CA ILE A 566 -28.73 5.75 24.71
C ILE A 566 -29.72 4.69 25.13
N HIS A 567 -30.81 5.10 25.77
CA HIS A 567 -31.73 4.11 26.34
C HIS A 567 -33.20 4.40 26.26
N SER A 568 -33.57 5.66 26.21
CA SER A 568 -34.95 6.04 26.07
C SER A 568 -35.10 7.47 25.60
N ARG A 569 -36.32 7.82 25.22
CA ARG A 569 -36.68 9.16 24.74
C ARG A 569 -35.71 9.67 23.68
N VAL A 570 -35.60 8.91 22.59
CA VAL A 570 -34.84 9.31 21.43
C VAL A 570 -35.66 9.03 20.18
N SER A 571 -35.16 9.53 19.05
CA SER A 571 -35.77 9.29 17.74
C SER A 571 -36.07 7.79 17.56
N GLN A 572 -37.25 7.47 17.04
CA GLN A 572 -37.63 6.12 16.84
C GLN A 572 -36.92 5.46 15.66
N GLN A 573 -36.42 6.29 14.72
CA GLN A 573 -35.71 5.76 13.56
C GLN A 573 -34.52 6.60 13.22
N LEU A 574 -33.41 5.94 12.91
CA LEU A 574 -32.28 6.58 12.25
C LEU A 574 -32.47 6.36 10.76
N CYS A 575 -32.19 7.39 9.98
CA CYS A 575 -32.38 7.36 8.54
C CYS A 575 -31.18 7.91 7.80
N SER A 576 -30.70 7.14 6.81
CA SER A 576 -29.65 7.62 5.92
C SER A 576 -29.59 6.71 4.71
N THR A 577 -29.48 7.31 3.51
CA THR A 577 -29.22 6.56 2.27
C THR A 577 -27.73 6.43 2.00
N SER A 578 -26.88 7.16 2.75
CA SER A 578 -25.46 7.17 2.50
C SER A 578 -24.65 6.32 3.48
N LEU A 579 -25.14 6.15 4.70
CA LEU A 579 -24.30 5.56 5.73
C LEU A 579 -23.93 4.11 5.47
N TRP A 580 -22.67 3.80 5.64
CA TRP A 580 -22.12 2.46 5.50
C TRP A 580 -21.83 1.76 6.82
N ALA A 581 -21.37 2.51 7.81
CA ALA A 581 -20.96 1.90 9.08
C ALA A 581 -21.54 2.70 10.23
N LEU A 582 -22.10 1.99 11.19
CA LEU A 582 -22.62 2.57 12.43
C LEU A 582 -22.15 1.79 13.64
N ASP A 583 -21.44 2.49 14.52
CA ASP A 583 -21.03 1.92 15.80
C ASP A 583 -22.06 2.41 16.83
N PHE A 584 -22.90 1.49 17.28
CA PHE A 584 -23.88 1.74 18.32
C PHE A 584 -23.54 0.94 19.58
N SER A 585 -22.30 0.50 19.75
CA SER A 585 -21.89 -0.30 20.93
C SER A 585 -22.02 0.59 22.18
N GLY A 586 -22.17 -0.04 23.33
CA GLY A 586 -22.17 0.69 24.60
C GLY A 586 -23.39 1.58 24.79
N ASN A 587 -24.55 1.13 24.32
CA ASN A 587 -25.82 1.81 24.58
C ASN A 587 -26.72 0.78 25.26
N SER A 588 -28.01 1.08 25.35
N SER A 588 -28.01 1.09 25.35
CA SER A 588 -28.99 0.15 25.87
CA SER A 588 -28.99 0.15 25.85
C SER A 588 -30.13 -0.09 24.90
C SER A 588 -30.13 -0.09 24.89
N LEU A 589 -29.79 -0.70 23.78
CA LEU A 589 -30.84 -1.31 22.93
C LEU A 589 -31.73 -2.26 23.71
N SER A 590 -31.20 -2.91 24.74
N SER A 590 -31.20 -2.91 24.74
CA SER A 590 -32.06 -3.79 25.56
CA SER A 590 -32.05 -3.79 25.55
C SER A 590 -33.29 -3.03 26.02
C SER A 590 -33.29 -3.03 26.02
N GLN A 591 -33.07 -1.81 26.54
CA GLN A 591 -34.17 -1.01 27.04
C GLN A 591 -35.07 -0.48 25.90
N MET A 592 -34.49 -0.08 24.81
CA MET A 592 -35.26 0.41 23.66
C MET A 592 -36.15 -0.69 23.05
N TRP A 593 -35.55 -1.85 22.80
CA TRP A 593 -36.25 -2.97 22.20
C TRP A 593 -37.22 -3.64 23.14
N ALA A 594 -37.19 -3.32 24.42
CA ALA A 594 -38.25 -3.77 25.29
C ALA A 594 -39.50 -2.86 25.31
N GLU A 595 -39.45 -1.67 24.72
CA GLU A 595 -40.52 -0.66 24.93
C GLU A 595 -41.55 -0.77 23.82
N GLY A 596 -42.24 -1.89 23.83
CA GLY A 596 -43.24 -2.19 22.81
C GLY A 596 -42.66 -2.11 21.41
N ASP A 597 -43.39 -1.49 20.51
CA ASP A 597 -42.94 -1.41 19.14
C ASP A 597 -42.14 -0.18 18.78
N LEU A 598 -41.86 0.69 19.77
CA LEU A 598 -41.31 2.02 19.45
C LEU A 598 -40.01 2.00 18.61
N TYR A 599 -39.08 1.12 18.92
CA TYR A 599 -37.73 1.20 18.35
C TYR A 599 -37.40 -0.04 17.50
N LEU A 600 -38.42 -0.82 17.16
CA LEU A 600 -38.17 -2.06 16.48
C LEU A 600 -37.62 -1.90 15.05
N ARG A 601 -37.77 -0.72 14.46
CA ARG A 601 -37.26 -0.40 13.16
C ARG A 601 -36.16 0.69 13.23
N PHE A 602 -35.48 0.82 14.38
CA PHE A 602 -34.56 1.92 14.61
C PHE A 602 -33.47 2.02 13.55
N PHE A 603 -32.96 0.88 13.07
CA PHE A 603 -31.83 0.85 12.13
C PHE A 603 -32.31 0.65 10.67
N GLN A 604 -33.61 0.38 10.47
CA GLN A 604 -34.08 -0.08 9.18
C GLN A 604 -33.88 0.96 8.06
N GLY A 605 -33.99 2.24 8.42
CA GLY A 605 -33.82 3.39 7.50
C GLY A 605 -32.38 3.65 7.03
N LEU A 606 -31.41 2.86 7.52
CA LEU A 606 -30.02 2.98 7.14
C LEU A 606 -29.85 2.04 5.93
N ARG A 607 -30.28 2.56 4.78
CA ARG A 607 -30.58 1.76 3.58
C ARG A 607 -29.37 1.22 2.90
N SER A 608 -28.18 1.79 3.12
CA SER A 608 -26.96 1.29 2.54
C SER A 608 -25.98 0.71 3.56
N LEU A 609 -26.42 0.52 4.80
CA LEU A 609 -25.51 0.07 5.83
C LEU A 609 -24.92 -1.31 5.61
N ILE A 610 -23.59 -1.42 5.74
CA ILE A 610 -22.91 -2.70 5.59
C ILE A 610 -22.28 -3.25 6.89
N ARG A 611 -22.00 -2.37 7.85
N ARG A 611 -21.97 -2.38 7.84
CA ARG A 611 -21.41 -2.78 9.12
CA ARG A 611 -21.45 -2.85 9.12
C ARG A 611 -22.13 -2.15 10.28
C ARG A 611 -22.12 -2.15 10.29
N LEU A 612 -22.45 -2.97 11.27
CA LEU A 612 -23.20 -2.48 12.44
C LEU A 612 -22.62 -3.10 13.70
N ASP A 613 -22.29 -2.24 14.66
CA ASP A 613 -21.76 -2.73 15.95
C ASP A 613 -22.83 -2.52 17.04
N LEU A 614 -23.39 -3.61 17.52
CA LEU A 614 -24.38 -3.64 18.63
C LEU A 614 -23.81 -4.31 19.87
N SER A 615 -22.50 -4.29 19.99
CA SER A 615 -21.80 -4.84 21.14
C SER A 615 -22.15 -4.06 22.42
N GLN A 616 -22.10 -4.72 23.57
CA GLN A 616 -22.29 -4.07 24.88
C GLN A 616 -23.56 -3.20 24.91
N ASN A 617 -24.70 -3.79 24.55
CA ASN A 617 -25.97 -3.13 24.59
C ASN A 617 -26.92 -3.74 25.62
N ARG A 618 -26.36 -4.53 26.51
CA ARG A 618 -27.07 -5.22 27.58
C ARG A 618 -28.17 -6.16 27.10
N LEU A 619 -28.00 -6.70 25.89
CA LEU A 619 -29.06 -7.50 25.28
C LEU A 619 -29.15 -8.89 25.93
N HIS A 620 -30.30 -9.19 26.51
CA HIS A 620 -30.58 -10.54 27.03
C HIS A 620 -31.40 -11.36 26.07
N THR A 621 -32.04 -10.73 25.10
CA THR A 621 -32.84 -11.43 24.14
C THR A 621 -32.83 -10.66 22.85
N LEU A 622 -33.09 -11.36 21.75
CA LEU A 622 -33.47 -10.76 20.51
C LEU A 622 -34.73 -11.45 19.95
N LEU A 623 -35.52 -10.73 19.18
CA LEU A 623 -36.54 -11.39 18.37
C LEU A 623 -36.03 -11.62 16.94
N PRO A 624 -36.43 -12.76 16.31
CA PRO A 624 -36.21 -12.81 14.85
C PRO A 624 -36.76 -11.57 14.13
N CYS A 625 -37.95 -11.11 14.49
CA CYS A 625 -38.55 -9.94 13.87
C CYS A 625 -37.68 -8.65 13.99
N THR A 626 -37.00 -8.50 15.12
N THR A 626 -36.99 -8.50 15.12
CA THR A 626 -36.06 -7.40 15.32
CA THR A 626 -36.05 -7.40 15.31
C THR A 626 -34.80 -7.52 14.43
C THR A 626 -34.80 -7.52 14.43
N LEU A 627 -34.26 -8.72 14.26
CA LEU A 627 -33.11 -8.91 13.37
C LEU A 627 -33.45 -8.68 11.90
N GLY A 628 -34.67 -9.09 11.54
CA GLY A 628 -35.20 -8.89 10.20
C GLY A 628 -35.46 -7.42 9.91
N ASN A 629 -35.47 -6.55 10.93
CA ASN A 629 -35.62 -5.13 10.68
C ASN A 629 -34.27 -4.39 10.57
N LEU A 630 -33.15 -5.11 10.69
CA LEU A 630 -31.86 -4.53 10.36
C LEU A 630 -31.71 -4.44 8.83
N PRO A 631 -30.84 -3.53 8.34
CA PRO A 631 -30.73 -3.34 6.88
C PRO A 631 -30.29 -4.58 6.17
N LYS A 632 -30.99 -4.93 5.09
CA LYS A 632 -30.68 -6.16 4.35
C LYS A 632 -29.31 -6.10 3.71
N SER A 633 -28.78 -4.89 3.51
CA SER A 633 -27.42 -4.71 3.00
C SER A 633 -26.30 -5.16 3.96
N LEU A 634 -26.61 -5.48 5.21
CA LEU A 634 -25.55 -5.73 6.19
C LEU A 634 -24.64 -6.91 5.85
N GLN A 635 -23.35 -6.66 5.91
CA GLN A 635 -22.33 -7.68 5.79
C GLN A 635 -21.70 -8.07 7.09
N LEU A 636 -21.65 -7.15 8.07
CA LEU A 636 -20.97 -7.38 9.35
C LEU A 636 -21.82 -6.92 10.50
N LEU A 637 -22.08 -7.82 11.44
CA LEU A 637 -22.87 -7.55 12.63
C LEU A 637 -22.07 -8.00 13.83
N ARG A 638 -21.81 -7.06 14.73
CA ARG A 638 -21.19 -7.38 16.02
C ARG A 638 -22.23 -7.30 17.14
N LEU A 639 -22.29 -8.34 17.93
CA LEU A 639 -23.15 -8.47 19.14
C LEU A 639 -22.31 -8.88 20.36
N ARG A 640 -21.08 -8.41 20.39
CA ARG A 640 -20.14 -8.84 21.39
C ARG A 640 -20.53 -8.36 22.77
N ASN A 641 -20.24 -9.17 23.78
CA ASN A 641 -20.35 -8.77 25.17
C ASN A 641 -21.76 -8.29 25.55
N ASN A 642 -22.77 -8.98 25.06
CA ASN A 642 -24.12 -8.84 25.50
C ASN A 642 -24.40 -9.99 26.49
N TYR A 643 -25.66 -10.34 26.76
CA TYR A 643 -25.95 -11.41 27.70
C TYR A 643 -26.86 -12.44 27.04
N LEU A 644 -26.62 -12.70 25.76
CA LEU A 644 -27.50 -13.60 25.02
C LEU A 644 -27.27 -15.04 25.39
N ALA A 645 -28.35 -15.73 25.84
CA ALA A 645 -28.20 -17.16 26.21
C ALA A 645 -28.85 -18.10 25.20
N PHE A 646 -29.37 -17.53 24.13
CA PHE A 646 -30.07 -18.25 23.09
C PHE A 646 -29.91 -17.45 21.83
N PHE A 647 -29.84 -18.12 20.68
CA PHE A 647 -29.81 -17.46 19.42
C PHE A 647 -30.52 -18.32 18.39
N ASN A 648 -31.52 -17.74 17.75
CA ASN A 648 -32.30 -18.44 16.74
C ASN A 648 -31.57 -18.34 15.42
N TRP A 649 -30.80 -19.39 15.11
CA TRP A 649 -29.88 -19.38 13.95
C TRP A 649 -30.59 -19.23 12.60
N SER A 650 -31.83 -19.69 12.52
CA SER A 650 -32.63 -19.57 11.29
C SER A 650 -32.90 -18.12 10.91
N SER A 651 -32.92 -17.22 11.88
CA SER A 651 -33.08 -15.78 11.62
C SER A 651 -31.95 -15.19 10.75
N LEU A 652 -30.79 -15.86 10.67
CA LEU A 652 -29.72 -15.42 9.75
C LEU A 652 -30.14 -15.35 8.27
N THR A 653 -31.13 -16.15 7.89
CA THR A 653 -31.69 -16.05 6.52
C THR A 653 -32.30 -14.67 6.25
N LEU A 654 -32.70 -13.98 7.28
CA LEU A 654 -33.20 -12.60 7.15
C LEU A 654 -32.10 -11.55 6.83
N LEU A 655 -30.83 -11.93 6.96
CA LEU A 655 -29.72 -11.07 6.67
C LEU A 655 -28.90 -11.74 5.54
N PRO A 656 -29.41 -11.69 4.32
CA PRO A 656 -28.86 -12.55 3.29
C PRO A 656 -27.43 -12.19 2.82
N ASN A 657 -26.99 -10.96 3.09
CA ASN A 657 -25.63 -10.53 2.76
C ASN A 657 -24.59 -10.70 3.89
N LEU A 658 -25.01 -11.23 5.03
CA LEU A 658 -24.13 -11.30 6.19
C LEU A 658 -22.94 -12.24 5.97
N GLU A 659 -21.75 -11.71 6.18
CA GLU A 659 -20.49 -12.46 6.04
C GLU A 659 -19.79 -12.70 7.36
N THR A 660 -19.96 -11.76 8.32
CA THR A 660 -19.30 -11.83 9.61
C THR A 660 -20.31 -11.62 10.72
N LEU A 661 -20.38 -12.57 11.65
CA LEU A 661 -21.24 -12.50 12.83
C LEU A 661 -20.35 -12.71 14.07
N ASP A 662 -20.28 -11.67 14.89
CA ASP A 662 -19.48 -11.72 16.10
C ASP A 662 -20.35 -11.78 17.37
N LEU A 663 -20.38 -12.95 17.99
CA LEU A 663 -21.14 -13.19 19.19
C LEU A 663 -20.24 -13.48 20.39
N ALA A 664 -18.99 -13.04 20.32
CA ALA A 664 -18.04 -13.26 21.42
C ALA A 664 -18.52 -12.61 22.71
N GLY A 665 -18.31 -13.28 23.82
CA GLY A 665 -18.62 -12.70 25.12
C GLY A 665 -20.07 -12.78 25.52
N ASN A 666 -20.86 -13.68 24.95
CA ASN A 666 -22.22 -13.86 25.39
C ASN A 666 -22.34 -15.08 26.33
N GLN A 667 -23.53 -15.66 26.47
CA GLN A 667 -23.79 -16.71 27.46
C GLN A 667 -24.41 -17.95 26.83
N LEU A 668 -24.08 -18.20 25.57
CA LEU A 668 -24.58 -19.39 24.91
C LEU A 668 -24.06 -20.63 25.62
N LYS A 669 -24.93 -21.60 25.76
CA LYS A 669 -24.63 -22.83 26.47
C LYS A 669 -24.44 -24.00 25.54
N ALA A 670 -24.74 -23.82 24.26
CA ALA A 670 -24.63 -24.83 23.27
C ALA A 670 -24.72 -24.17 21.91
N LEU A 671 -24.30 -24.88 20.87
CA LEU A 671 -24.64 -24.54 19.49
C LEU A 671 -25.69 -25.55 19.05
N SER A 672 -26.95 -25.15 19.14
CA SER A 672 -28.09 -26.06 18.88
C SER A 672 -29.27 -25.20 18.44
N ASN A 673 -30.52 -25.61 18.68
CA ASN A 673 -31.67 -24.79 18.32
C ASN A 673 -31.67 -24.54 16.83
N GLY A 674 -31.49 -25.62 16.12
CA GLY A 674 -31.37 -25.58 14.67
C GLY A 674 -29.91 -25.34 14.35
N SER A 675 -29.56 -25.50 13.13
CA SER A 675 -28.19 -25.38 12.78
C SER A 675 -28.04 -24.11 11.98
N LEU A 676 -26.83 -23.79 11.53
CA LEU A 676 -26.66 -22.68 10.61
C LEU A 676 -27.51 -22.96 9.35
N PRO A 677 -28.26 -21.95 8.90
CA PRO A 677 -29.25 -22.29 7.91
C PRO A 677 -28.70 -22.41 6.53
N SER A 678 -29.41 -23.17 5.72
CA SER A 678 -29.11 -23.36 4.32
C SER A 678 -29.03 -22.01 3.60
N GLY A 679 -28.06 -21.87 2.71
CA GLY A 679 -27.93 -20.67 1.93
C GLY A 679 -27.10 -19.52 2.54
N THR A 680 -26.70 -19.65 3.82
CA THR A 680 -26.00 -18.53 4.46
C THR A 680 -24.65 -18.28 3.82
N GLN A 681 -24.33 -17.00 3.64
N GLN A 681 -24.33 -17.00 3.64
CA GLN A 681 -23.04 -16.55 3.10
CA GLN A 681 -23.04 -16.56 3.10
C GLN A 681 -22.01 -16.29 4.19
C GLN A 681 -22.01 -16.29 4.19
N LEU A 682 -22.27 -16.76 5.40
CA LEU A 682 -21.40 -16.51 6.50
C LEU A 682 -20.01 -17.06 6.27
N GLN A 683 -19.00 -16.19 6.44
CA GLN A 683 -17.58 -16.56 6.31
C GLN A 683 -16.84 -16.62 7.62
N ARG A 684 -17.26 -15.80 8.59
CA ARG A 684 -16.58 -15.69 9.89
C ARG A 684 -17.60 -15.71 10.99
N LEU A 685 -17.43 -16.60 11.95
CA LEU A 685 -18.28 -16.69 13.11
C LEU A 685 -17.44 -16.77 14.37
N ASP A 686 -17.68 -15.84 15.30
CA ASP A 686 -16.95 -15.81 16.55
C ASP A 686 -17.97 -16.08 17.67
N VAL A 687 -17.79 -17.21 18.35
CA VAL A 687 -18.58 -17.54 19.53
C VAL A 687 -17.67 -17.81 20.70
N SER A 688 -16.52 -17.11 20.72
CA SER A 688 -15.57 -17.27 21.79
C SER A 688 -16.11 -16.65 23.07
N ARG A 689 -15.56 -17.07 24.19
CA ARG A 689 -15.94 -16.54 25.51
C ARG A 689 -17.47 -16.63 25.75
N ASN A 690 -18.10 -17.71 25.30
CA ASN A 690 -19.43 -18.04 25.75
C ASN A 690 -19.35 -19.18 26.82
N SER A 691 -20.43 -19.93 27.06
CA SER A 691 -20.38 -21.08 27.93
C SER A 691 -20.78 -22.38 27.23
N ILE A 692 -20.32 -22.54 26.00
CA ILE A 692 -20.79 -23.59 25.15
C ILE A 692 -20.25 -24.97 25.62
N ILE A 693 -21.19 -25.88 25.88
CA ILE A 693 -20.92 -27.24 26.37
C ILE A 693 -20.92 -28.25 25.25
N PHE A 694 -21.79 -28.09 24.26
CA PHE A 694 -21.82 -29.02 23.14
C PHE A 694 -22.27 -28.35 21.86
N VAL A 695 -21.99 -29.01 20.74
CA VAL A 695 -22.46 -28.55 19.43
C VAL A 695 -23.22 -29.74 18.82
N VAL A 696 -24.37 -29.46 18.25
CA VAL A 696 -25.15 -30.52 17.57
C VAL A 696 -24.45 -31.03 16.31
N PRO A 697 -24.64 -32.33 15.98
CA PRO A 697 -24.15 -32.83 14.70
C PRO A 697 -24.67 -32.02 13.56
N GLY A 698 -23.78 -31.65 12.65
CA GLY A 698 -24.12 -30.91 11.47
C GLY A 698 -24.37 -29.41 11.71
N PHE A 699 -24.09 -28.89 12.92
CA PHE A 699 -24.36 -27.50 13.18
C PHE A 699 -23.82 -26.57 12.08
N PHE A 700 -22.57 -26.78 11.65
CA PHE A 700 -21.93 -25.94 10.67
C PHE A 700 -22.06 -26.41 9.21
N ALA A 701 -22.67 -27.59 8.98
CA ALA A 701 -22.60 -28.26 7.67
C ALA A 701 -23.16 -27.44 6.51
N LEU A 702 -24.20 -26.66 6.74
CA LEU A 702 -24.80 -25.89 5.65
C LEU A 702 -24.12 -24.53 5.38
N ALA A 703 -23.20 -24.11 6.26
CA ALA A 703 -22.43 -22.87 6.06
C ALA A 703 -21.23 -23.13 5.16
N THR A 704 -21.52 -23.22 3.87
CA THR A 704 -20.53 -23.68 2.91
C THR A 704 -19.45 -22.64 2.63
N ARG A 705 -19.68 -21.39 3.08
CA ARG A 705 -18.71 -20.32 2.88
C ARG A 705 -17.91 -20.06 4.16
N LEU A 706 -18.19 -20.81 5.21
CA LEU A 706 -17.55 -20.58 6.53
C LEU A 706 -16.08 -20.89 6.43
N ARG A 707 -15.24 -19.93 6.78
CA ARG A 707 -13.77 -20.10 6.76
C ARG A 707 -13.06 -19.88 8.07
N GLU A 708 -13.65 -19.08 8.96
CA GLU A 708 -13.02 -18.77 10.24
C GLU A 708 -14.02 -18.95 11.35
N LEU A 709 -13.62 -19.71 12.36
CA LEU A 709 -14.51 -20.06 13.44
C LEU A 709 -13.75 -19.99 14.74
N ASN A 710 -14.26 -19.23 15.69
CA ASN A 710 -13.59 -19.10 16.97
C ASN A 710 -14.48 -19.70 18.06
N LEU A 711 -14.01 -20.83 18.61
CA LEU A 711 -14.65 -21.52 19.70
C LEU A 711 -13.87 -21.37 21.00
N SER A 712 -12.88 -20.46 21.02
CA SER A 712 -12.02 -20.27 22.18
C SER A 712 -12.80 -19.92 23.44
N ALA A 713 -12.34 -20.43 24.58
CA ALA A 713 -12.83 -19.98 25.93
C ALA A 713 -14.33 -20.30 26.11
N ASN A 714 -14.68 -21.53 25.75
CA ASN A 714 -16.00 -22.08 26.06
C ASN A 714 -15.83 -23.21 27.07
N ALA A 715 -16.79 -24.12 27.17
CA ALA A 715 -16.72 -25.24 28.10
C ALA A 715 -16.75 -26.58 27.33
N LEU A 716 -16.16 -26.59 26.13
CA LEU A 716 -16.14 -27.75 25.27
C LEU A 716 -15.12 -28.78 25.79
N ARG A 717 -15.59 -30.02 26.02
CA ARG A 717 -14.72 -31.12 26.49
C ARG A 717 -14.26 -32.02 25.32
N THR A 718 -14.76 -31.73 24.14
CA THR A 718 -14.30 -32.39 22.92
C THR A 718 -14.35 -31.44 21.74
N VAL A 719 -13.80 -31.90 20.62
CA VAL A 719 -13.93 -31.26 19.33
C VAL A 719 -14.22 -32.37 18.34
N GLU A 720 -15.33 -32.28 17.63
CA GLU A 720 -15.86 -33.43 16.84
C GLU A 720 -15.99 -33.10 15.35
N PRO A 721 -15.52 -34.00 14.44
CA PRO A 721 -15.70 -33.68 13.02
C PRO A 721 -17.19 -33.65 12.62
N SER A 722 -18.03 -34.37 13.36
CA SER A 722 -19.44 -34.42 13.05
C SER A 722 -20.18 -33.06 13.16
N TRP A 723 -19.63 -32.13 13.95
CA TRP A 723 -20.14 -30.75 13.97
C TRP A 723 -20.18 -30.08 12.63
N PHE A 724 -19.26 -30.51 11.76
CA PHE A 724 -18.96 -29.83 10.51
C PHE A 724 -19.57 -30.54 9.34
N GLY A 725 -20.36 -31.59 9.60
CA GLY A 725 -20.89 -32.43 8.57
C GLY A 725 -19.64 -33.09 8.02
N PHE A 726 -19.32 -32.74 6.79
CA PHE A 726 -18.15 -33.33 6.14
C PHE A 726 -17.26 -32.24 5.53
N LEU A 727 -17.30 -31.06 6.15
CA LEU A 727 -16.70 -29.84 5.59
C LEU A 727 -15.62 -29.19 6.49
N ALA A 728 -15.14 -29.91 7.52
CA ALA A 728 -14.11 -29.35 8.44
C ALA A 728 -12.81 -29.00 7.72
N GLY A 729 -12.50 -29.73 6.66
CA GLY A 729 -11.32 -29.44 5.82
C GLY A 729 -11.32 -28.10 5.09
N SER A 730 -12.48 -27.43 5.01
CA SER A 730 -12.61 -26.10 4.39
C SER A 730 -12.23 -24.95 5.32
N LEU A 731 -12.19 -25.19 6.62
CA LEU A 731 -11.90 -24.09 7.55
C LEU A 731 -10.47 -23.63 7.39
N GLU A 732 -10.25 -22.32 7.36
CA GLU A 732 -8.92 -21.74 7.43
C GLU A 732 -8.45 -21.42 8.85
N VAL A 733 -9.41 -21.09 9.72
CA VAL A 733 -9.11 -20.85 11.12
C VAL A 733 -10.13 -21.58 11.98
N LEU A 734 -9.66 -22.40 12.92
CA LEU A 734 -10.49 -23.05 13.90
C LEU A 734 -9.81 -22.90 15.24
N ASP A 735 -10.26 -21.99 16.07
CA ASP A 735 -9.62 -21.77 17.36
C ASP A 735 -10.40 -22.48 18.45
N VAL A 736 -9.73 -23.42 19.11
CA VAL A 736 -10.30 -24.23 20.18
C VAL A 736 -9.51 -24.14 21.48
N SER A 737 -8.70 -23.09 21.61
CA SER A 737 -7.90 -22.85 22.82
C SER A 737 -8.81 -22.54 23.99
N ALA A 738 -8.30 -22.76 25.19
CA ALA A 738 -8.99 -22.36 26.42
C ALA A 738 -10.35 -23.04 26.56
N ASN A 739 -10.37 -24.31 26.18
CA ASN A 739 -11.48 -25.18 26.44
C ASN A 739 -11.00 -26.36 27.28
N PRO A 740 -11.86 -26.87 28.19
CA PRO A 740 -11.49 -27.96 29.10
C PRO A 740 -11.56 -29.35 28.44
N LEU A 741 -10.74 -29.55 27.43
CA LEU A 741 -10.77 -30.79 26.68
C LEU A 741 -10.47 -32.00 27.58
N HIS A 742 -11.19 -33.10 27.35
CA HIS A 742 -11.05 -34.28 28.16
C HIS A 742 -9.99 -35.17 27.49
N CYS A 743 -8.81 -35.20 28.08
CA CYS A 743 -7.66 -35.85 27.49
C CYS A 743 -7.53 -37.30 27.92
N ALA A 744 -8.56 -38.06 27.60
CA ALA A 744 -8.56 -39.51 27.83
C ALA A 744 -7.67 -40.13 26.78
N CYS A 745 -7.05 -41.28 27.07
CA CYS A 745 -6.23 -41.94 26.06
C CYS A 745 -7.18 -42.32 24.92
N GLY A 746 -6.72 -42.14 23.69
CA GLY A 746 -7.52 -42.39 22.53
C GLY A 746 -8.65 -41.42 22.29
N ALA A 747 -8.67 -40.26 22.95
CA ALA A 747 -9.74 -39.29 22.76
C ALA A 747 -9.80 -38.93 21.31
N ALA A 748 -11.01 -38.89 20.75
CA ALA A 748 -11.21 -38.69 19.32
C ALA A 748 -10.76 -37.33 18.80
N PHE A 749 -10.87 -36.28 19.62
CA PHE A 749 -10.48 -34.92 19.17
C PHE A 749 -9.01 -34.83 18.73
N VAL A 750 -8.15 -35.67 19.29
CA VAL A 750 -6.74 -35.59 18.93
C VAL A 750 -6.56 -35.83 17.43
N ASP A 751 -7.08 -36.94 16.93
CA ASP A 751 -6.94 -37.22 15.51
C ASP A 751 -7.57 -36.14 14.62
N PHE A 752 -8.71 -35.60 15.07
CA PHE A 752 -9.38 -34.58 14.32
C PHE A 752 -8.49 -33.33 14.22
N LEU A 753 -7.95 -32.88 15.35
CA LEU A 753 -7.12 -31.66 15.36
C LEU A 753 -5.85 -31.81 14.50
N LEU A 754 -5.26 -33.02 14.50
CA LEU A 754 -4.13 -33.31 13.60
C LEU A 754 -4.53 -33.24 12.14
N GLN A 755 -5.72 -33.76 11.78
CA GLN A 755 -6.22 -33.63 10.41
C GLN A 755 -6.38 -32.17 9.97
N VAL A 756 -6.81 -31.28 10.87
CA VAL A 756 -7.06 -29.89 10.48
C VAL A 756 -6.01 -28.94 11.06
N GLN A 757 -4.84 -29.47 11.40
CA GLN A 757 -3.85 -28.74 12.20
C GLN A 757 -3.41 -27.42 11.62
N ALA A 758 -3.37 -27.33 10.30
CA ALA A 758 -3.00 -26.08 9.63
C ALA A 758 -3.96 -24.92 9.98
N ALA A 759 -5.22 -25.24 10.35
CA ALA A 759 -6.21 -24.24 10.69
C ALA A 759 -6.25 -23.85 12.16
N VAL A 760 -5.52 -24.57 13.01
CA VAL A 760 -5.65 -24.39 14.47
C VAL A 760 -4.51 -23.58 15.05
N PRO A 761 -4.78 -22.31 15.44
CA PRO A 761 -3.68 -21.48 15.97
C PRO A 761 -3.23 -21.96 17.35
N GLY A 762 -1.93 -21.93 17.58
CA GLY A 762 -1.41 -22.35 18.86
C GLY A 762 -1.56 -23.80 19.19
N LEU A 763 -1.75 -24.67 18.18
CA LEU A 763 -2.06 -26.10 18.48
C LEU A 763 -1.03 -26.75 19.42
N PRO A 764 0.25 -26.52 19.20
CA PRO A 764 1.23 -27.18 20.05
C PRO A 764 1.23 -26.82 21.52
N SER A 765 0.79 -25.63 21.88
CA SER A 765 0.88 -25.18 23.26
C SER A 765 -0.39 -24.66 23.91
N ARG A 766 -1.32 -24.06 23.17
CA ARG A 766 -2.47 -23.38 23.78
C ARG A 766 -3.78 -24.16 23.78
N VAL A 767 -3.73 -25.36 23.22
CA VAL A 767 -4.88 -26.26 23.25
C VAL A 767 -4.59 -27.21 24.39
N LYS A 768 -5.39 -27.06 25.46
CA LYS A 768 -5.08 -27.69 26.72
C LYS A 768 -6.18 -28.57 27.24
N CYS A 769 -5.77 -29.48 28.12
CA CYS A 769 -6.67 -30.41 28.81
C CYS A 769 -7.32 -29.76 30.02
N GLY A 770 -8.60 -30.07 30.24
CA GLY A 770 -9.31 -29.76 31.48
C GLY A 770 -9.38 -30.93 32.46
N SER A 771 -9.04 -32.14 31.99
CA SER A 771 -9.19 -33.39 32.72
C SER A 771 -8.50 -34.48 31.87
N PRO A 772 -8.25 -35.68 32.40
CA PRO A 772 -8.41 -36.08 33.80
C PRO A 772 -7.24 -35.72 34.67
N GLY A 773 -7.43 -35.81 35.98
CA GLY A 773 -6.36 -35.63 36.98
C GLY A 773 -5.26 -34.64 36.65
N GLN A 774 -4.02 -35.14 36.58
CA GLN A 774 -2.86 -34.24 36.50
C GLN A 774 -2.63 -33.65 35.11
N LEU A 775 -3.40 -34.11 34.13
CA LEU A 775 -3.36 -33.48 32.80
C LEU A 775 -4.03 -32.10 32.77
N GLN A 776 -4.89 -31.80 33.76
CA GLN A 776 -5.61 -30.52 33.78
C GLN A 776 -4.61 -29.39 33.71
N GLY A 777 -4.80 -28.51 32.74
CA GLY A 777 -3.90 -27.37 32.54
C GLY A 777 -2.68 -27.56 31.66
N ARG A 778 -2.47 -28.79 31.18
N ARG A 778 -2.47 -28.79 31.18
CA ARG A 778 -1.33 -29.10 30.32
CA ARG A 778 -1.33 -29.11 30.32
C ARG A 778 -1.75 -29.19 28.85
C ARG A 778 -1.74 -29.20 28.86
N SER A 779 -0.78 -29.01 27.96
CA SER A 779 -1.00 -29.18 26.54
C SER A 779 -1.53 -30.59 26.30
N ILE A 780 -2.38 -30.70 25.29
CA ILE A 780 -2.85 -31.99 24.83
C ILE A 780 -1.71 -32.85 24.29
N PHE A 781 -0.58 -32.24 23.98
CA PHE A 781 0.62 -32.97 23.59
C PHE A 781 1.62 -33.22 24.73
N ALA A 782 1.26 -32.95 25.98
CA ALA A 782 2.20 -33.18 27.09
C ALA A 782 2.49 -34.68 27.30
N GLN A 783 1.58 -35.51 26.80
CA GLN A 783 1.57 -36.98 26.91
C GLN A 783 0.98 -37.44 25.57
N ASP A 784 1.35 -38.60 25.07
CA ASP A 784 0.81 -39.05 23.77
C ASP A 784 -0.53 -39.73 24.03
N LEU A 785 -1.60 -39.04 23.63
CA LEU A 785 -2.93 -39.54 23.87
C LEU A 785 -3.38 -40.61 22.86
N ARG A 786 -2.65 -40.78 21.74
CA ARG A 786 -2.94 -41.87 20.78
C ARG A 786 -2.20 -43.10 21.30
N THR B 7 3.78 -36.23 -7.50
CA THR B 7 2.30 -36.17 -7.77
C THR B 7 1.94 -35.14 -8.86
N LEU B 8 1.01 -35.52 -9.74
CA LEU B 8 0.65 -34.68 -10.88
C LEU B 8 -0.06 -33.40 -10.48
N PRO B 9 0.13 -32.29 -11.24
CA PRO B 9 -0.74 -31.14 -11.00
C PRO B 9 -2.20 -31.61 -11.06
N PRO B 10 -3.03 -31.15 -10.12
CA PRO B 10 -4.34 -31.77 -9.89
C PRO B 10 -5.41 -31.59 -11.00
N PHE B 11 -5.29 -30.58 -11.86
CA PHE B 11 -6.34 -30.28 -12.86
C PHE B 11 -5.81 -30.22 -14.29
N LEU B 12 -4.83 -31.07 -14.59
CA LEU B 12 -4.31 -31.13 -15.93
C LEU B 12 -5.46 -31.27 -16.94
N PRO B 13 -5.41 -30.61 -18.09
CA PRO B 13 -4.32 -29.83 -18.62
C PRO B 13 -4.24 -28.38 -18.11
N CYS B 14 -5.10 -28.00 -17.17
CA CYS B 14 -5.23 -26.63 -16.68
C CYS B 14 -4.32 -26.42 -15.48
N GLU B 15 -4.31 -25.21 -14.97
CA GLU B 15 -3.45 -24.85 -13.85
C GLU B 15 -4.31 -24.34 -12.69
N LEU B 16 -4.03 -24.82 -11.48
CA LEU B 16 -4.72 -24.34 -10.29
C LEU B 16 -4.06 -23.06 -9.86
N GLN B 17 -4.83 -22.02 -9.67
CA GLN B 17 -4.32 -20.72 -9.20
C GLN B 17 -5.02 -20.40 -7.85
N PRO B 18 -4.60 -19.32 -7.18
CA PRO B 18 -5.17 -19.01 -5.86
C PRO B 18 -6.70 -18.73 -5.86
N HIS B 19 -7.33 -18.92 -4.71
CA HIS B 19 -8.76 -18.67 -4.48
C HIS B 19 -9.66 -19.62 -5.28
N GLY B 20 -9.21 -20.85 -5.49
CA GLY B 20 -10.03 -21.86 -6.15
C GLY B 20 -10.26 -21.61 -7.65
N LEU B 21 -9.34 -20.90 -8.28
CA LEU B 21 -9.38 -20.63 -9.73
C LEU B 21 -8.67 -21.77 -10.47
N VAL B 22 -9.38 -22.44 -11.37
CA VAL B 22 -8.76 -23.39 -12.28
C VAL B 22 -8.73 -22.65 -13.59
N ASN B 23 -7.52 -22.41 -14.08
CA ASN B 23 -7.31 -21.63 -15.29
C ASN B 23 -6.97 -22.55 -16.47
N CYS B 24 -7.92 -22.65 -17.39
CA CYS B 24 -7.76 -23.43 -18.62
C CYS B 24 -7.62 -22.54 -19.85
N ASN B 25 -7.16 -21.31 -19.68
CA ASN B 25 -7.12 -20.35 -20.78
C ASN B 25 -6.12 -20.75 -21.86
N TRP B 26 -6.48 -20.49 -23.11
CA TRP B 26 -5.52 -20.57 -24.24
C TRP B 26 -4.84 -21.96 -24.34
N LEU B 27 -5.63 -23.01 -24.22
CA LEU B 27 -5.14 -24.38 -24.32
C LEU B 27 -5.64 -25.11 -25.57
N PHE B 28 -6.33 -24.38 -26.46
CA PHE B 28 -6.90 -24.93 -27.68
C PHE B 28 -7.78 -26.15 -27.47
N LEU B 29 -8.53 -26.14 -26.37
CA LEU B 29 -9.41 -27.25 -26.03
C LEU B 29 -10.63 -27.19 -26.91
N LYS B 30 -11.09 -28.36 -27.34
CA LYS B 30 -12.34 -28.46 -28.13
C LYS B 30 -13.55 -28.82 -27.28
N SER B 31 -13.32 -29.24 -26.05
CA SER B 31 -14.39 -29.45 -25.11
C SER B 31 -13.94 -29.15 -23.70
N VAL B 32 -14.90 -28.96 -22.80
CA VAL B 32 -14.62 -28.70 -21.39
C VAL B 32 -13.92 -29.91 -20.80
N PRO B 33 -12.76 -29.71 -20.16
CA PRO B 33 -12.15 -30.87 -19.48
C PRO B 33 -12.98 -31.32 -18.28
N HIS B 34 -13.05 -32.63 -18.05
CA HIS B 34 -13.75 -33.16 -16.88
C HIS B 34 -12.85 -33.32 -15.61
N PHE B 35 -11.53 -33.43 -15.80
CA PHE B 35 -10.58 -33.61 -14.70
C PHE B 35 -10.73 -35.03 -14.12
N SER B 36 -9.78 -35.46 -13.32
CA SER B 36 -9.81 -36.85 -12.83
C SER B 36 -10.80 -36.93 -11.67
N ALA B 37 -11.37 -38.12 -11.46
CA ALA B 37 -12.28 -38.33 -10.32
C ALA B 37 -11.53 -38.13 -8.98
N ALA B 38 -10.20 -38.23 -9.00
CA ALA B 38 -9.36 -37.91 -7.82
C ALA B 38 -9.17 -36.41 -7.54
N ALA B 39 -9.52 -35.53 -8.46
CA ALA B 39 -9.33 -34.10 -8.24
C ALA B 39 -10.36 -33.54 -7.25
N PRO B 40 -9.99 -32.49 -6.47
CA PRO B 40 -10.93 -31.87 -5.56
C PRO B 40 -11.87 -30.90 -6.31
N ARG B 41 -12.80 -31.46 -7.06
CA ARG B 41 -13.73 -30.70 -7.89
C ARG B 41 -14.64 -29.77 -7.09
N ASP B 42 -14.91 -30.21 -5.86
CA ASP B 42 -15.53 -29.46 -4.75
C ASP B 42 -14.92 -28.11 -4.43
N ASN B 43 -13.61 -28.03 -4.48
CA ASN B 43 -12.87 -26.85 -4.07
C ASN B 43 -12.84 -25.82 -5.23
N VAL B 44 -13.33 -26.13 -6.44
CA VAL B 44 -13.24 -25.20 -7.56
C VAL B 44 -14.32 -24.15 -7.53
N THR B 45 -13.94 -22.89 -7.32
CA THR B 45 -14.91 -21.79 -7.27
C THR B 45 -14.98 -20.98 -8.54
N SER B 46 -13.93 -21.00 -9.34
CA SER B 46 -13.90 -20.25 -10.59
C SER B 46 -13.22 -21.11 -11.64
N LEU B 47 -13.79 -21.14 -12.85
CA LEU B 47 -13.24 -21.92 -13.94
C LEU B 47 -13.12 -21.03 -15.15
N SER B 48 -11.89 -20.88 -15.67
CA SER B 48 -11.64 -20.00 -16.80
C SER B 48 -11.28 -20.78 -18.03
N LEU B 49 -12.07 -20.59 -19.09
CA LEU B 49 -11.89 -21.28 -20.35
C LEU B 49 -11.74 -20.31 -21.52
N LEU B 50 -11.15 -19.15 -21.24
CA LEU B 50 -11.00 -18.05 -22.19
C LEU B 50 -10.24 -18.51 -23.42
N SER B 51 -10.77 -18.23 -24.60
CA SER B 51 -10.06 -18.38 -25.87
C SER B 51 -9.61 -19.82 -26.20
N ASN B 52 -10.38 -20.80 -25.73
CA ASN B 52 -10.25 -22.14 -26.28
C ASN B 52 -11.09 -22.20 -27.56
N ARG B 53 -11.40 -23.41 -28.06
CA ARG B 53 -12.18 -23.55 -29.27
C ARG B 53 -13.30 -24.57 -29.01
N ILE B 54 -13.97 -24.33 -27.89
CA ILE B 54 -15.12 -25.13 -27.46
C ILE B 54 -16.39 -24.63 -28.15
N HIS B 55 -16.91 -25.42 -29.07
CA HIS B 55 -18.12 -25.04 -29.82
C HIS B 55 -19.38 -25.79 -29.39
N HIS B 56 -19.25 -26.72 -28.45
CA HIS B 56 -20.37 -27.54 -27.97
C HIS B 56 -20.28 -27.66 -26.47
N LEU B 57 -21.27 -27.15 -25.74
CA LEU B 57 -21.34 -27.32 -24.28
C LEU B 57 -22.41 -28.35 -23.97
N HIS B 58 -22.16 -29.13 -22.92
CA HIS B 58 -23.01 -30.29 -22.56
C HIS B 58 -23.49 -30.22 -21.10
N ASP B 59 -24.64 -30.84 -20.86
CA ASP B 59 -25.21 -31.00 -19.50
C ASP B 59 -24.22 -31.52 -18.45
N SER B 60 -23.33 -32.41 -18.83
CA SER B 60 -22.38 -32.97 -17.83
C SER B 60 -21.10 -32.13 -17.67
N ASP B 61 -20.90 -31.09 -18.48
CA ASP B 61 -19.60 -30.40 -18.46
C ASP B 61 -19.20 -29.81 -17.10
N PHE B 62 -20.14 -29.19 -16.44
CA PHE B 62 -19.86 -28.47 -15.19
C PHE B 62 -20.54 -29.15 -14.01
N ALA B 63 -21.18 -30.29 -14.25
CA ALA B 63 -22.06 -30.95 -13.23
C ALA B 63 -21.32 -31.39 -11.98
N GLN B 64 -20.04 -31.72 -12.09
CA GLN B 64 -19.28 -32.16 -10.91
C GLN B 64 -18.63 -31.00 -10.14
N LEU B 65 -18.75 -29.76 -10.63
CA LEU B 65 -18.14 -28.59 -9.99
C LEU B 65 -19.19 -27.99 -9.06
N SER B 66 -19.39 -28.68 -7.95
CA SER B 66 -20.60 -28.45 -7.16
C SER B 66 -20.54 -27.18 -6.32
N ASN B 67 -19.37 -26.51 -6.24
CA ASN B 67 -19.34 -25.17 -5.65
C ASN B 67 -18.89 -24.07 -6.63
N LEU B 68 -19.00 -24.31 -7.94
CA LEU B 68 -18.62 -23.33 -8.97
C LEU B 68 -19.42 -22.04 -8.88
N GLN B 69 -18.71 -20.91 -8.77
CA GLN B 69 -19.31 -19.59 -8.66
C GLN B 69 -19.07 -18.69 -9.86
N LYS B 70 -17.94 -18.86 -10.54
CA LYS B 70 -17.62 -18.05 -11.70
C LYS B 70 -17.19 -18.93 -12.87
N LEU B 71 -17.70 -18.60 -14.05
CA LEU B 71 -17.39 -19.35 -15.22
C LEU B 71 -17.16 -18.42 -16.39
N ASN B 72 -15.98 -18.55 -17.00
CA ASN B 72 -15.60 -17.74 -18.14
C ASN B 72 -15.42 -18.59 -19.40
N LEU B 73 -16.31 -18.37 -20.35
CA LEU B 73 -16.33 -19.06 -21.66
C LEU B 73 -16.10 -18.13 -22.85
N LYS B 74 -15.61 -16.92 -22.56
CA LYS B 74 -15.39 -15.90 -23.58
C LYS B 74 -14.47 -16.38 -24.71
N TRP B 75 -14.79 -15.98 -25.93
CA TRP B 75 -13.93 -16.16 -27.09
C TRP B 75 -13.77 -17.60 -27.57
N ASN B 76 -14.68 -18.50 -27.17
CA ASN B 76 -14.62 -19.89 -27.61
C ASN B 76 -15.12 -20.14 -29.05
N CYS B 77 -15.98 -19.27 -29.57
CA CYS B 77 -16.67 -19.53 -30.84
C CYS B 77 -17.07 -18.19 -31.43
N PRO B 78 -16.06 -17.38 -31.81
CA PRO B 78 -16.44 -16.03 -32.17
C PRO B 78 -17.26 -15.93 -33.43
N PRO B 79 -18.24 -15.01 -33.44
CA PRO B 79 -18.91 -14.68 -34.69
C PRO B 79 -17.90 -14.28 -35.76
N ALA B 80 -18.22 -14.57 -37.02
CA ALA B 80 -17.31 -14.34 -38.14
C ALA B 80 -16.69 -12.97 -38.14
N GLY B 81 -17.48 -11.95 -37.87
CA GLY B 81 -16.95 -10.57 -37.83
C GLY B 81 -15.84 -10.32 -36.83
N LEU B 82 -15.83 -11.07 -35.72
CA LEU B 82 -14.86 -10.97 -34.66
C LEU B 82 -13.74 -12.00 -34.74
N SER B 83 -13.96 -13.07 -35.50
CA SER B 83 -12.89 -14.02 -35.79
C SER B 83 -11.73 -13.34 -36.53
N PRO B 84 -10.47 -13.55 -36.10
CA PRO B 84 -9.34 -12.93 -36.78
C PRO B 84 -9.28 -13.24 -38.25
N MET B 85 -9.73 -14.43 -38.65
CA MET B 85 -9.77 -14.80 -40.05
C MET B 85 -11.17 -14.82 -40.66
N HIS B 86 -12.12 -14.24 -39.96
CA HIS B 86 -13.53 -14.25 -40.36
C HIS B 86 -14.10 -15.64 -40.65
N PHE B 87 -13.67 -16.64 -39.88
CA PHE B 87 -14.31 -17.96 -39.92
C PHE B 87 -15.61 -17.90 -39.11
N PRO B 88 -16.69 -18.44 -39.67
CA PRO B 88 -17.94 -18.50 -38.92
C PRO B 88 -17.89 -19.46 -37.75
N CYS B 89 -18.72 -19.22 -36.74
CA CYS B 89 -18.79 -20.18 -35.61
C CYS B 89 -20.16 -20.13 -34.99
N HIS B 90 -20.72 -21.30 -34.70
N HIS B 90 -20.77 -21.30 -34.78
CA HIS B 90 -21.99 -21.40 -33.97
CA HIS B 90 -21.99 -21.43 -33.96
C HIS B 90 -21.80 -22.34 -32.78
C HIS B 90 -21.76 -22.34 -32.75
N MET B 91 -22.17 -21.86 -31.58
CA MET B 91 -22.00 -22.63 -30.34
C MET B 91 -23.34 -23.28 -29.97
N THR B 92 -23.31 -24.60 -29.79
CA THR B 92 -24.47 -25.32 -29.26
C THR B 92 -24.35 -25.48 -27.74
N ILE B 93 -25.49 -25.38 -27.08
CA ILE B 93 -25.55 -25.44 -25.63
C ILE B 93 -26.72 -26.37 -25.26
N GLU B 94 -26.40 -27.53 -24.68
CA GLU B 94 -27.41 -28.45 -24.22
C GLU B 94 -28.24 -27.77 -23.12
N PRO B 95 -29.51 -28.17 -22.98
CA PRO B 95 -30.43 -27.40 -22.14
C PRO B 95 -30.06 -27.18 -20.69
N ASN B 96 -29.39 -28.15 -20.07
CA ASN B 96 -29.09 -28.06 -18.63
C ASN B 96 -27.64 -27.70 -18.32
N THR B 97 -26.92 -27.23 -19.33
CA THR B 97 -25.49 -26.94 -19.20
C THR B 97 -25.20 -26.08 -17.97
N PHE B 98 -26.00 -25.03 -17.80
CA PHE B 98 -25.84 -24.10 -16.68
C PHE B 98 -26.80 -24.39 -15.51
N LEU B 99 -27.95 -24.97 -15.79
CA LEU B 99 -28.84 -25.36 -14.70
C LEU B 99 -28.20 -26.42 -13.82
N ALA B 100 -27.26 -27.18 -14.38
CA ALA B 100 -26.51 -28.15 -13.58
C ALA B 100 -25.56 -27.54 -12.57
N VAL B 101 -25.46 -26.20 -12.53
CA VAL B 101 -24.57 -25.48 -11.63
C VAL B 101 -25.40 -24.51 -10.80
N PRO B 102 -26.16 -25.04 -9.82
CA PRO B 102 -27.06 -24.22 -9.01
C PRO B 102 -26.35 -23.22 -8.13
N THR B 103 -25.02 -23.29 -8.01
CA THR B 103 -24.26 -22.30 -7.27
C THR B 103 -23.71 -21.17 -8.13
N LEU B 104 -23.92 -21.22 -9.45
CA LEU B 104 -23.24 -20.26 -10.33
C LEU B 104 -23.74 -18.81 -10.13
N GLU B 105 -22.79 -17.91 -9.96
CA GLU B 105 -23.05 -16.47 -9.69
C GLU B 105 -22.65 -15.56 -10.84
N GLU B 106 -21.55 -15.87 -11.55
CA GLU B 106 -21.09 -15.01 -12.63
C GLU B 106 -20.76 -15.85 -13.85
N LEU B 107 -21.31 -15.47 -15.01
CA LEU B 107 -21.11 -16.18 -16.26
C LEU B 107 -20.71 -15.21 -17.37
N ASN B 108 -19.64 -15.55 -18.07
CA ASN B 108 -19.22 -14.76 -19.23
C ASN B 108 -19.32 -15.66 -20.45
N LEU B 109 -20.28 -15.36 -21.31
CA LEU B 109 -20.51 -16.06 -22.59
C LEU B 109 -20.22 -15.19 -23.83
N SER B 110 -19.46 -14.11 -23.64
CA SER B 110 -19.25 -13.14 -24.69
C SER B 110 -18.32 -13.68 -25.81
N TYR B 111 -18.41 -13.07 -26.97
CA TYR B 111 -17.63 -13.46 -28.14
C TYR B 111 -17.84 -14.93 -28.54
N ASN B 112 -19.11 -15.29 -28.60
CA ASN B 112 -19.57 -16.64 -28.94
C ASN B 112 -20.78 -16.52 -29.84
N GLY B 113 -20.85 -17.37 -30.85
CA GLY B 113 -21.96 -17.40 -31.79
C GLY B 113 -23.16 -18.11 -31.24
N ILE B 114 -23.92 -17.43 -30.39
CA ILE B 114 -25.20 -17.93 -29.89
C ILE B 114 -26.29 -16.94 -30.25
N THR B 115 -27.48 -17.47 -30.52
CA THR B 115 -28.58 -16.62 -30.93
C THR B 115 -29.67 -16.56 -29.88
N THR B 116 -29.64 -17.42 -28.87
CA THR B 116 -30.58 -17.31 -27.75
C THR B 116 -29.89 -17.46 -26.41
N VAL B 117 -30.54 -16.96 -25.38
CA VAL B 117 -30.00 -17.03 -24.03
C VAL B 117 -30.32 -18.41 -23.48
N PRO B 118 -29.32 -19.17 -23.04
CA PRO B 118 -29.65 -20.48 -22.48
C PRO B 118 -30.33 -20.34 -21.12
N ALA B 119 -30.88 -21.44 -20.62
CA ALA B 119 -31.54 -21.42 -19.33
C ALA B 119 -30.47 -21.29 -18.29
N LEU B 120 -30.71 -20.45 -17.28
CA LEU B 120 -29.73 -20.12 -16.27
C LEU B 120 -30.24 -20.33 -14.85
N PRO B 121 -29.35 -20.69 -13.94
CA PRO B 121 -29.82 -20.87 -12.57
C PRO B 121 -30.14 -19.56 -11.88
N SER B 122 -31.09 -19.62 -10.95
CA SER B 122 -31.59 -18.46 -10.29
C SER B 122 -30.61 -17.85 -9.28
N SER B 123 -29.53 -18.56 -9.01
CA SER B 123 -28.36 -18.03 -8.29
C SER B 123 -27.62 -16.91 -9.03
N LEU B 124 -27.86 -16.74 -10.31
CA LEU B 124 -26.98 -15.87 -11.09
C LEU B 124 -27.09 -14.37 -10.74
N VAL B 125 -25.92 -13.74 -10.61
CA VAL B 125 -25.77 -12.34 -10.22
C VAL B 125 -25.25 -11.47 -11.36
N SER B 126 -24.37 -12.02 -12.19
CA SER B 126 -23.76 -11.27 -13.30
C SER B 126 -23.76 -12.14 -14.56
N LEU B 127 -24.22 -11.56 -15.66
CA LEU B 127 -24.32 -12.24 -16.95
C LEU B 127 -23.76 -11.32 -18.03
N ILE B 128 -22.76 -11.83 -18.76
CA ILE B 128 -22.16 -11.07 -19.87
C ILE B 128 -22.44 -11.86 -21.17
N LEU B 129 -23.17 -11.22 -22.06
CA LEU B 129 -23.56 -11.79 -23.37
C LEU B 129 -23.08 -10.93 -24.53
N SER B 130 -22.09 -10.09 -24.28
CA SER B 130 -21.64 -9.17 -25.33
C SER B 130 -21.02 -9.90 -26.53
N ARG B 131 -21.11 -9.28 -27.68
CA ARG B 131 -20.48 -9.84 -28.91
C ARG B 131 -20.93 -11.31 -29.13
N THR B 132 -22.22 -11.51 -28.97
CA THR B 132 -22.87 -12.74 -29.41
C THR B 132 -23.83 -12.34 -30.53
N ASN B 133 -24.72 -13.26 -30.94
CA ASN B 133 -25.69 -12.94 -32.00
C ASN B 133 -27.12 -13.01 -31.47
N ILE B 134 -27.29 -12.67 -30.19
CA ILE B 134 -28.60 -12.62 -29.56
C ILE B 134 -29.24 -11.27 -29.96
N LEU B 135 -30.34 -11.34 -30.71
CA LEU B 135 -30.96 -10.15 -31.29
C LEU B 135 -32.29 -9.76 -30.65
N GLN B 136 -32.69 -10.49 -29.60
CA GLN B 136 -33.93 -10.24 -28.92
C GLN B 136 -33.81 -10.58 -27.44
N LEU B 137 -34.40 -9.75 -26.60
CA LEU B 137 -34.60 -10.08 -25.20
C LEU B 137 -36.09 -9.91 -24.94
N ASP B 138 -36.73 -10.96 -24.47
CA ASP B 138 -38.15 -10.89 -24.11
C ASP B 138 -38.28 -11.52 -22.72
N PRO B 139 -39.49 -11.48 -22.11
CA PRO B 139 -39.62 -11.95 -20.72
C PRO B 139 -39.15 -13.38 -20.47
N THR B 140 -39.20 -14.24 -21.49
CA THR B 140 -38.72 -15.61 -21.36
C THR B 140 -37.20 -15.78 -21.54
N SER B 141 -36.49 -14.74 -21.95
CA SER B 141 -35.04 -14.84 -22.18
C SER B 141 -34.26 -15.06 -20.88
N LEU B 142 -34.75 -14.46 -19.80
CA LEU B 142 -34.05 -14.40 -18.53
C LEU B 142 -34.93 -14.82 -17.37
N THR B 143 -35.76 -15.82 -17.65
CA THR B 143 -36.72 -16.35 -16.69
C THR B 143 -36.06 -16.76 -15.41
N GLY B 144 -36.61 -16.25 -14.31
CA GLY B 144 -36.28 -16.66 -12.96
C GLY B 144 -35.04 -16.01 -12.31
N LEU B 145 -34.43 -15.02 -12.99
CA LEU B 145 -33.14 -14.49 -12.50
C LEU B 145 -33.31 -13.32 -11.51
N HIS B 146 -33.97 -13.61 -10.39
CA HIS B 146 -34.35 -12.57 -9.44
C HIS B 146 -33.19 -11.96 -8.68
N ALA B 147 -32.03 -12.63 -8.65
CA ALA B 147 -30.82 -12.08 -8.04
C ALA B 147 -29.86 -11.40 -9.05
N LEU B 148 -30.19 -11.41 -10.36
CA LEU B 148 -29.32 -10.78 -11.35
C LEU B 148 -29.17 -9.24 -11.17
N ARG B 149 -27.94 -8.81 -10.94
CA ARG B 149 -27.62 -7.41 -10.72
C ARG B 149 -26.98 -6.78 -11.97
N PHE B 150 -26.24 -7.58 -12.74
CA PHE B 150 -25.49 -7.09 -13.90
C PHE B 150 -25.90 -7.84 -15.17
N LEU B 151 -26.27 -7.08 -16.19
CA LEU B 151 -26.48 -7.63 -17.53
C LEU B 151 -25.75 -6.78 -18.55
N TYR B 152 -24.69 -7.34 -19.11
CA TYR B 152 -23.92 -6.67 -20.17
C TYR B 152 -24.18 -7.42 -21.46
N MET B 153 -24.67 -6.73 -22.47
CA MET B 153 -24.83 -7.30 -23.79
C MET B 153 -24.60 -6.21 -24.83
N ASP B 154 -23.34 -5.87 -24.97
CA ASP B 154 -22.85 -4.89 -25.95
C ASP B 154 -22.40 -5.56 -27.24
N GLY B 155 -22.56 -4.89 -28.37
CA GLY B 155 -21.82 -5.32 -29.59
C GLY B 155 -22.43 -6.53 -30.31
N ASN B 156 -23.76 -6.66 -30.27
CA ASN B 156 -24.45 -7.72 -30.99
C ASN B 156 -24.95 -7.25 -32.33
N CYS B 157 -24.78 -5.97 -32.66
CA CYS B 157 -25.14 -5.53 -33.98
C CYS B 157 -24.45 -4.22 -34.34
N TYR B 158 -23.25 -4.37 -34.89
CA TYR B 158 -22.47 -3.21 -35.33
C TYR B 158 -21.53 -3.65 -36.44
N TYR B 159 -20.67 -2.75 -36.91
CA TYR B 159 -19.85 -3.07 -38.08
C TYR B 159 -18.94 -4.32 -37.95
N LYS B 160 -18.42 -4.60 -36.75
CA LYS B 160 -17.63 -5.82 -36.56
C LYS B 160 -18.47 -7.08 -36.28
N ASN B 161 -19.78 -6.94 -36.17
CA ASN B 161 -20.67 -8.07 -35.87
C ASN B 161 -22.04 -7.68 -36.32
N PRO B 162 -22.24 -7.65 -37.64
CA PRO B 162 -23.48 -7.06 -38.14
C PRO B 162 -24.64 -8.02 -38.04
N CYS B 163 -25.85 -7.49 -38.02
CA CYS B 163 -27.05 -8.31 -37.90
C CYS B 163 -28.19 -7.90 -38.84
N GLY B 164 -28.12 -6.72 -39.45
CA GLY B 164 -29.13 -6.28 -40.45
C GLY B 164 -30.41 -5.68 -39.92
N ARG B 165 -30.50 -5.45 -38.61
CA ARG B 165 -31.69 -4.89 -37.97
C ARG B 165 -31.31 -4.37 -36.56
N ALA B 166 -32.26 -3.79 -35.84
CA ALA B 166 -32.04 -3.38 -34.47
C ALA B 166 -32.17 -4.58 -33.50
N LEU B 167 -31.37 -4.59 -32.43
CA LEU B 167 -31.66 -5.45 -31.29
C LEU B 167 -33.05 -5.09 -30.81
N GLU B 168 -33.87 -6.11 -30.48
CA GLU B 168 -35.24 -5.85 -30.03
C GLU B 168 -35.36 -6.28 -28.56
N VAL B 169 -35.57 -5.33 -27.68
CA VAL B 169 -35.82 -5.58 -26.28
C VAL B 169 -37.25 -5.16 -26.13
N ALA B 170 -38.12 -6.16 -25.90
CA ALA B 170 -39.56 -5.90 -25.85
C ALA B 170 -39.91 -4.99 -24.68
N PRO B 171 -40.92 -4.11 -24.86
CA PRO B 171 -41.38 -3.30 -23.72
C PRO B 171 -41.60 -4.18 -22.47
N GLY B 172 -41.00 -3.78 -21.36
CA GLY B 172 -41.11 -4.53 -20.12
C GLY B 172 -40.42 -5.88 -20.08
N ALA B 173 -39.63 -6.24 -21.09
CA ALA B 173 -38.99 -7.57 -21.14
C ALA B 173 -38.18 -7.88 -19.91
N LEU B 174 -37.57 -6.87 -19.29
CA LEU B 174 -36.66 -7.11 -18.22
C LEU B 174 -37.24 -6.82 -16.84
N LEU B 175 -38.54 -6.53 -16.75
CA LEU B 175 -39.17 -6.15 -15.46
C LEU B 175 -39.09 -7.23 -14.39
N GLY B 176 -39.01 -8.49 -14.81
CA GLY B 176 -38.80 -9.60 -13.87
C GLY B 176 -37.45 -9.60 -13.14
N LEU B 177 -36.46 -8.82 -13.63
CA LEU B 177 -35.17 -8.69 -12.97
C LEU B 177 -35.21 -7.55 -11.96
N GLY B 178 -35.87 -7.83 -10.83
CA GLY B 178 -36.13 -6.80 -9.86
C GLY B 178 -34.94 -6.38 -9.05
N ASN B 179 -33.81 -7.07 -9.22
CA ASN B 179 -32.55 -6.67 -8.63
C ASN B 179 -31.57 -6.06 -9.62
N LEU B 180 -31.97 -5.85 -10.87
CA LEU B 180 -31.03 -5.39 -11.89
C LEU B 180 -30.59 -3.95 -11.65
N THR B 181 -29.29 -3.76 -11.48
CA THR B 181 -28.71 -2.45 -11.25
C THR B 181 -27.82 -1.95 -12.39
N HIS B 182 -27.24 -2.85 -13.19
CA HIS B 182 -26.34 -2.42 -14.29
C HIS B 182 -26.86 -3.06 -15.58
N LEU B 183 -27.15 -2.22 -16.58
CA LEU B 183 -27.52 -2.67 -17.91
C LEU B 183 -26.70 -1.95 -18.97
N SER B 184 -26.02 -2.72 -19.79
CA SER B 184 -25.21 -2.17 -20.86
C SER B 184 -25.69 -2.77 -22.16
N LEU B 185 -26.08 -1.91 -23.07
CA LEU B 185 -26.56 -2.33 -24.40
C LEU B 185 -25.96 -1.46 -25.51
N LYS B 186 -24.65 -1.32 -25.43
CA LYS B 186 -23.90 -0.52 -26.43
C LYS B 186 -23.79 -1.25 -27.78
N TYR B 187 -23.62 -0.52 -28.87
CA TYR B 187 -23.23 -1.12 -30.18
C TYR B 187 -24.22 -2.19 -30.64
N ASN B 188 -25.51 -1.86 -30.51
CA ASN B 188 -26.61 -2.81 -30.80
C ASN B 188 -27.60 -2.29 -31.87
N ASN B 189 -27.24 -1.21 -32.55
CA ASN B 189 -28.04 -0.65 -33.61
C ASN B 189 -29.44 -0.23 -33.13
N LEU B 190 -29.55 0.16 -31.87
CA LEU B 190 -30.82 0.71 -31.35
C LEU B 190 -31.10 2.06 -31.91
N THR B 191 -32.39 2.35 -32.13
CA THR B 191 -32.86 3.68 -32.48
C THR B 191 -33.75 4.27 -31.41
N THR B 192 -34.20 3.48 -30.43
CA THR B 192 -34.92 3.98 -29.29
C THR B 192 -34.46 3.28 -28.03
N VAL B 193 -34.71 3.92 -26.91
CA VAL B 193 -34.44 3.34 -25.61
C VAL B 193 -35.52 2.28 -25.36
N PRO B 194 -35.13 1.06 -24.95
CA PRO B 194 -36.12 0.06 -24.55
C PRO B 194 -37.10 0.61 -23.47
N ARG B 195 -38.38 0.27 -23.62
CA ARG B 195 -39.49 0.73 -22.77
C ARG B 195 -39.61 -0.08 -21.48
N SER B 196 -40.01 0.61 -20.41
CA SER B 196 -40.33 -0.03 -19.15
C SER B 196 -39.20 -0.93 -18.68
N LEU B 197 -38.01 -0.35 -18.60
CA LEU B 197 -36.85 -0.98 -17.99
C LEU B 197 -36.98 -1.04 -16.46
N PRO B 198 -36.24 -1.95 -15.80
CA PRO B 198 -36.34 -2.13 -14.35
C PRO B 198 -36.04 -0.86 -13.54
N PRO B 199 -36.98 -0.41 -12.67
CA PRO B 199 -36.73 0.83 -11.90
C PRO B 199 -35.60 0.72 -10.88
N SER B 200 -35.14 -0.49 -10.62
CA SER B 200 -33.95 -0.70 -9.80
C SER B 200 -32.64 -0.23 -10.51
N LEU B 201 -32.66 0.07 -11.79
CA LEU B 201 -31.39 0.40 -12.48
C LEU B 201 -30.65 1.60 -11.90
N GLU B 202 -29.37 1.39 -11.71
CA GLU B 202 -28.42 2.42 -11.30
C GLU B 202 -27.46 2.83 -12.44
N TYR B 203 -27.14 1.93 -13.36
CA TYR B 203 -26.20 2.17 -14.48
C TYR B 203 -26.89 1.72 -15.75
N LEU B 204 -27.10 2.66 -16.68
CA LEU B 204 -27.72 2.38 -17.96
C LEU B 204 -26.79 2.91 -19.04
N LEU B 205 -26.21 2.01 -19.83
CA LEU B 205 -25.18 2.36 -20.82
C LEU B 205 -25.68 2.02 -22.22
N LEU B 206 -25.90 3.05 -23.01
CA LEU B 206 -26.55 2.96 -24.30
C LEU B 206 -25.71 3.59 -25.41
N SER B 207 -24.41 3.71 -25.18
CA SER B 207 -23.58 4.38 -26.16
C SER B 207 -23.40 3.65 -27.48
N TYR B 208 -23.08 4.42 -28.53
CA TYR B 208 -22.77 3.88 -29.85
C TYR B 208 -23.90 3.04 -30.42
N ASN B 209 -25.12 3.53 -30.22
CA ASN B 209 -26.27 3.05 -30.98
C ASN B 209 -26.63 4.18 -31.96
N HIS B 210 -27.90 4.28 -32.34
CA HIS B 210 -28.35 5.38 -33.20
C HIS B 210 -29.59 6.00 -32.63
N ILE B 211 -29.56 6.22 -31.32
CA ILE B 211 -30.64 6.86 -30.61
C ILE B 211 -30.39 8.37 -30.72
N VAL B 212 -31.14 9.04 -31.61
CA VAL B 212 -30.85 10.44 -31.95
C VAL B 212 -31.88 11.44 -31.40
N THR B 213 -32.91 10.90 -30.75
CA THR B 213 -33.93 11.69 -30.05
C THR B 213 -34.07 11.14 -28.68
N LEU B 214 -34.09 12.04 -27.69
CA LEU B 214 -34.40 11.71 -26.30
C LEU B 214 -35.36 12.69 -25.67
N ALA B 215 -36.18 12.15 -24.77
CA ALA B 215 -37.23 12.90 -24.09
C ALA B 215 -37.50 12.21 -22.74
N PRO B 216 -38.14 12.92 -21.79
CA PRO B 216 -38.32 12.33 -20.45
C PRO B 216 -38.97 10.95 -20.45
N GLU B 217 -39.89 10.72 -21.38
CA GLU B 217 -40.59 9.44 -21.52
C GLU B 217 -39.64 8.27 -21.78
N ASP B 218 -38.47 8.56 -22.39
CA ASP B 218 -37.48 7.52 -22.67
C ASP B 218 -36.78 6.98 -21.44
N LEU B 219 -36.89 7.69 -20.32
CA LEU B 219 -36.21 7.35 -19.07
C LEU B 219 -37.22 7.18 -17.92
N ALA B 220 -38.46 6.83 -18.28
CA ALA B 220 -39.59 6.78 -17.32
C ALA B 220 -39.30 5.84 -16.17
N ASN B 221 -39.53 6.31 -14.96
CA ASN B 221 -39.39 5.52 -13.75
C ASN B 221 -37.96 5.12 -13.37
N LEU B 222 -36.95 5.64 -14.07
CA LEU B 222 -35.56 5.26 -13.81
C LEU B 222 -34.91 6.20 -12.81
N THR B 223 -35.59 6.40 -11.68
CA THR B 223 -35.23 7.44 -10.74
C THR B 223 -34.10 7.02 -9.84
N ALA B 224 -33.70 5.74 -9.86
CA ALA B 224 -32.53 5.30 -9.12
C ALA B 224 -31.20 5.49 -9.92
N LEU B 225 -31.27 5.94 -11.15
CA LEU B 225 -30.06 6.03 -12.00
C LEU B 225 -28.98 6.89 -11.37
N ARG B 226 -27.79 6.33 -11.30
CA ARG B 226 -26.57 7.02 -10.93
C ARG B 226 -25.66 7.37 -12.14
N VAL B 227 -25.66 6.50 -13.16
CA VAL B 227 -24.87 6.76 -14.38
C VAL B 227 -25.74 6.48 -15.59
N LEU B 228 -25.79 7.46 -16.49
CA LEU B 228 -26.46 7.33 -17.78
C LEU B 228 -25.46 7.69 -18.87
N ASP B 229 -25.21 6.75 -19.79
CA ASP B 229 -24.30 6.94 -20.91
C ASP B 229 -25.05 6.81 -22.21
N VAL B 230 -25.22 7.94 -22.88
CA VAL B 230 -25.91 7.99 -24.18
C VAL B 230 -25.00 8.56 -25.27
N GLY B 231 -23.70 8.51 -25.02
CA GLY B 231 -22.73 9.08 -25.91
C GLY B 231 -22.56 8.29 -27.21
N GLY B 232 -22.02 8.96 -28.24
CA GLY B 232 -21.68 8.29 -29.48
C GLY B 232 -22.89 7.84 -30.30
N ASN B 233 -24.06 8.44 -30.06
CA ASN B 233 -25.27 8.09 -30.82
C ASN B 233 -25.52 9.01 -32.00
N CYS B 234 -24.81 10.13 -32.07
CA CYS B 234 -24.92 11.10 -33.17
C CYS B 234 -23.54 11.70 -33.41
N ARG B 235 -22.75 10.97 -34.19
CA ARG B 235 -21.31 11.13 -34.20
C ARG B 235 -20.80 12.20 -35.18
N ARG B 236 -19.63 12.75 -34.83
CA ARG B 236 -18.89 13.59 -35.76
C ARG B 236 -17.81 12.69 -36.36
N CYS B 237 -18.02 12.28 -37.60
CA CYS B 237 -17.11 11.34 -38.22
C CYS B 237 -15.76 11.93 -38.61
N ASP B 238 -15.65 13.27 -38.66
CA ASP B 238 -14.32 13.88 -38.90
C ASP B 238 -13.28 13.55 -37.84
N HIS B 239 -13.69 13.22 -36.65
CA HIS B 239 -12.78 12.74 -35.60
C HIS B 239 -12.71 11.20 -35.47
N ALA B 240 -13.52 10.43 -36.22
CA ALA B 240 -13.61 9.01 -35.98
C ALA B 240 -12.33 8.25 -36.35
N ARG B 241 -11.97 7.27 -35.51
CA ARG B 241 -10.86 6.36 -35.88
C ARG B 241 -11.39 5.09 -36.58
N ASN B 242 -12.69 4.90 -36.51
CA ASN B 242 -13.32 3.68 -36.96
C ASN B 242 -14.45 3.97 -37.95
N PRO B 243 -15.02 2.91 -38.53
CA PRO B 243 -16.12 3.19 -39.44
C PRO B 243 -17.21 3.98 -38.72
N CYS B 244 -17.86 4.93 -39.40
CA CYS B 244 -18.67 5.95 -38.73
C CYS B 244 -19.73 6.45 -39.70
N VAL B 245 -20.95 6.66 -39.21
CA VAL B 245 -21.99 7.36 -39.99
C VAL B 245 -22.36 8.65 -39.31
N GLU B 246 -22.42 9.73 -40.09
CA GLU B 246 -22.54 11.09 -39.55
C GLU B 246 -23.91 11.28 -38.91
N CYS B 247 -23.90 12.01 -37.80
CA CYS B 247 -25.15 12.49 -37.21
C CYS B 247 -25.99 13.16 -38.30
N PRO B 248 -27.26 12.78 -38.47
CA PRO B 248 -28.03 13.49 -39.54
C PRO B 248 -28.26 14.96 -39.21
N HIS B 249 -28.43 15.74 -40.27
N HIS B 249 -28.41 15.75 -40.28
CA HIS B 249 -28.73 17.16 -40.16
CA HIS B 249 -28.72 17.17 -40.17
C HIS B 249 -29.93 17.38 -39.22
C HIS B 249 -29.93 17.38 -39.22
N LYS B 250 -29.85 18.39 -38.37
CA LYS B 250 -30.93 18.74 -37.39
C LYS B 250 -31.09 17.79 -36.19
N PHE B 251 -30.11 16.90 -35.99
CA PHE B 251 -30.09 16.00 -34.87
C PHE B 251 -28.79 16.22 -34.10
N PRO B 252 -28.70 15.74 -32.85
CA PRO B 252 -29.77 15.10 -32.14
C PRO B 252 -30.80 16.11 -31.61
N GLN B 253 -31.91 15.58 -31.11
CA GLN B 253 -32.95 16.36 -30.46
C GLN B 253 -33.12 15.82 -29.02
N LEU B 254 -32.59 16.56 -28.05
CA LEU B 254 -32.70 16.21 -26.63
C LEU B 254 -33.58 17.20 -25.95
N HIS B 255 -34.71 16.73 -25.48
CA HIS B 255 -35.72 17.58 -24.82
C HIS B 255 -35.10 18.23 -23.59
N SER B 256 -35.53 19.46 -23.31
CA SER B 256 -35.12 20.20 -22.13
C SER B 256 -35.14 19.42 -20.83
N ASP B 257 -36.16 18.57 -20.68
CA ASP B 257 -36.47 17.95 -19.41
C ASP B 257 -36.15 16.47 -19.41
N THR B 258 -35.39 16.01 -20.42
CA THR B 258 -35.03 14.63 -20.53
C THR B 258 -34.51 14.00 -19.22
N PHE B 259 -33.63 14.72 -18.52
CA PHE B 259 -32.90 14.18 -17.40
C PHE B 259 -33.44 14.65 -16.04
N SER B 260 -34.55 15.41 -16.05
CA SER B 260 -34.93 16.25 -14.90
C SER B 260 -35.48 15.46 -13.69
N HIS B 261 -35.87 14.21 -13.90
CA HIS B 261 -36.31 13.31 -12.83
C HIS B 261 -35.19 12.41 -12.27
N LEU B 262 -33.96 12.54 -12.78
CA LEU B 262 -32.89 11.66 -12.39
C LEU B 262 -32.15 12.27 -11.23
N SER B 263 -32.83 12.39 -10.07
CA SER B 263 -32.26 13.15 -8.97
C SER B 263 -31.03 12.52 -8.33
N ARG B 264 -30.81 11.22 -8.54
CA ARG B 264 -29.67 10.56 -7.97
C ARG B 264 -28.47 10.53 -8.94
N LEU B 265 -28.63 11.12 -10.12
CA LEU B 265 -27.62 10.98 -11.20
C LEU B 265 -26.30 11.56 -10.77
N GLU B 266 -25.24 10.77 -10.88
CA GLU B 266 -23.86 11.16 -10.56
C GLU B 266 -23.02 11.35 -11.81
N GLY B 267 -23.28 10.57 -12.86
CA GLY B 267 -22.46 10.60 -14.06
C GLY B 267 -23.33 10.64 -15.28
N LEU B 268 -23.04 11.56 -16.19
CA LEU B 268 -23.79 11.72 -17.43
C LEU B 268 -22.80 11.83 -18.60
N VAL B 269 -22.94 10.95 -19.60
CA VAL B 269 -22.02 10.91 -20.73
C VAL B 269 -22.80 11.30 -21.97
N LEU B 270 -22.46 12.46 -22.51
CA LEU B 270 -23.03 13.00 -23.75
C LEU B 270 -21.94 13.26 -24.79
N LYS B 271 -20.88 12.44 -24.73
CA LYS B 271 -19.81 12.61 -25.69
C LYS B 271 -20.27 12.25 -27.09
N ASP B 272 -19.59 12.80 -28.07
CA ASP B 272 -19.74 12.43 -29.50
C ASP B 272 -21.23 12.40 -29.85
N SER B 273 -21.91 13.51 -29.56
CA SER B 273 -23.33 13.69 -29.80
C SER B 273 -23.66 14.89 -30.72
N SER B 274 -22.65 15.42 -31.42
CA SER B 274 -22.76 16.55 -32.32
C SER B 274 -23.48 17.75 -31.69
N LEU B 275 -23.23 18.00 -30.40
CA LEU B 275 -23.80 19.15 -29.69
C LEU B 275 -23.11 20.45 -29.97
N TYR B 276 -23.85 21.44 -30.48
CA TYR B 276 -23.32 22.79 -30.70
C TYR B 276 -23.71 23.75 -29.56
N GLN B 277 -24.76 23.41 -28.81
CA GLN B 277 -25.25 24.22 -27.71
C GLN B 277 -25.60 23.36 -26.50
N LEU B 278 -25.49 23.91 -25.31
CA LEU B 278 -25.90 23.24 -24.11
C LEU B 278 -27.15 23.87 -23.53
N ASN B 279 -28.19 23.07 -23.39
CA ASN B 279 -29.43 23.57 -22.79
C ASN B 279 -29.25 23.50 -21.29
N PRO B 280 -29.25 24.66 -20.62
CA PRO B 280 -29.11 24.59 -19.16
C PRO B 280 -30.15 23.75 -18.48
N ARG B 281 -31.33 23.61 -19.06
CA ARG B 281 -32.37 22.75 -18.46
C ARG B 281 -31.98 21.26 -18.39
N TRP B 282 -31.08 20.80 -19.25
CA TRP B 282 -30.56 19.44 -19.14
C TRP B 282 -29.95 19.13 -17.78
N PHE B 283 -29.40 20.14 -17.11
CA PHE B 283 -28.68 19.97 -15.85
C PHE B 283 -29.49 20.37 -14.61
N ARG B 284 -30.68 20.93 -14.82
CA ARG B 284 -31.63 21.24 -13.74
C ARG B 284 -32.09 20.02 -13.00
N GLY B 285 -32.02 20.09 -11.69
CA GLY B 285 -32.44 18.97 -10.85
C GLY B 285 -31.39 17.87 -10.74
N LEU B 286 -30.21 18.05 -11.36
CA LEU B 286 -29.10 17.09 -11.22
C LEU B 286 -28.13 17.51 -10.12
N GLY B 287 -28.65 17.57 -8.89
CA GLY B 287 -27.90 18.10 -7.75
C GLY B 287 -26.71 17.23 -7.30
N ASN B 288 -26.75 15.95 -7.64
CA ASN B 288 -25.71 15.02 -7.29
C ASN B 288 -24.67 14.81 -8.42
N LEU B 289 -24.75 15.57 -9.51
CA LEU B 289 -23.89 15.29 -10.67
C LEU B 289 -22.44 15.61 -10.35
N THR B 290 -21.58 14.59 -10.44
CA THR B 290 -20.16 14.73 -10.18
C THR B 290 -19.29 14.57 -11.43
N VAL B 291 -19.78 13.86 -12.45
CA VAL B 291 -18.99 13.60 -13.67
C VAL B 291 -19.82 13.91 -14.92
N LEU B 292 -19.29 14.76 -15.80
CA LEU B 292 -19.98 15.15 -17.03
C LEU B 292 -19.01 15.04 -18.17
N ASP B 293 -19.32 14.17 -19.13
CA ASP B 293 -18.48 13.97 -20.32
C ASP B 293 -19.16 14.56 -21.54
N LEU B 294 -18.62 15.68 -22.00
CA LEU B 294 -19.10 16.40 -23.16
C LEU B 294 -18.04 16.41 -24.29
N SER B 295 -17.16 15.42 -24.28
CA SER B 295 -16.06 15.40 -25.26
C SER B 295 -16.59 15.14 -26.66
N GLU B 296 -15.82 15.55 -27.66
CA GLU B 296 -16.05 15.25 -29.08
C GLU B 296 -17.37 15.83 -29.60
N ASN B 297 -17.81 16.96 -29.00
CA ASN B 297 -18.96 17.71 -29.51
C ASN B 297 -18.48 18.91 -30.30
N PHE B 298 -19.33 19.92 -30.55
CA PHE B 298 -18.90 21.11 -31.23
C PHE B 298 -19.07 22.32 -30.33
N LEU B 299 -18.61 22.21 -29.09
CA LEU B 299 -18.88 23.21 -28.06
C LEU B 299 -17.81 24.33 -27.92
N TYR B 300 -16.93 24.46 -28.92
CA TYR B 300 -15.86 25.49 -28.92
C TYR B 300 -16.37 26.97 -28.72
N ASP B 301 -17.51 27.32 -29.32
N ASP B 301 -17.53 27.29 -29.31
CA ASP B 301 -18.09 28.64 -29.10
CA ASP B 301 -18.15 28.61 -29.13
C ASP B 301 -18.91 28.62 -27.79
C ASP B 301 -18.94 28.63 -27.81
N CYS B 302 -19.69 27.57 -27.57
CA CYS B 302 -20.54 27.46 -26.37
C CYS B 302 -19.78 27.63 -25.06
N ILE B 303 -18.59 27.01 -24.96
CA ILE B 303 -17.80 27.15 -23.72
C ILE B 303 -17.28 28.56 -23.42
N THR B 304 -17.35 29.48 -24.38
CA THR B 304 -16.98 30.88 -24.15
C THR B 304 -18.14 31.73 -23.64
N LYS B 305 -19.36 31.23 -23.73
CA LYS B 305 -20.61 32.02 -23.44
C LYS B 305 -21.61 31.35 -22.49
N THR B 306 -21.56 30.03 -22.36
CA THR B 306 -22.64 29.31 -21.70
C THR B 306 -22.81 29.64 -20.22
N LYS B 307 -24.07 29.56 -19.77
CA LYS B 307 -24.42 29.60 -18.37
C LYS B 307 -24.84 28.23 -17.89
N ALA B 308 -24.72 27.21 -18.73
CA ALA B 308 -25.21 25.89 -18.35
C ALA B 308 -24.51 25.25 -17.19
N PHE B 309 -23.30 25.71 -16.89
CA PHE B 309 -22.54 25.28 -15.73
C PHE B 309 -22.89 26.00 -14.43
N GLN B 310 -23.70 27.07 -14.49
CA GLN B 310 -23.99 27.93 -13.32
C GLN B 310 -24.44 27.11 -12.10
N GLY B 311 -25.28 26.12 -12.32
CA GLY B 311 -25.82 25.34 -11.21
C GLY B 311 -25.01 24.19 -10.61
N LEU B 312 -23.93 23.78 -11.27
CA LEU B 312 -23.42 22.43 -11.08
C LEU B 312 -22.39 22.39 -9.94
N ALA B 313 -22.88 22.52 -8.72
CA ALA B 313 -22.01 22.83 -7.57
C ALA B 313 -21.26 21.61 -7.04
N GLN B 314 -21.70 20.43 -7.42
CA GLN B 314 -21.07 19.19 -7.04
C GLN B 314 -20.16 18.61 -8.14
N LEU B 315 -20.09 19.24 -9.30
CA LEU B 315 -19.37 18.64 -10.40
C LEU B 315 -17.86 18.57 -10.08
N ARG B 316 -17.29 17.37 -10.14
CA ARG B 316 -15.89 17.12 -9.92
C ARG B 316 -15.04 16.96 -11.19
N ARG B 317 -15.60 16.34 -12.22
CA ARG B 317 -14.81 16.05 -13.43
C ARG B 317 -15.61 16.43 -14.65
N LEU B 318 -15.03 17.27 -15.49
CA LEU B 318 -15.71 17.79 -16.68
C LEU B 318 -14.76 17.54 -17.88
N ASN B 319 -15.24 16.76 -18.83
CA ASN B 319 -14.52 16.45 -20.02
C ASN B 319 -15.07 17.27 -21.23
N LEU B 320 -14.24 18.18 -21.74
CA LEU B 320 -14.54 19.00 -22.91
C LEU B 320 -13.55 18.71 -24.03
N SER B 321 -12.89 17.55 -24.00
CA SER B 321 -11.83 17.27 -24.96
C SER B 321 -12.39 17.14 -26.36
N PHE B 322 -11.58 17.51 -27.33
CA PHE B 322 -11.91 17.41 -28.76
C PHE B 322 -13.22 18.11 -29.19
N ASN B 323 -13.53 19.21 -28.53
CA ASN B 323 -14.56 20.14 -29.00
C ASN B 323 -13.95 21.14 -29.93
N TYR B 324 -13.45 20.67 -31.08
CA TYR B 324 -12.72 21.54 -32.00
C TYR B 324 -13.63 21.89 -33.17
N HIS B 325 -13.32 23.02 -33.80
CA HIS B 325 -14.00 23.49 -35.04
C HIS B 325 -13.28 22.84 -36.22
N LYS B 326 -14.04 22.18 -37.08
CA LYS B 326 -13.48 21.56 -38.26
C LYS B 326 -12.60 22.50 -39.01
N LYS B 327 -11.41 22.02 -39.32
CA LYS B 327 -10.41 22.69 -40.15
C LYS B 327 -9.77 23.91 -39.54
N VAL B 328 -10.04 24.23 -38.28
CA VAL B 328 -9.50 25.46 -37.70
C VAL B 328 -8.89 25.25 -36.31
N SER B 329 -8.01 26.16 -35.93
CA SER B 329 -7.70 26.44 -34.58
C SER B 329 -8.01 27.92 -34.31
N PHE B 330 -8.28 28.20 -33.04
CA PHE B 330 -8.61 29.59 -32.65
C PHE B 330 -7.39 30.38 -32.22
N ALA B 331 -7.34 31.65 -32.58
CA ALA B 331 -6.30 32.55 -32.12
C ALA B 331 -6.31 32.64 -30.59
N HIS B 332 -7.52 32.71 -30.04
CA HIS B 332 -7.77 32.90 -28.62
C HIS B 332 -8.95 32.09 -28.15
N LEU B 333 -8.96 31.83 -26.85
CA LEU B 333 -10.07 31.16 -26.22
C LEU B 333 -10.25 31.74 -24.82
N THR B 334 -11.49 32.10 -24.48
CA THR B 334 -11.78 32.65 -23.16
C THR B 334 -12.92 31.88 -22.56
N LEU B 335 -12.69 31.19 -21.45
CA LEU B 335 -13.76 30.36 -20.86
C LEU B 335 -14.83 31.26 -20.27
N ALA B 336 -16.08 30.79 -20.35
CA ALA B 336 -17.25 31.53 -19.86
C ALA B 336 -17.15 31.76 -18.35
N PRO B 337 -17.67 32.91 -17.88
CA PRO B 337 -17.71 33.21 -16.45
C PRO B 337 -18.34 32.13 -15.58
N SER B 338 -19.35 31.41 -16.10
CA SER B 338 -20.03 30.37 -15.33
C SER B 338 -19.18 29.18 -14.88
N PHE B 339 -18.01 28.96 -15.51
CA PHE B 339 -17.06 27.99 -14.95
C PHE B 339 -16.65 28.31 -13.51
N GLY B 340 -16.68 29.59 -13.14
CA GLY B 340 -16.34 29.99 -11.80
C GLY B 340 -17.28 29.51 -10.71
N SER B 341 -18.46 29.01 -11.08
N SER B 341 -18.47 29.04 -11.15
CA SER B 341 -19.34 28.46 -10.07
CA SER B 341 -19.46 28.40 -10.28
C SER B 341 -19.13 26.94 -9.88
C SER B 341 -19.13 26.96 -9.90
N LEU B 342 -18.18 26.34 -10.60
CA LEU B 342 -17.90 24.93 -10.42
C LEU B 342 -16.99 24.69 -9.21
N LEU B 343 -17.51 24.90 -7.99
CA LEU B 343 -16.67 24.92 -6.81
C LEU B 343 -16.12 23.60 -6.41
N SER B 344 -16.72 22.47 -6.84
CA SER B 344 -16.19 21.17 -6.55
C SER B 344 -15.24 20.65 -7.64
N LEU B 345 -15.00 21.43 -8.68
CA LEU B 345 -14.20 20.92 -9.81
C LEU B 345 -12.79 20.50 -9.40
N GLN B 346 -12.48 19.24 -9.70
CA GLN B 346 -11.20 18.65 -9.45
C GLN B 346 -10.38 18.43 -10.72
N GLU B 347 -11.05 18.15 -11.83
CA GLU B 347 -10.37 17.74 -13.05
C GLU B 347 -11.11 18.39 -14.20
N LEU B 348 -10.38 19.08 -15.08
CA LEU B 348 -10.94 19.62 -16.29
C LEU B 348 -10.07 19.19 -17.46
N ASP B 349 -10.72 18.57 -18.44
CA ASP B 349 -10.06 18.15 -19.65
C ASP B 349 -10.47 19.05 -20.80
N MET B 350 -9.52 19.84 -21.26
CA MET B 350 -9.67 20.74 -22.40
C MET B 350 -8.68 20.38 -23.50
N HIS B 351 -8.29 19.11 -23.64
CA HIS B 351 -7.32 18.75 -24.68
C HIS B 351 -7.97 18.65 -26.04
N GLY B 352 -7.25 19.00 -27.09
CA GLY B 352 -7.78 18.84 -28.45
C GLY B 352 -8.91 19.77 -28.92
N ILE B 353 -8.96 20.98 -28.33
CA ILE B 353 -9.92 22.02 -28.74
C ILE B 353 -9.32 22.81 -29.87
N PHE B 354 -7.99 23.04 -29.81
CA PHE B 354 -7.17 23.71 -30.82
C PHE B 354 -7.29 25.24 -30.72
N PHE B 355 -6.38 25.84 -29.98
CA PHE B 355 -6.33 27.27 -29.75
C PHE B 355 -4.87 27.65 -29.51
N ARG B 356 -4.47 28.82 -30.00
CA ARG B 356 -3.02 29.07 -30.16
C ARG B 356 -2.34 29.84 -29.04
N SER B 357 -3.13 30.49 -28.19
CA SER B 357 -2.62 31.31 -27.12
C SER B 357 -3.26 30.87 -25.82
N LEU B 358 -2.45 30.68 -24.80
CA LEU B 358 -2.90 30.44 -23.44
C LEU B 358 -2.42 31.60 -22.58
N SER B 359 -3.37 32.41 -22.13
CA SER B 359 -3.06 33.62 -21.40
C SER B 359 -3.95 33.72 -20.16
N GLN B 360 -3.72 34.77 -19.39
CA GLN B 360 -4.47 35.05 -18.17
C GLN B 360 -5.99 34.94 -18.39
N LYS B 361 -6.49 35.52 -19.49
CA LYS B 361 -7.93 35.53 -19.72
C LYS B 361 -8.51 34.14 -20.02
N THR B 362 -7.70 33.24 -20.59
CA THR B 362 -8.20 31.97 -21.04
C THR B 362 -8.88 31.17 -19.94
N LEU B 363 -8.19 31.06 -18.82
CA LEU B 363 -8.61 30.22 -17.73
C LEU B 363 -9.02 31.00 -16.46
N GLN B 364 -9.22 32.30 -16.57
CA GLN B 364 -9.48 33.16 -15.39
C GLN B 364 -10.63 32.66 -14.52
N PRO B 365 -11.74 32.16 -15.11
CA PRO B 365 -12.81 31.64 -14.26
C PRO B 365 -12.45 30.44 -13.41
N LEU B 366 -11.36 29.74 -13.73
CA LEU B 366 -10.92 28.60 -12.97
C LEU B 366 -9.98 28.94 -11.84
N ALA B 367 -9.43 30.15 -11.84
CA ALA B 367 -8.23 30.47 -11.08
C ALA B 367 -8.40 30.49 -9.55
N ARG B 368 -9.64 30.57 -9.05
CA ARG B 368 -9.87 30.51 -7.60
C ARG B 368 -10.66 29.29 -7.19
N LEU B 369 -10.97 28.41 -8.13
CA LEU B 369 -11.67 27.17 -7.83
C LEU B 369 -10.82 26.33 -6.86
N PRO B 370 -11.31 26.13 -5.63
CA PRO B 370 -10.41 25.63 -4.57
C PRO B 370 -9.96 24.19 -4.62
N MET B 371 -10.68 23.31 -5.32
N MET B 371 -10.71 23.29 -5.29
CA MET B 371 -10.37 21.90 -5.38
CA MET B 371 -10.38 21.87 -5.35
C MET B 371 -9.73 21.46 -6.71
C MET B 371 -9.76 21.45 -6.72
N LEU B 372 -9.48 22.42 -7.59
CA LEU B 372 -9.02 22.10 -8.96
C LEU B 372 -7.56 21.58 -8.95
N GLN B 373 -7.41 20.30 -9.23
CA GLN B 373 -6.14 19.58 -9.12
C GLN B 373 -5.46 19.26 -10.46
N ARG B 374 -6.23 18.84 -11.45
CA ARG B 374 -5.67 18.33 -12.73
C ARG B 374 -6.29 19.10 -13.89
N LEU B 375 -5.42 19.64 -14.77
CA LEU B 375 -5.82 20.35 -15.94
C LEU B 375 -5.17 19.72 -17.16
N TYR B 376 -5.96 19.28 -18.14
CA TYR B 376 -5.44 18.65 -19.35
C TYR B 376 -5.58 19.62 -20.49
N LEU B 377 -4.46 20.10 -20.99
CA LEU B 377 -4.38 21.11 -22.05
C LEU B 377 -3.52 20.68 -23.26
N GLN B 378 -3.34 19.37 -23.36
CA GLN B 378 -2.50 18.83 -24.39
C GLN B 378 -3.17 18.92 -25.80
N MET B 379 -2.35 18.81 -26.85
CA MET B 379 -2.87 18.63 -28.23
C MET B 379 -3.75 19.80 -28.64
N ASN B 380 -3.32 21.05 -28.33
CA ASN B 380 -4.12 22.24 -28.62
C ASN B 380 -3.48 23.18 -29.64
N PHE B 381 -2.31 22.80 -30.17
CA PHE B 381 -1.51 23.65 -31.02
C PHE B 381 -1.21 25.02 -30.39
N ILE B 382 -1.06 25.06 -29.07
CA ILE B 382 -0.72 26.26 -28.38
C ILE B 382 0.73 26.65 -28.72
N ASN B 383 0.92 27.86 -29.27
CA ASN B 383 2.27 28.39 -29.56
C ASN B 383 2.78 29.52 -28.65
N GLN B 384 1.91 30.08 -27.82
CA GLN B 384 2.20 31.11 -26.83
C GLN B 384 1.49 30.73 -25.55
N ALA B 385 2.25 30.54 -24.47
CA ALA B 385 1.69 30.12 -23.18
C ALA B 385 2.35 30.88 -22.05
N GLN B 386 1.56 31.70 -21.35
CA GLN B 386 2.03 32.35 -20.13
C GLN B 386 1.88 31.38 -18.92
N LEU B 387 2.93 30.66 -18.61
CA LEU B 387 2.86 29.67 -17.55
C LEU B 387 2.68 30.27 -16.16
N GLY B 388 3.00 31.56 -16.05
CA GLY B 388 2.78 32.32 -14.83
C GLY B 388 1.33 32.36 -14.40
N ILE B 389 0.40 32.09 -15.30
CA ILE B 389 -0.99 32.11 -14.95
C ILE B 389 -1.34 31.10 -13.87
N PHE B 390 -0.57 30.01 -13.76
CA PHE B 390 -0.87 28.94 -12.83
C PHE B 390 -0.40 29.18 -11.39
N LYS B 391 0.39 30.22 -11.16
CA LYS B 391 1.05 30.37 -9.86
C LYS B 391 0.04 30.35 -8.69
N ASP B 392 -0.97 31.21 -8.82
CA ASP B 392 -1.95 31.37 -7.76
C ASP B 392 -3.16 30.42 -7.82
N PHE B 393 -3.22 29.44 -8.74
CA PHE B 393 -4.27 28.39 -8.66
C PHE B 393 -4.06 27.65 -7.33
N PRO B 394 -5.10 27.58 -6.48
CA PRO B 394 -4.82 27.14 -5.11
C PRO B 394 -4.66 25.62 -4.90
N GLY B 395 -5.14 24.76 -5.79
CA GLY B 395 -5.14 23.34 -5.53
C GLY B 395 -4.36 22.51 -6.55
N LEU B 396 -3.72 23.17 -7.50
CA LEU B 396 -3.21 22.46 -8.68
C LEU B 396 -2.09 21.48 -8.36
N ARG B 397 -2.23 20.25 -8.85
CA ARG B 397 -1.21 19.24 -8.71
C ARG B 397 -0.59 18.81 -10.05
N TYR B 398 -1.30 19.03 -11.16
CA TYR B 398 -0.87 18.40 -12.42
C TYR B 398 -1.38 19.21 -13.60
N ILE B 399 -0.47 19.64 -14.46
CA ILE B 399 -0.85 20.33 -15.70
C ILE B 399 -0.27 19.56 -16.86
N ASP B 400 -1.11 19.12 -17.78
CA ASP B 400 -0.63 18.52 -19.03
C ASP B 400 -0.69 19.52 -20.19
N LEU B 401 0.48 20.01 -20.61
CA LEU B 401 0.60 20.87 -21.77
C LEU B 401 1.43 20.22 -22.88
N SER B 402 1.45 18.90 -22.89
CA SER B 402 2.23 18.11 -23.83
C SER B 402 1.61 18.18 -25.23
N ASP B 403 2.42 17.87 -26.26
CA ASP B 403 1.93 17.85 -27.63
C ASP B 403 1.36 19.25 -27.98
N ASN B 404 2.16 20.31 -27.76
CA ASN B 404 1.79 21.68 -28.16
C ASN B 404 2.98 22.25 -28.89
N ARG B 405 2.95 23.56 -29.19
CA ARG B 405 3.97 24.23 -29.99
C ARG B 405 4.66 25.35 -29.24
N ILE B 406 4.82 25.13 -27.95
CA ILE B 406 5.45 26.10 -27.06
C ILE B 406 6.93 26.04 -27.23
N SER B 407 7.57 27.21 -27.34
CA SER B 407 9.03 27.27 -27.62
C SER B 407 9.80 28.12 -26.65
N GLY B 408 9.14 28.75 -25.69
CA GLY B 408 9.81 29.71 -24.83
C GLY B 408 8.80 30.53 -24.07
N ALA B 409 9.31 31.61 -23.47
CA ALA B 409 8.49 32.56 -22.75
C ALA B 409 7.64 33.32 -23.81
N VAL B 410 6.48 33.83 -23.39
CA VAL B 410 5.63 34.64 -24.29
C VAL B 410 6.37 35.88 -24.80
N GLU B 411 6.08 36.30 -26.03
CA GLU B 411 6.75 37.45 -26.69
C GLU B 411 6.70 38.81 -25.98
N SER B 442 12.43 -0.62 -12.60
CA SER B 442 11.85 0.45 -13.43
C SER B 442 11.71 1.78 -12.66
N GLU B 443 10.73 1.92 -11.76
CA GLU B 443 10.81 2.99 -10.75
C GLU B 443 11.99 2.87 -9.77
N ASP B 444 12.55 1.66 -9.70
CA ASP B 444 13.90 1.38 -9.16
C ASP B 444 14.93 2.37 -9.71
N PHE B 445 14.88 2.60 -11.02
CA PHE B 445 15.89 3.35 -11.73
C PHE B 445 15.45 4.79 -11.98
N MET B 446 14.16 5.05 -12.09
CA MET B 446 13.68 6.42 -12.31
C MET B 446 12.29 6.55 -11.69
N PRO B 447 12.15 7.32 -10.62
CA PRO B 447 10.85 7.45 -10.01
C PRO B 447 9.86 8.17 -10.92
N SER B 448 8.57 7.92 -10.67
CA SER B 448 7.51 8.66 -11.37
C SER B 448 7.20 9.90 -10.55
N CYS B 449 6.33 10.74 -11.10
CA CYS B 449 5.98 11.97 -10.40
C CYS B 449 4.59 11.88 -9.76
N LYS B 450 3.98 10.69 -9.76
CA LYS B 450 2.56 10.53 -9.38
C LYS B 450 2.27 11.01 -7.97
N ASN B 451 3.19 10.75 -7.05
CA ASN B 451 3.07 11.12 -5.66
C ASN B 451 3.55 12.53 -5.29
N LEU B 452 3.95 13.36 -6.26
CA LEU B 452 4.50 14.68 -6.00
C LEU B 452 3.40 15.74 -6.01
N SER B 453 3.71 16.88 -5.40
CA SER B 453 2.71 17.88 -5.16
C SER B 453 2.35 18.68 -6.42
N PHE B 454 3.30 18.86 -7.35
CA PHE B 454 3.06 19.76 -8.47
C PHE B 454 3.94 19.37 -9.65
N THR B 455 3.29 18.96 -10.74
CA THR B 455 3.96 18.43 -11.92
C THR B 455 3.42 19.20 -13.13
N LEU B 456 4.34 19.56 -14.03
CA LEU B 456 4.01 20.18 -15.30
C LEU B 456 4.59 19.32 -16.41
N ASP B 457 3.75 18.85 -17.33
CA ASP B 457 4.21 18.10 -18.49
C ASP B 457 4.24 19.04 -19.70
N LEU B 458 5.46 19.39 -20.13
CA LEU B 458 5.72 20.10 -21.38
C LEU B 458 6.44 19.25 -22.42
N SER B 459 6.25 17.94 -22.36
N SER B 459 6.29 17.93 -22.32
CA SER B 459 6.88 17.01 -23.33
CA SER B 459 6.88 17.02 -23.32
C SER B 459 6.25 17.24 -24.70
C SER B 459 6.23 17.25 -24.69
N ARG B 460 6.98 16.91 -25.75
CA ARG B 460 6.40 16.99 -27.11
C ARG B 460 5.98 18.42 -27.44
N ASN B 461 6.84 19.39 -27.07
CA ASN B 461 6.72 20.78 -27.45
C ASN B 461 7.90 21.14 -28.32
N ASN B 462 8.08 22.44 -28.58
CA ASN B 462 9.03 22.93 -29.57
C ASN B 462 10.17 23.72 -28.95
N LEU B 463 10.57 23.38 -27.72
CA LEU B 463 11.73 24.04 -27.13
C LEU B 463 13.02 23.60 -27.85
N VAL B 464 13.85 24.56 -28.19
CA VAL B 464 15.21 24.29 -28.71
C VAL B 464 16.32 24.75 -27.72
N THR B 465 16.00 25.74 -26.89
CA THR B 465 16.85 26.08 -25.74
C THR B 465 15.90 26.24 -24.56
N VAL B 466 16.44 26.27 -23.36
CA VAL B 466 15.66 26.47 -22.18
C VAL B 466 16.10 27.82 -21.64
N GLN B 467 15.17 28.74 -21.51
N GLN B 467 15.10 28.67 -21.41
CA GLN B 467 15.48 30.04 -20.92
CA GLN B 467 15.26 30.04 -20.97
C GLN B 467 14.73 30.08 -19.62
C GLN B 467 14.64 30.09 -19.59
N PRO B 468 15.35 30.59 -18.57
CA PRO B 468 14.73 30.62 -17.25
C PRO B 468 13.48 31.44 -17.13
N GLU B 469 13.35 32.52 -17.92
N GLU B 469 13.36 32.52 -17.93
CA GLU B 469 12.18 33.40 -17.82
CA GLU B 469 12.17 33.43 -17.94
C GLU B 469 10.84 32.66 -17.91
C GLU B 469 10.84 32.67 -17.93
N MET B 470 10.73 31.64 -18.76
CA MET B 470 9.45 30.92 -18.90
C MET B 470 8.97 30.20 -17.63
N PHE B 471 9.90 29.86 -16.76
CA PHE B 471 9.66 29.19 -15.46
C PHE B 471 9.65 30.13 -14.26
N ALA B 472 9.66 31.43 -14.48
CA ALA B 472 9.83 32.41 -13.37
C ALA B 472 8.84 32.33 -12.24
N GLN B 473 7.59 32.00 -12.55
N GLN B 473 7.60 32.00 -12.56
CA GLN B 473 6.55 31.92 -11.54
CA GLN B 473 6.59 31.92 -11.55
C GLN B 473 6.24 30.49 -11.11
C GLN B 473 6.19 30.49 -11.29
N LEU B 474 7.13 29.55 -11.41
CA LEU B 474 6.87 28.14 -11.20
C LEU B 474 7.82 27.53 -10.20
N SER B 475 8.27 28.33 -9.22
CA SER B 475 9.15 27.83 -8.21
C SER B 475 8.59 26.69 -7.33
N ARG B 476 7.26 26.53 -7.28
CA ARG B 476 6.64 25.47 -6.53
C ARG B 476 6.71 24.09 -7.21
N LEU B 477 7.07 24.05 -8.50
CA LEU B 477 7.11 22.78 -9.22
C LEU B 477 8.03 21.75 -8.61
N GLN B 478 7.54 20.53 -8.50
CA GLN B 478 8.35 19.38 -8.06
C GLN B 478 8.79 18.49 -9.18
N CYS B 479 8.05 18.52 -10.32
CA CYS B 479 8.35 17.66 -11.41
C CYS B 479 8.13 18.40 -12.71
N LEU B 480 9.10 18.30 -13.63
CA LEU B 480 8.97 18.95 -14.93
C LEU B 480 9.36 17.95 -15.99
N ARG B 481 8.47 17.72 -16.94
CA ARG B 481 8.75 16.83 -18.06
C ARG B 481 8.94 17.65 -19.32
N LEU B 482 10.13 17.51 -19.91
CA LEU B 482 10.48 18.19 -21.12
C LEU B 482 10.98 17.22 -22.15
N SER B 483 10.50 15.97 -22.10
CA SER B 483 10.94 14.96 -23.02
C SER B 483 10.40 15.23 -24.43
N HIS B 484 11.12 14.75 -25.44
CA HIS B 484 10.65 14.86 -26.82
C HIS B 484 10.42 16.30 -27.23
N ASN B 485 11.27 17.22 -26.76
CA ASN B 485 11.33 18.54 -27.36
C ASN B 485 12.48 18.49 -28.42
N SER B 486 13.10 19.62 -28.74
CA SER B 486 14.18 19.71 -29.70
C SER B 486 15.36 20.44 -29.08
N ILE B 487 15.57 20.22 -27.80
CA ILE B 487 16.55 20.98 -27.09
C ILE B 487 17.95 20.61 -27.51
N SER B 488 18.65 21.56 -28.10
N SER B 488 18.68 21.55 -28.09
CA SER B 488 20.00 21.36 -28.56
CA SER B 488 20.05 21.33 -28.58
C SER B 488 20.72 22.50 -27.92
C SER B 488 21.17 22.10 -27.86
N GLN B 489 20.96 22.41 -26.62
CA GLN B 489 21.68 23.41 -25.91
C GLN B 489 22.80 22.72 -25.11
N ALA B 490 23.96 23.41 -25.00
CA ALA B 490 25.04 23.05 -24.07
C ALA B 490 24.67 23.65 -22.72
N VAL B 491 23.83 22.94 -21.99
CA VAL B 491 23.35 23.39 -20.67
C VAL B 491 24.56 23.67 -19.74
N ASN B 492 24.42 24.68 -18.88
CA ASN B 492 25.57 25.14 -18.17
C ASN B 492 25.31 25.74 -16.76
N GLY B 493 24.12 25.57 -16.23
CA GLY B 493 23.79 26.02 -14.85
C GLY B 493 22.91 27.26 -14.82
N SER B 494 22.49 27.76 -15.98
CA SER B 494 21.71 29.02 -16.02
C SER B 494 20.33 28.86 -16.60
N GLN B 495 19.92 27.63 -16.92
CA GLN B 495 18.68 27.41 -17.61
C GLN B 495 17.43 27.29 -16.73
N PHE B 496 17.58 26.61 -15.59
CA PHE B 496 16.45 26.22 -14.72
C PHE B 496 16.38 26.97 -13.37
N VAL B 497 16.94 28.18 -13.34
CA VAL B 497 17.24 28.86 -12.09
C VAL B 497 16.02 29.04 -11.15
N PRO B 498 14.84 29.39 -11.68
CA PRO B 498 13.70 29.57 -10.76
C PRO B 498 13.15 28.32 -10.10
N LEU B 499 13.49 27.13 -10.62
CA LEU B 499 12.90 25.87 -10.17
C LEU B 499 13.52 25.31 -8.89
N THR B 500 13.33 26.05 -7.80
CA THR B 500 14.02 25.74 -6.55
C THR B 500 13.38 24.62 -5.77
N SER B 501 12.19 24.17 -6.15
CA SER B 501 11.60 22.98 -5.57
C SER B 501 11.75 21.70 -6.39
N LEU B 502 12.33 21.81 -7.57
CA LEU B 502 12.24 20.74 -8.54
C LEU B 502 13.04 19.50 -8.08
N GLN B 503 12.34 18.39 -7.98
CA GLN B 503 12.91 17.09 -7.62
C GLN B 503 13.20 16.18 -8.79
N VAL B 504 12.37 16.25 -9.85
CA VAL B 504 12.46 15.35 -10.97
C VAL B 504 12.44 16.17 -12.25
N LEU B 505 13.40 15.91 -13.13
CA LEU B 505 13.49 16.60 -14.42
C LEU B 505 13.72 15.54 -15.52
N ASP B 506 12.79 15.46 -16.47
CA ASP B 506 12.81 14.52 -17.55
C ASP B 506 13.17 15.28 -18.84
N LEU B 507 14.40 15.05 -19.32
CA LEU B 507 14.91 15.64 -20.54
C LEU B 507 15.15 14.59 -21.61
N SER B 508 14.49 13.45 -21.49
CA SER B 508 14.77 12.39 -22.45
C SER B 508 14.32 12.80 -23.85
N HIS B 509 14.90 12.18 -24.87
CA HIS B 509 14.57 12.43 -26.27
C HIS B 509 14.75 13.90 -26.59
N ASN B 510 15.96 14.43 -26.36
CA ASN B 510 16.32 15.78 -26.83
C ASN B 510 17.73 15.64 -27.42
N LYS B 511 18.43 16.75 -27.53
CA LYS B 511 19.83 16.77 -28.10
C LYS B 511 20.75 17.58 -27.24
N LEU B 512 20.63 17.41 -25.92
CA LEU B 512 21.47 18.18 -24.99
C LEU B 512 22.94 17.82 -25.16
N ASP B 513 23.75 18.86 -25.24
CA ASP B 513 25.18 18.69 -25.36
C ASP B 513 25.77 18.73 -23.97
N LEU B 514 26.23 17.59 -23.48
CA LEU B 514 26.82 17.48 -22.15
C LEU B 514 28.32 17.80 -22.22
N TYR B 515 28.67 18.96 -21.70
CA TYR B 515 29.99 19.56 -21.96
C TYR B 515 30.38 20.49 -20.78
N HIS B 516 29.57 21.50 -20.54
CA HIS B 516 29.86 22.47 -19.48
C HIS B 516 29.78 21.86 -18.07
N GLY B 517 30.59 22.36 -17.15
CA GLY B 517 30.77 21.68 -15.86
C GLY B 517 29.66 21.87 -14.81
N ARG B 518 28.82 22.90 -14.98
CA ARG B 518 27.82 23.20 -13.97
C ARG B 518 26.36 23.04 -14.43
N SER B 519 26.15 22.30 -15.51
N SER B 519 26.15 22.35 -15.56
CA SER B 519 24.79 21.96 -15.91
CA SER B 519 24.83 21.83 -15.92
C SER B 519 24.03 21.34 -14.74
C SER B 519 24.02 21.31 -14.72
N PHE B 520 22.82 21.85 -14.54
CA PHE B 520 21.84 21.36 -13.54
C PHE B 520 22.18 21.73 -12.09
N THR B 521 23.28 22.45 -11.86
CA THR B 521 23.63 22.85 -10.50
C THR B 521 22.71 23.92 -9.93
N GLU B 522 21.88 24.55 -10.75
CA GLU B 522 20.91 25.55 -10.26
C GLU B 522 19.61 24.95 -9.67
N LEU B 523 19.58 23.62 -9.54
CA LEU B 523 18.42 22.85 -9.10
C LEU B 523 18.77 22.23 -7.76
N PRO B 524 18.57 22.98 -6.70
CA PRO B 524 19.05 22.53 -5.39
C PRO B 524 18.35 21.33 -4.77
N ARG B 525 17.18 20.96 -5.23
CA ARG B 525 16.44 19.81 -4.75
C ARG B 525 16.37 18.63 -5.72
N LEU B 526 17.09 18.74 -6.83
CA LEU B 526 17.09 17.70 -7.84
C LEU B 526 17.52 16.32 -7.30
N GLU B 527 16.65 15.34 -7.47
CA GLU B 527 16.89 13.94 -7.14
C GLU B 527 16.93 12.97 -8.27
N ALA B 528 16.28 13.28 -9.39
CA ALA B 528 16.13 12.37 -10.50
C ALA B 528 16.22 13.13 -11.81
N LEU B 529 17.13 12.68 -12.68
CA LEU B 529 17.41 13.37 -13.90
C LEU B 529 17.47 12.35 -15.01
N ASP B 530 16.63 12.53 -16.02
CA ASP B 530 16.60 11.61 -17.15
C ASP B 530 17.17 12.31 -18.38
N LEU B 531 18.34 11.82 -18.80
CA LEU B 531 19.02 12.28 -19.98
C LEU B 531 19.11 11.22 -21.05
N SER B 532 18.18 10.26 -21.00
CA SER B 532 18.20 9.18 -21.96
C SER B 532 17.84 9.66 -23.36
N TYR B 533 18.24 8.93 -24.39
CA TYR B 533 17.90 9.31 -25.77
C TYR B 533 18.28 10.76 -26.14
N ASN B 534 19.46 11.20 -25.64
CA ASN B 534 20.13 12.41 -26.12
C ASN B 534 21.39 11.99 -26.89
N SER B 535 21.23 11.10 -27.86
CA SER B 535 22.35 10.42 -28.52
C SER B 535 23.09 11.26 -29.55
N GLN B 536 22.43 12.24 -30.15
CA GLN B 536 23.03 12.88 -31.31
C GLN B 536 24.40 13.51 -31.05
N PRO B 537 24.57 14.22 -29.92
CA PRO B 537 25.91 14.78 -29.64
C PRO B 537 26.96 13.73 -29.48
N PHE B 538 26.59 12.62 -28.82
CA PHE B 538 27.54 11.50 -28.66
C PHE B 538 27.89 10.77 -29.95
N SER B 539 27.11 10.97 -31.01
CA SER B 539 27.40 10.39 -32.32
C SER B 539 28.31 11.25 -33.18
N MET B 540 28.78 12.38 -32.68
CA MET B 540 29.60 13.31 -33.44
C MET B 540 31.04 12.87 -33.33
N ARG B 541 31.46 12.03 -34.24
CA ARG B 541 32.76 11.37 -34.14
C ARG B 541 33.88 12.42 -34.19
N GLY B 542 34.74 12.38 -33.20
CA GLY B 542 35.78 13.40 -33.09
C GLY B 542 35.49 14.55 -32.15
N VAL B 543 34.23 14.71 -31.68
CA VAL B 543 33.89 15.77 -30.77
C VAL B 543 33.53 15.10 -29.47
N GLY B 544 34.25 15.45 -28.41
CA GLY B 544 34.06 14.80 -27.11
C GLY B 544 33.07 15.49 -26.24
N HIS B 545 32.79 14.86 -25.10
CA HIS B 545 31.78 15.32 -24.16
C HIS B 545 32.24 15.17 -22.73
N ASN B 546 31.53 15.78 -21.81
CA ASN B 546 32.03 15.93 -20.44
C ASN B 546 30.90 15.70 -19.49
N LEU B 547 31.05 14.72 -18.63
CA LEU B 547 30.03 14.30 -17.64
C LEU B 547 30.44 14.65 -16.21
N SER B 548 31.41 15.54 -16.06
CA SER B 548 31.87 15.95 -14.72
C SER B 548 30.78 16.67 -13.91
N PHE B 549 29.77 17.22 -14.59
CA PHE B 549 28.68 17.85 -13.87
C PHE B 549 27.95 16.92 -12.89
N VAL B 550 27.96 15.61 -13.14
CA VAL B 550 27.27 14.66 -12.24
C VAL B 550 27.78 14.83 -10.79
N ALA B 551 29.07 15.02 -10.62
CA ALA B 551 29.70 15.21 -9.31
C ALA B 551 29.25 16.46 -8.61
N GLN B 552 28.72 17.44 -9.34
CA GLN B 552 28.28 18.72 -8.80
C GLN B 552 26.81 18.76 -8.39
N LEU B 553 26.12 17.61 -8.41
CA LEU B 553 24.70 17.54 -8.16
C LEU B 553 24.53 16.77 -6.83
N PRO B 554 24.64 17.48 -5.70
CA PRO B 554 24.85 16.75 -4.43
C PRO B 554 23.61 16.00 -3.88
N THR B 555 22.41 16.26 -4.42
CA THR B 555 21.20 15.59 -3.99
C THR B 555 20.76 14.47 -4.98
N LEU B 556 21.49 14.30 -6.08
CA LEU B 556 21.04 13.41 -7.17
C LEU B 556 21.06 11.95 -6.76
N ARG B 557 19.92 11.26 -6.93
CA ARG B 557 19.79 9.85 -6.57
C ARG B 557 19.58 8.88 -7.71
N TYR B 558 18.97 9.36 -8.81
CA TYR B 558 18.62 8.54 -9.97
C TYR B 558 19.08 9.32 -11.20
N LEU B 559 19.81 8.66 -12.08
CA LEU B 559 20.28 9.27 -13.29
C LEU B 559 20.10 8.27 -14.40
N SER B 560 19.61 8.74 -15.56
CA SER B 560 19.65 7.91 -16.75
C SER B 560 20.48 8.57 -17.85
N LEU B 561 21.44 7.79 -18.34
CA LEU B 561 22.20 8.13 -19.53
C LEU B 561 21.93 7.09 -20.61
N ALA B 562 20.76 6.48 -20.57
CA ALA B 562 20.46 5.33 -21.42
C ALA B 562 20.24 5.73 -22.86
N HIS B 563 20.63 4.83 -23.74
CA HIS B 563 20.34 4.96 -25.16
C HIS B 563 20.98 6.22 -25.74
N ASN B 564 22.19 6.52 -25.27
CA ASN B 564 22.92 7.70 -25.76
C ASN B 564 24.05 7.34 -26.73
N GLY B 565 24.29 6.05 -26.98
CA GLY B 565 25.37 5.60 -27.81
C GLY B 565 26.75 6.12 -27.36
N ILE B 566 26.98 6.28 -26.06
CA ILE B 566 28.22 6.81 -25.52
C ILE B 566 29.30 5.79 -25.80
N HIS B 567 30.34 6.20 -26.54
CA HIS B 567 31.32 5.25 -26.99
C HIS B 567 32.79 5.65 -26.94
N SER B 568 33.07 6.93 -27.03
CA SER B 568 34.42 7.44 -26.98
C SER B 568 34.44 8.93 -26.67
N ARG B 569 35.64 9.44 -26.35
CA ARG B 569 35.86 10.85 -26.01
C ARG B 569 34.86 11.39 -25.02
N VAL B 570 34.81 10.75 -23.85
CA VAL B 570 34.00 11.22 -22.71
C VAL B 570 34.83 11.16 -21.45
N SER B 571 34.30 11.75 -20.39
CA SER B 571 34.93 11.72 -19.07
C SER B 571 35.32 10.28 -18.72
N GLN B 572 36.52 10.12 -18.15
CA GLN B 572 37.00 8.83 -17.81
C GLN B 572 36.34 8.24 -16.57
N GLN B 573 35.78 9.09 -15.73
CA GLN B 573 35.12 8.67 -14.49
C GLN B 573 33.87 9.45 -14.24
N LEU B 574 32.83 8.75 -13.84
CA LEU B 574 31.63 9.36 -13.25
C LEU B 574 31.81 9.34 -11.78
N CYS B 575 31.46 10.44 -11.14
CA CYS B 575 31.66 10.59 -9.69
C CYS B 575 30.39 11.12 -9.01
N SER B 576 29.97 10.43 -7.96
CA SER B 576 28.88 10.90 -7.12
C SER B 576 28.87 10.15 -5.82
N THR B 577 28.74 10.86 -4.70
CA THR B 577 28.55 10.25 -3.39
C THR B 577 27.09 10.04 -3.06
N SER B 578 26.18 10.61 -3.87
CA SER B 578 24.77 10.54 -3.59
C SER B 578 24.03 9.53 -4.46
N LEU B 579 24.54 9.25 -5.66
CA LEU B 579 23.73 8.49 -6.63
C LEU B 579 23.48 7.06 -6.18
N TRP B 580 22.24 6.63 -6.31
CA TRP B 580 21.81 5.28 -6.02
C TRP B 580 21.58 4.41 -7.24
N ALA B 581 21.05 4.98 -8.32
CA ALA B 581 20.71 4.21 -9.52
C ALA B 581 21.17 4.91 -10.76
N LEU B 582 21.82 4.15 -11.62
CA LEU B 582 22.29 4.64 -12.93
C LEU B 582 21.86 3.67 -14.03
N ASP B 583 21.10 4.19 -14.98
CA ASP B 583 20.78 3.46 -16.20
C ASP B 583 21.77 3.86 -17.29
N PHE B 584 22.67 2.96 -17.62
CA PHE B 584 23.68 3.17 -18.68
C PHE B 584 23.43 2.21 -19.84
N SER B 585 22.22 1.67 -19.97
CA SER B 585 21.86 0.73 -21.05
C SER B 585 21.90 1.47 -22.38
N GLY B 586 22.12 0.73 -23.46
CA GLY B 586 22.10 1.31 -24.79
C GLY B 586 23.22 2.26 -25.08
N ASN B 587 24.42 1.96 -24.57
CA ASN B 587 25.63 2.68 -24.90
C ASN B 587 26.61 1.66 -25.48
N SER B 588 27.87 2.06 -25.61
N SER B 588 27.86 2.07 -25.63
CA SER B 588 28.93 1.15 -26.04
CA SER B 588 28.91 1.13 -26.00
C SER B 588 30.09 1.11 -25.07
C SER B 588 30.07 1.11 -25.08
N LEU B 589 29.80 0.62 -23.89
CA LEU B 589 30.88 0.24 -22.97
C LEU B 589 31.84 -0.75 -23.62
N SER B 590 31.38 -1.56 -24.57
N SER B 590 31.36 -1.56 -24.57
CA SER B 590 32.30 -2.45 -25.26
CA SER B 590 32.28 -2.44 -25.28
C SER B 590 33.48 -1.65 -25.83
C SER B 590 33.48 -1.64 -25.77
N GLN B 591 33.19 -0.54 -26.47
CA GLN B 591 34.22 0.30 -27.07
C GLN B 591 35.07 1.02 -26.01
N MET B 592 34.44 1.49 -24.95
CA MET B 592 35.15 2.17 -23.89
C MET B 592 36.12 1.22 -23.14
N TRP B 593 35.62 0.06 -22.78
CA TRP B 593 36.40 -0.93 -22.06
C TRP B 593 37.42 -1.65 -22.91
N ALA B 594 37.39 -1.47 -24.21
CA ALA B 594 38.49 -1.93 -25.04
C ALA B 594 39.64 -0.93 -25.15
N GLU B 595 39.49 0.33 -24.72
CA GLU B 595 40.48 1.37 -25.03
C GLU B 595 41.50 1.49 -23.92
N GLY B 596 42.28 0.43 -23.78
CA GLY B 596 43.30 0.35 -22.78
C GLY B 596 42.72 0.57 -21.40
N ASP B 597 43.40 1.35 -20.60
CA ASP B 597 42.95 1.57 -19.24
C ASP B 597 42.04 2.75 -19.03
N LEU B 598 41.68 3.46 -20.11
CA LEU B 598 41.01 4.77 -19.96
C LEU B 598 39.72 4.74 -19.11
N TYR B 599 38.89 3.76 -19.31
CA TYR B 599 37.50 3.79 -18.75
C TYR B 599 37.30 2.64 -17.75
N LEU B 600 38.38 2.00 -17.35
CA LEU B 600 38.23 0.83 -16.49
C LEU B 600 37.70 1.11 -15.12
N ARG B 601 37.75 2.35 -14.67
CA ARG B 601 37.16 2.76 -13.39
C ARG B 601 35.98 3.72 -13.58
N PHE B 602 35.29 3.66 -14.74
CA PHE B 602 34.28 4.64 -15.09
C PHE B 602 33.19 4.79 -14.04
N PHE B 603 32.78 3.66 -13.45
CA PHE B 603 31.67 3.65 -12.49
C PHE B 603 32.15 3.69 -11.01
N GLN B 604 33.45 3.56 -10.79
CA GLN B 604 33.95 3.26 -9.42
C GLN B 604 33.69 4.42 -8.46
N GLY B 605 33.69 5.65 -8.96
CA GLY B 605 33.40 6.88 -8.21
C GLY B 605 31.94 7.09 -7.77
N LEU B 606 31.05 6.17 -8.15
CA LEU B 606 29.65 6.23 -7.77
C LEU B 606 29.56 5.43 -6.44
N ARG B 607 29.93 6.11 -5.38
CA ARG B 607 30.32 5.49 -4.11
C ARG B 607 29.15 4.91 -3.34
N SER B 608 27.93 5.36 -3.61
CA SER B 608 26.74 4.85 -2.96
C SER B 608 25.82 4.07 -3.92
N LEU B 609 26.29 3.77 -5.12
CA LEU B 609 25.39 3.13 -6.10
C LEU B 609 24.91 1.76 -5.71
N ILE B 610 23.59 1.53 -5.82
CA ILE B 610 23.00 0.23 -5.53
C ILE B 610 22.42 -0.50 -6.76
N ARG B 611 22.09 0.23 -7.82
CA ARG B 611 21.56 -0.37 -9.04
C ARG B 611 22.21 0.19 -10.27
N LEU B 612 22.63 -0.70 -11.16
CA LEU B 612 23.33 -0.30 -12.37
C LEU B 612 22.81 -1.12 -13.54
N ASP B 613 22.41 -0.43 -14.59
CA ASP B 613 21.93 -1.11 -15.82
C ASP B 613 22.97 -0.97 -16.94
N LEU B 614 23.61 -2.09 -17.27
CA LEU B 614 24.61 -2.14 -18.37
C LEU B 614 24.11 -3.00 -19.54
N SER B 615 22.80 -3.08 -19.66
CA SER B 615 22.16 -3.81 -20.75
C SER B 615 22.46 -3.15 -22.09
N GLN B 616 22.45 -3.95 -23.15
CA GLN B 616 22.57 -3.43 -24.52
C GLN B 616 23.79 -2.47 -24.67
N ASN B 617 24.95 -2.95 -24.23
CA ASN B 617 26.19 -2.22 -24.38
C ASN B 617 27.17 -2.86 -25.33
N ARG B 618 26.69 -3.79 -26.11
CA ARG B 618 27.48 -4.52 -27.09
C ARG B 618 28.65 -5.32 -26.50
N LEU B 619 28.51 -5.74 -25.24
CA LEU B 619 29.63 -6.36 -24.55
C LEU B 619 29.85 -7.81 -25.02
N HIS B 620 31.02 -8.08 -25.56
CA HIS B 620 31.44 -9.43 -25.93
C HIS B 620 32.31 -10.08 -24.90
N THR B 621 32.89 -9.30 -24.00
CA THR B 621 33.75 -9.82 -22.97
C THR B 621 33.67 -8.91 -21.76
N LEU B 622 33.97 -9.46 -20.61
CA LEU B 622 34.28 -8.69 -19.42
C LEU B 622 35.58 -9.24 -18.80
N LEU B 623 36.31 -8.36 -18.12
CA LEU B 623 37.39 -8.83 -17.25
C LEU B 623 36.90 -8.90 -15.81
N PRO B 624 37.42 -9.91 -15.04
CA PRO B 624 37.19 -9.80 -13.59
C PRO B 624 37.62 -8.43 -13.03
N CYS B 625 38.78 -7.94 -13.44
CA CYS B 625 39.26 -6.64 -12.96
C CYS B 625 38.30 -5.46 -13.25
N THR B 626 37.61 -5.50 -14.39
CA THR B 626 36.58 -4.53 -14.72
C THR B 626 35.33 -4.63 -13.82
N LEU B 627 34.90 -5.84 -13.51
CA LEU B 627 33.75 -6.02 -12.60
C LEU B 627 34.08 -5.59 -11.15
N GLY B 628 35.31 -5.86 -10.75
CA GLY B 628 35.82 -5.45 -9.47
C GLY B 628 35.94 -3.95 -9.35
N ASN B 629 35.91 -3.21 -10.45
CA ASN B 629 35.91 -1.75 -10.38
C ASN B 629 34.51 -1.12 -10.33
N LEU B 630 33.46 -1.94 -10.36
CA LEU B 630 32.11 -1.44 -10.09
C LEU B 630 31.94 -1.17 -8.60
N PRO B 631 31.01 -0.29 -8.21
CA PRO B 631 30.85 0.05 -6.78
C PRO B 631 30.53 -1.13 -5.93
N LYS B 632 31.27 -1.26 -4.82
CA LYS B 632 31.07 -2.41 -3.91
C LYS B 632 29.70 -2.41 -3.28
N SER B 633 29.04 -1.24 -3.25
CA SER B 633 27.69 -1.14 -2.72
C SER B 633 26.61 -1.77 -3.62
N LEU B 634 26.93 -2.19 -4.85
CA LEU B 634 25.92 -2.63 -5.77
C LEU B 634 25.11 -3.81 -5.28
N GLN B 635 23.79 -3.67 -5.37
CA GLN B 635 22.89 -4.76 -5.13
C GLN B 635 22.30 -5.34 -6.40
N LEU B 636 22.17 -4.55 -7.46
CA LEU B 636 21.52 -5.01 -8.69
C LEU B 636 22.35 -4.59 -9.90
N LEU B 637 22.68 -5.57 -10.73
CA LEU B 637 23.44 -5.37 -11.93
C LEU B 637 22.70 -6.05 -13.09
N ARG B 638 22.37 -5.25 -14.07
CA ARG B 638 21.76 -5.78 -15.32
C ARG B 638 22.79 -5.75 -16.46
N LEU B 639 22.92 -6.89 -17.12
CA LEU B 639 23.77 -7.08 -18.30
C LEU B 639 22.98 -7.70 -19.47
N ARG B 640 21.72 -7.33 -19.56
CA ARG B 640 20.80 -7.94 -20.46
C ARG B 640 21.18 -7.60 -21.90
N ASN B 641 20.95 -8.55 -22.80
CA ASN B 641 21.05 -8.30 -24.22
C ASN B 641 22.44 -7.75 -24.65
N ASN B 642 23.50 -8.32 -24.07
CA ASN B 642 24.82 -8.13 -24.55
C ASN B 642 25.20 -9.35 -25.43
N TYR B 643 26.49 -9.62 -25.67
CA TYR B 643 26.90 -10.76 -26.47
C TYR B 643 27.88 -11.61 -25.71
N LEU B 644 27.65 -11.79 -24.42
CA LEU B 644 28.60 -12.49 -23.58
C LEU B 644 28.45 -13.99 -23.80
N ALA B 645 29.56 -14.65 -24.16
CA ALA B 645 29.55 -16.12 -24.33
C ALA B 645 30.28 -16.86 -23.23
N PHE B 646 30.76 -16.11 -22.25
CA PHE B 646 31.50 -16.64 -21.12
C PHE B 646 31.28 -15.72 -19.95
N PHE B 647 31.27 -16.26 -18.74
CA PHE B 647 31.19 -15.45 -17.55
C PHE B 647 31.98 -16.13 -16.44
N ASN B 648 32.91 -15.38 -15.88
CA ASN B 648 33.75 -15.87 -14.81
C ASN B 648 32.99 -15.69 -13.51
N TRP B 649 32.33 -16.76 -13.06
CA TRP B 649 31.42 -16.69 -11.92
C TRP B 649 32.10 -16.35 -10.60
N SER B 650 33.39 -16.69 -10.48
CA SER B 650 34.17 -16.33 -9.29
C SER B 650 34.29 -14.84 -9.07
N SER B 651 34.25 -14.05 -10.14
CA SER B 651 34.29 -12.58 -10.04
C SER B 651 33.10 -12.00 -9.24
N LEU B 652 32.01 -12.77 -9.05
CA LEU B 652 30.90 -12.32 -8.21
C LEU B 652 31.29 -12.03 -6.74
N THR B 653 32.34 -12.69 -6.26
N THR B 653 32.32 -12.70 -6.23
CA THR B 653 32.93 -12.37 -4.96
CA THR B 653 32.82 -12.35 -4.91
C THR B 653 33.38 -10.92 -4.85
C THR B 653 33.37 -10.92 -4.83
N LEU B 654 33.71 -10.32 -5.97
CA LEU B 654 34.11 -8.90 -6.01
C LEU B 654 32.94 -7.92 -5.82
N LEU B 655 31.71 -8.42 -5.88
CA LEU B 655 30.51 -7.62 -5.67
C LEU B 655 29.77 -8.22 -4.49
N PRO B 656 30.27 -8.01 -3.27
CA PRO B 656 29.78 -8.82 -2.16
C PRO B 656 28.33 -8.53 -1.75
N ASN B 657 27.79 -7.37 -2.16
CA ASN B 657 26.42 -7.01 -1.85
C ASN B 657 25.40 -7.35 -2.94
N LEU B 658 25.84 -8.00 -4.03
CA LEU B 658 24.98 -8.26 -5.15
C LEU B 658 23.87 -9.25 -4.80
N GLU B 659 22.64 -8.85 -5.05
CA GLU B 659 21.47 -9.68 -4.83
C GLU B 659 20.79 -10.14 -6.11
N THR B 660 20.87 -9.31 -7.15
CA THR B 660 20.23 -9.59 -8.41
C THR B 660 21.24 -9.42 -9.54
N LEU B 661 21.34 -10.47 -10.37
CA LEU B 661 22.20 -10.48 -11.56
C LEU B 661 21.35 -10.89 -12.73
N ASP B 662 21.20 -9.97 -13.69
CA ASP B 662 20.40 -10.24 -14.88
C ASP B 662 21.27 -10.39 -16.11
N LEU B 663 21.39 -11.62 -16.58
CA LEU B 663 22.16 -11.94 -17.77
C LEU B 663 21.30 -12.41 -18.92
N ALA B 664 20.02 -12.05 -18.91
CA ALA B 664 19.10 -12.49 -19.95
C ALA B 664 19.54 -11.96 -21.30
N GLY B 665 19.39 -12.78 -22.34
CA GLY B 665 19.64 -12.35 -23.69
C GLY B 665 21.10 -12.33 -24.08
N ASN B 666 21.96 -13.09 -23.42
CA ASN B 666 23.34 -13.22 -23.86
C ASN B 666 23.55 -14.53 -24.65
N GLN B 667 24.77 -15.03 -24.74
CA GLN B 667 25.10 -16.17 -25.60
C GLN B 667 25.83 -17.28 -24.83
N LEU B 668 25.53 -17.40 -23.54
CA LEU B 668 26.14 -18.43 -22.73
C LEU B 668 25.71 -19.79 -23.30
N LYS B 669 26.66 -20.71 -23.33
CA LYS B 669 26.44 -22.03 -23.88
C LYS B 669 26.37 -23.09 -22.81
N ALA B 670 26.65 -22.71 -21.58
CA ALA B 670 26.62 -23.63 -20.45
C ALA B 670 26.66 -22.81 -19.18
N LEU B 671 26.28 -23.43 -18.06
CA LEU B 671 26.61 -22.89 -16.74
C LEU B 671 27.73 -23.77 -16.20
N SER B 672 28.96 -23.29 -16.36
CA SER B 672 30.17 -24.06 -16.00
C SER B 672 31.29 -23.05 -15.67
N ASN B 673 32.57 -23.38 -15.88
CA ASN B 673 33.64 -22.44 -15.62
C ASN B 673 33.61 -22.01 -14.17
N GLY B 674 33.50 -23.02 -13.32
CA GLY B 674 33.39 -22.80 -11.89
C GLY B 674 31.90 -22.66 -11.60
N SER B 675 31.56 -22.69 -10.36
CA SER B 675 30.19 -22.65 -10.01
C SER B 675 29.94 -21.29 -9.37
N LEU B 676 28.70 -21.02 -8.96
CA LEU B 676 28.46 -19.83 -8.17
C LEU B 676 29.34 -19.89 -6.89
N PRO B 677 30.01 -18.78 -6.57
CA PRO B 677 31.03 -18.91 -5.55
C PRO B 677 30.46 -18.89 -4.16
N SER B 678 31.22 -19.49 -3.27
CA SER B 678 30.90 -19.55 -1.84
C SER B 678 30.71 -18.14 -1.29
N GLY B 679 29.71 -17.98 -0.44
CA GLY B 679 29.45 -16.74 0.24
C GLY B 679 28.57 -15.73 -0.51
N THR B 680 28.19 -16.03 -1.76
CA THR B 680 27.40 -15.05 -2.54
C THR B 680 26.04 -14.83 -1.94
N GLN B 681 25.61 -13.56 -1.90
CA GLN B 681 24.28 -13.16 -1.44
C GLN B 681 23.26 -13.11 -2.56
N LEU B 682 23.59 -13.70 -3.70
CA LEU B 682 22.68 -13.67 -4.81
C LEU B 682 21.33 -14.31 -4.50
N GLN B 683 20.27 -13.55 -4.76
CA GLN B 683 18.88 -14.01 -4.56
C GLN B 683 18.12 -14.28 -5.86
N ARG B 684 18.46 -13.53 -6.92
CA ARG B 684 17.81 -13.63 -8.21
C ARG B 684 18.85 -13.72 -9.31
N LEU B 685 18.75 -14.74 -10.15
CA LEU B 685 19.59 -14.90 -11.31
C LEU B 685 18.76 -15.18 -12.52
N ASP B 686 18.92 -14.35 -13.57
CA ASP B 686 18.17 -14.54 -14.82
C ASP B 686 19.21 -14.87 -15.89
N VAL B 687 19.14 -16.08 -16.42
CA VAL B 687 19.96 -16.48 -17.56
C VAL B 687 19.09 -16.96 -18.70
N SER B 688 17.91 -16.35 -18.81
CA SER B 688 16.96 -16.72 -19.85
C SER B 688 17.46 -16.22 -21.18
N ARG B 689 16.97 -16.82 -22.25
CA ARG B 689 17.32 -16.42 -23.61
C ARG B 689 18.83 -16.41 -23.85
N ASN B 690 19.53 -17.39 -23.29
CA ASN B 690 20.91 -17.65 -23.70
C ASN B 690 20.90 -18.90 -24.61
N SER B 691 22.03 -19.60 -24.76
CA SER B 691 22.08 -20.85 -25.50
C SER B 691 22.58 -22.02 -24.64
N ILE B 692 22.14 -22.06 -23.40
CA ILE B 692 22.69 -22.95 -22.41
C ILE B 692 22.27 -24.43 -22.72
N ILE B 693 23.28 -25.28 -22.89
CA ILE B 693 23.14 -26.69 -23.22
C ILE B 693 23.22 -27.56 -22.00
N PHE B 694 24.07 -27.21 -21.03
CA PHE B 694 24.17 -28.01 -19.81
C PHE B 694 24.57 -27.16 -18.62
N VAL B 695 24.35 -27.68 -17.43
CA VAL B 695 24.76 -27.04 -16.18
C VAL B 695 25.60 -28.08 -15.45
N VAL B 696 26.74 -27.64 -14.93
CA VAL B 696 27.58 -28.55 -14.13
C VAL B 696 26.92 -28.95 -12.82
N PRO B 697 27.21 -30.19 -12.33
CA PRO B 697 26.75 -30.58 -11.00
C PRO B 697 27.19 -29.59 -9.97
N GLY B 698 26.29 -29.19 -9.12
CA GLY B 698 26.60 -28.27 -8.04
C GLY B 698 26.69 -26.81 -8.45
N PHE B 699 26.38 -26.46 -9.69
CA PHE B 699 26.52 -25.08 -10.13
C PHE B 699 25.91 -24.06 -9.14
N PHE B 700 24.68 -24.33 -8.69
CA PHE B 700 23.98 -23.43 -7.78
C PHE B 700 24.15 -23.75 -6.28
N ALA B 701 24.87 -24.83 -5.93
CA ALA B 701 24.87 -25.34 -4.54
C ALA B 701 25.35 -24.36 -3.48
N LEU B 702 26.31 -23.54 -3.81
CA LEU B 702 26.86 -22.56 -2.85
C LEU B 702 26.05 -21.25 -2.75
N ALA B 703 25.09 -21.03 -3.65
CA ALA B 703 24.21 -19.84 -3.58
C ALA B 703 23.04 -20.10 -2.66
N THR B 704 23.34 -20.02 -1.38
CA THR B 704 22.39 -20.43 -0.36
C THR B 704 21.23 -19.45 -0.19
N ARG B 705 21.35 -18.24 -0.76
CA ARG B 705 20.30 -17.25 -0.72
C ARG B 705 19.49 -17.20 -2.02
N LEU B 706 19.83 -18.05 -2.98
CA LEU B 706 19.18 -18.01 -4.30
C LEU B 706 17.72 -18.44 -4.15
N ARG B 707 16.80 -17.60 -4.61
N ARG B 707 16.80 -17.58 -4.59
CA ARG B 707 15.36 -17.90 -4.56
CA ARG B 707 15.34 -17.79 -4.52
C ARG B 707 14.63 -17.88 -5.89
C ARG B 707 14.65 -17.88 -5.88
N GLU B 708 15.17 -17.16 -6.89
CA GLU B 708 14.51 -17.05 -8.17
C GLU B 708 15.52 -17.26 -9.26
N LEU B 709 15.20 -18.16 -10.17
CA LEU B 709 16.12 -18.59 -11.20
C LEU B 709 15.37 -18.73 -12.50
N ASN B 710 15.80 -18.02 -13.54
CA ASN B 710 15.13 -18.10 -14.81
C ASN B 710 16.05 -18.75 -15.83
N LEU B 711 15.69 -19.97 -16.23
CA LEU B 711 16.40 -20.74 -17.24
C LEU B 711 15.62 -20.82 -18.56
N SER B 712 14.56 -20.01 -18.68
CA SER B 712 13.68 -20.05 -19.83
C SER B 712 14.43 -19.77 -21.15
N ALA B 713 14.01 -20.44 -22.22
CA ALA B 713 14.47 -20.12 -23.59
C ALA B 713 15.99 -20.34 -23.75
N ASN B 714 16.44 -21.48 -23.27
CA ASN B 714 17.80 -21.96 -23.49
C ASN B 714 17.72 -23.22 -24.34
N ALA B 715 18.76 -24.05 -24.33
CA ALA B 715 18.80 -25.28 -25.13
C ALA B 715 18.94 -26.52 -24.23
N LEU B 716 18.36 -26.42 -23.04
CA LEU B 716 18.45 -27.49 -22.02
C LEU B 716 17.52 -28.64 -22.42
N ARG B 717 18.09 -29.85 -22.52
CA ARG B 717 17.28 -31.07 -22.81
C ARG B 717 16.93 -31.84 -21.58
N THR B 718 17.42 -31.37 -20.42
CA THR B 718 16.97 -31.92 -19.15
C THR B 718 16.91 -30.86 -18.07
N VAL B 719 16.38 -31.21 -16.90
CA VAL B 719 16.46 -30.41 -15.71
C VAL B 719 16.84 -31.38 -14.59
N GLU B 720 17.93 -31.10 -13.89
CA GLU B 720 18.56 -32.11 -12.97
C GLU B 720 18.65 -31.60 -11.54
N PRO B 721 18.29 -32.42 -10.52
CA PRO B 721 18.43 -31.91 -9.14
C PRO B 721 19.87 -31.69 -8.76
N SER B 722 20.78 -32.40 -9.40
CA SER B 722 22.20 -32.30 -9.08
C SER B 722 22.82 -30.92 -9.38
N TRP B 723 22.18 -30.14 -10.27
CA TRP B 723 22.59 -28.73 -10.47
C TRP B 723 22.56 -27.91 -9.21
N PHE B 724 21.69 -28.30 -8.29
CA PHE B 724 21.32 -27.50 -7.14
C PHE B 724 22.00 -28.01 -5.89
N GLY B 725 22.87 -29.02 -6.05
CA GLY B 725 23.48 -29.69 -4.92
C GLY B 725 22.29 -30.38 -4.30
N PHE B 726 21.92 -29.92 -3.12
CA PHE B 726 20.80 -30.53 -2.39
C PHE B 726 19.82 -29.47 -1.93
N LEU B 727 19.75 -28.37 -2.68
CA LEU B 727 19.05 -27.13 -2.26
C LEU B 727 17.92 -26.67 -3.22
N ALA B 728 17.50 -27.54 -4.16
CA ALA B 728 16.43 -27.19 -5.13
C ALA B 728 15.10 -26.87 -4.46
N GLY B 729 14.84 -27.49 -3.31
CA GLY B 729 13.66 -27.20 -2.48
C GLY B 729 13.55 -25.78 -1.94
N SER B 730 14.64 -25.01 -1.95
CA SER B 730 14.65 -23.63 -1.48
C SER B 730 14.18 -22.62 -2.54
N LEU B 731 14.15 -23.03 -3.81
CA LEU B 731 13.76 -22.06 -4.87
C LEU B 731 12.31 -21.71 -4.74
N GLU B 732 12.00 -20.42 -4.87
CA GLU B 732 10.61 -19.96 -4.99
C GLU B 732 10.15 -19.87 -6.45
N VAL B 733 11.09 -19.57 -7.36
CA VAL B 733 10.79 -19.53 -8.77
C VAL B 733 11.86 -20.29 -9.54
N LEU B 734 11.46 -21.24 -10.35
CA LEU B 734 12.34 -21.92 -11.26
C LEU B 734 11.65 -21.98 -12.61
N ASP B 735 12.05 -21.14 -13.55
CA ASP B 735 11.41 -21.14 -14.86
C ASP B 735 12.23 -21.90 -15.86
N VAL B 736 11.63 -22.98 -16.38
CA VAL B 736 12.30 -23.86 -17.36
C VAL B 736 11.52 -24.00 -18.65
N SER B 737 10.59 -23.07 -18.91
CA SER B 737 9.79 -23.03 -20.12
C SER B 737 10.68 -22.78 -21.34
N ALA B 738 10.19 -23.19 -22.49
CA ALA B 738 10.83 -22.88 -23.77
C ALA B 738 12.26 -23.44 -23.83
N ASN B 739 12.40 -24.65 -23.30
CA ASN B 739 13.60 -25.44 -23.48
C ASN B 739 13.22 -26.75 -24.12
N PRO B 740 14.09 -27.31 -24.98
CA PRO B 740 13.81 -28.51 -25.76
C PRO B 740 14.00 -29.81 -24.94
N LEU B 741 13.18 -29.96 -23.92
CA LEU B 741 13.32 -31.10 -23.03
C LEU B 741 13.14 -32.43 -23.79
N HIS B 742 13.96 -33.42 -23.45
CA HIS B 742 13.91 -34.71 -24.10
C HIS B 742 12.93 -35.58 -23.32
N CYS B 743 11.77 -35.79 -23.90
CA CYS B 743 10.64 -36.44 -23.21
C CYS B 743 10.65 -37.94 -23.45
N ALA B 744 11.74 -38.57 -23.07
CA ALA B 744 11.87 -40.01 -23.13
C ALA B 744 11.02 -40.60 -22.03
N CYS B 745 10.55 -41.84 -22.21
CA CYS B 745 9.79 -42.49 -21.13
C CYS B 745 10.75 -42.64 -19.95
N GLY B 746 10.24 -42.37 -18.75
CA GLY B 746 11.05 -42.41 -17.55
C GLY B 746 12.06 -41.31 -17.42
N ALA B 747 11.94 -40.21 -18.19
CA ALA B 747 12.92 -39.14 -18.11
C ALA B 747 12.94 -38.62 -16.69
N ALA B 748 14.14 -38.43 -16.15
CA ALA B 748 14.32 -38.05 -14.77
C ALA B 748 13.76 -36.66 -14.43
N PHE B 749 13.80 -35.72 -15.37
CA PHE B 749 13.33 -34.35 -15.09
C PHE B 749 11.87 -34.29 -14.66
N VAL B 750 11.06 -35.26 -15.11
CA VAL B 750 9.65 -35.24 -14.75
C VAL B 750 9.48 -35.30 -13.24
N ASP B 751 10.08 -36.30 -12.61
CA ASP B 751 9.97 -36.41 -11.17
C ASP B 751 10.52 -35.21 -10.41
N PHE B 752 11.59 -34.65 -10.93
CA PHE B 752 12.20 -33.49 -10.30
C PHE B 752 11.20 -32.31 -10.34
N LEU B 753 10.63 -32.04 -11.52
CA LEU B 753 9.71 -30.89 -11.66
C LEU B 753 8.45 -31.06 -10.80
N LEU B 754 7.97 -32.31 -10.66
CA LEU B 754 6.85 -32.58 -9.71
C LEU B 754 7.23 -32.28 -8.27
N GLN B 755 8.46 -32.65 -7.88
CA GLN B 755 8.93 -32.34 -6.52
C GLN B 755 8.99 -30.83 -6.27
N VAL B 756 9.34 -30.02 -7.27
CA VAL B 756 9.47 -28.56 -7.06
C VAL B 756 8.34 -27.77 -7.72
N GLN B 757 7.22 -28.44 -7.99
CA GLN B 757 6.17 -27.90 -8.85
C GLN B 757 5.62 -26.54 -8.41
N ALA B 758 5.59 -26.30 -7.11
CA ALA B 758 5.11 -25.02 -6.61
C ALA B 758 5.98 -23.83 -7.08
N ALA B 759 7.25 -24.08 -7.42
CA ALA B 759 8.17 -23.06 -7.91
C ALA B 759 8.15 -22.85 -9.42
N VAL B 760 7.47 -23.71 -10.18
CA VAL B 760 7.62 -23.72 -11.64
C VAL B 760 6.41 -23.09 -12.33
N PRO B 761 6.59 -21.86 -12.89
CA PRO B 761 5.43 -21.19 -13.51
C PRO B 761 5.02 -21.88 -14.82
N GLY B 762 3.71 -21.99 -15.03
CA GLY B 762 3.23 -22.57 -16.26
C GLY B 762 3.51 -24.05 -16.41
N LEU B 763 3.78 -24.79 -15.32
CA LEU B 763 4.19 -26.20 -15.44
C LEU B 763 3.25 -27.03 -16.29
N PRO B 764 1.93 -26.89 -16.08
CA PRO B 764 1.00 -27.73 -16.86
C PRO B 764 0.99 -27.54 -18.36
N SER B 765 1.35 -26.37 -18.86
CA SER B 765 1.22 -26.10 -20.29
C SER B 765 2.44 -25.55 -21.01
N ARG B 766 3.30 -24.78 -20.34
CA ARG B 766 4.40 -24.08 -21.04
C ARG B 766 5.77 -24.76 -20.91
N VAL B 767 5.82 -25.88 -20.20
CA VAL B 767 7.03 -26.67 -20.13
C VAL B 767 6.85 -27.77 -21.14
N LYS B 768 7.64 -27.71 -22.20
CA LYS B 768 7.41 -28.49 -23.40
C LYS B 768 8.59 -29.32 -23.82
N CYS B 769 8.27 -30.36 -24.60
CA CYS B 769 9.26 -31.28 -25.18
C CYS B 769 9.85 -30.75 -26.45
N GLY B 770 11.15 -30.97 -26.63
CA GLY B 770 11.85 -30.80 -27.92
C GLY B 770 12.02 -32.06 -28.75
N SER B 771 11.80 -33.22 -28.12
CA SER B 771 12.06 -34.55 -28.70
C SER B 771 11.47 -35.58 -27.73
N PRO B 772 11.32 -36.85 -28.10
CA PRO B 772 11.49 -37.42 -29.43
C PRO B 772 10.29 -37.24 -30.32
N GLY B 773 10.49 -37.45 -31.62
CA GLY B 773 9.41 -37.50 -32.63
C GLY B 773 8.23 -36.58 -32.42
N GLN B 774 7.04 -37.15 -32.26
CA GLN B 774 5.80 -36.35 -32.31
C GLN B 774 5.53 -35.61 -31.00
N LEU B 775 6.33 -35.89 -29.96
CA LEU B 775 6.22 -35.11 -28.73
C LEU B 775 6.78 -33.67 -28.88
N GLN B 776 7.61 -33.44 -29.89
CA GLN B 776 8.23 -32.12 -30.09
C GLN B 776 7.14 -31.05 -30.16
N GLY B 777 7.26 -30.06 -29.30
CA GLY B 777 6.25 -28.97 -29.25
C GLY B 777 5.04 -29.17 -28.35
N ARG B 778 4.94 -30.33 -27.70
CA ARG B 778 3.83 -30.64 -26.80
C ARG B 778 4.24 -30.49 -25.34
N SER B 779 3.25 -30.28 -24.49
CA SER B 779 3.46 -30.28 -23.05
C SER B 779 4.12 -31.59 -22.64
N ILE B 780 4.98 -31.50 -21.63
CA ILE B 780 5.55 -32.69 -21.02
C ILE B 780 4.48 -33.57 -20.38
N PHE B 781 3.29 -33.02 -20.13
CA PHE B 781 2.15 -33.80 -19.64
C PHE B 781 1.19 -34.27 -20.73
N ALA B 782 1.53 -34.11 -22.00
CA ALA B 782 0.61 -34.55 -23.08
C ALA B 782 0.45 -36.09 -23.10
N GLN B 783 1.41 -36.79 -22.51
CA GLN B 783 1.54 -38.23 -22.45
C GLN B 783 2.16 -38.50 -21.08
N ASP B 784 1.89 -39.64 -20.47
CA ASP B 784 2.47 -39.93 -19.14
C ASP B 784 3.86 -40.51 -19.35
N LEU B 785 4.86 -39.70 -19.00
CA LEU B 785 6.24 -40.11 -19.21
C LEU B 785 6.77 -41.03 -18.12
N ARG B 786 6.05 -41.23 -17.00
CA ARG B 786 6.56 -42.11 -15.90
C ARG B 786 6.62 -43.69 -16.08
C1 NAG G . -10.53 -16.06 19.43
C2 NAG G . -9.35 -15.27 18.86
C3 NAG G . -8.39 -14.94 19.97
C4 NAG G . -9.06 -14.26 21.16
C5 NAG G . -10.14 -15.24 21.66
C6 NAG G . -10.94 -14.79 22.88
C7 NAG G . -8.46 -15.65 16.59
C8 NAG G . -7.77 -16.66 15.68
N2 NAG G . -8.72 -16.09 17.84
O3 NAG G . -7.35 -14.16 19.41
O4 NAG G . -8.12 -13.97 22.21
O5 NAG G . -11.05 -15.41 20.56
O6 NAG G . -12.07 -13.99 22.48
O7 NAG G . -8.73 -14.52 16.19
C1 NAG G . -8.13 -12.57 22.63
C2 NAG G . -7.39 -12.24 23.94
C3 NAG G . -7.49 -10.71 24.16
C4 NAG G . -6.74 -10.02 23.03
C5 NAG G . -7.43 -10.38 21.73
C6 NAG G . -6.56 -9.85 20.56
C7 NAG G . -7.91 -14.30 25.24
C8 NAG G . -8.76 -14.80 26.38
N2 NAG G . -8.03 -12.97 25.01
O3 NAG G . -6.96 -10.14 25.37
O4 NAG G . -6.69 -8.59 23.28
O5 NAG G . -7.59 -11.82 21.57
O6 NAG G . -7.18 -10.12 19.29
O7 NAG G . -7.20 -15.04 24.58
C1 NAG H . 11.82 -15.65 -17.53
C2 NAG H . 10.59 -14.92 -17.07
C3 NAG H . 9.59 -14.83 -18.19
C4 NAG H . 10.21 -14.28 -19.48
C5 NAG H . 11.39 -15.20 -19.83
C6 NAG H . 12.13 -14.87 -21.14
C7 NAG H . 9.69 -15.03 -14.77
C8 NAG H . 9.09 -15.94 -13.74
N2 NAG H . 9.98 -15.62 -15.95
O3 NAG H . 8.53 -14.03 -17.73
O4 NAG H . 9.24 -14.27 -20.56
O5 NAG H . 12.31 -15.16 -18.73
O6 NAG H . 13.10 -13.87 -20.95
O7 NAG H . 9.90 -13.84 -14.56
C1 NAG H . 9.05 -12.95 -21.11
C2 NAG H . 8.34 -12.91 -22.45
C3 NAG H . 8.24 -11.43 -22.89
C4 NAG H . 7.47 -10.62 -21.88
C5 NAG H . 8.11 -10.74 -20.49
C6 NAG H . 7.20 -10.12 -19.42
C7 NAG H . 9.20 -14.91 -23.62
C8 NAG H . 10.21 -15.24 -24.70
N2 NAG H . 9.14 -13.59 -23.42
O3 NAG H . 7.63 -11.21 -24.17
O4 NAG H . 7.42 -9.26 -22.37
O5 NAG H . 8.37 -12.13 -20.16
O6 NAG H . 7.95 -9.76 -18.25
O7 NAG H . 8.53 -15.75 -23.02
C1 NAG I . 33.78 -7.93 5.71
C2 NAG I . 35.21 -8.40 5.51
C3 NAG I . 35.33 -9.03 4.13
C4 NAG I . 34.19 -10.01 3.80
C5 NAG I . 32.84 -9.33 4.04
C6 NAG I . 31.60 -10.15 3.65
C7 NAG I . 36.83 -6.94 6.66
C8 NAG I . 37.52 -5.62 6.57
N2 NAG I . 36.03 -7.21 5.63
O3 NAG I . 36.59 -9.69 4.10
O4 NAG I . 34.26 -10.43 2.43
O5 NAG I . 32.88 -9.00 5.44
O6 NAG I . 30.92 -10.74 4.78
O7 NAG I . 37.02 -7.70 7.60
C1 NAG J . 28.85 3.67 38.26
C2 NAG J . 28.19 2.79 39.30
C3 NAG J . 28.44 3.37 40.71
C4 NAG J . 29.91 3.60 40.97
C5 NAG J . 30.56 4.32 39.83
C6 NAG J . 32.05 4.22 40.08
C7 NAG J . 26.10 1.61 38.93
C8 NAG J . 24.62 1.70 38.61
N2 NAG J . 26.78 2.76 39.02
O3 NAG J . 27.97 2.44 41.69
O4 NAG J . 30.09 4.43 42.15
O5 NAG J . 30.28 3.72 38.54
O6 NAG J . 32.55 5.12 39.12
O7 NAG J . 26.66 0.54 39.11
C1 NAG K . 43.57 7.37 13.70
C2 NAG K . 44.25 6.79 14.94
C3 NAG K . 45.77 6.98 14.89
C4 NAG K . 46.39 6.63 13.53
C5 NAG K . 45.59 7.28 12.38
C6 NAG K . 46.10 6.88 11.01
C7 NAG K . 43.34 6.75 17.23
C8 NAG K . 42.93 7.58 18.43
N2 NAG K . 43.80 7.43 16.17
O3 NAG K . 46.36 6.22 15.96
O4 NAG K . 47.73 7.16 13.52
O5 NAG K . 44.20 6.90 12.49
O6 NAG K . 45.57 5.58 10.69
O7 NAG K . 43.23 5.52 17.22
C1 NAG L . -36.97 -19.33 15.30
C2 NAG L . -37.70 -20.46 16.06
C3 NAG L . -38.90 -21.02 15.25
C4 NAG L . -39.77 -19.86 14.71
C5 NAG L . -38.91 -18.78 14.02
C6 NAG L . -39.70 -17.56 13.53
C7 NAG L . -36.47 -21.87 17.71
C8 NAG L . -35.39 -22.92 17.88
N2 NAG L . -36.73 -21.51 16.42
O3 NAG L . -39.74 -21.92 16.02
O4 NAG L . -40.73 -20.45 13.80
O5 NAG L . -37.92 -18.31 14.94
O6 NAG L . -40.08 -16.75 14.65
O7 NAG L . -37.03 -21.34 18.66
C1 NAG M . -28.30 28.12 15.62
C2 NAG M . -29.13 28.73 14.50
C3 NAG M . -28.86 30.23 14.45
C4 NAG M . -29.17 30.85 15.80
C5 NAG M . -28.33 30.16 16.86
C6 NAG M . -28.47 30.68 18.30
C7 NAG M . -29.56 27.28 12.52
C8 NAG M . -29.02 26.67 11.26
N2 NAG M . -28.76 28.06 13.22
O3 NAG M . -29.68 30.85 13.43
O4 NAG M . -28.81 32.22 15.76
O5 NAG M . -28.58 28.73 16.88
O6 NAG M . -27.25 30.30 19.00
O7 NAG M . -30.72 27.02 12.88
C1 NAG N . -36.86 15.64 15.80
C2 NAG N . -38.32 15.73 16.14
C3 NAG N . -39.15 15.87 14.84
C4 NAG N . -38.65 17.03 14.00
C5 NAG N . -37.14 16.91 13.80
C6 NAG N . -36.68 18.13 13.02
C7 NAG N . -39.35 14.61 18.04
C8 NAG N . -39.54 13.29 18.70
N2 NAG N . -38.63 14.55 16.90
O3 NAG N . -40.51 16.13 15.12
O4 NAG N . -39.28 16.99 12.73
O5 NAG N . -36.53 16.84 15.11
O6 NAG N . -36.85 19.28 13.85
O7 NAG N . -39.88 15.64 18.46
C1 NAG O . -32.45 -24.98 22.46
C2 NAG O . -33.78 -25.58 22.93
C3 NAG O . -33.73 -26.04 24.38
C4 NAG O . -32.54 -26.92 24.62
C5 NAG O . -31.28 -26.21 24.12
C6 NAG O . -29.93 -26.90 24.32
C7 NAG O . -35.50 -24.52 21.59
C8 NAG O . -36.60 -23.54 21.57
N2 NAG O . -34.86 -24.66 22.75
O3 NAG O . -34.97 -26.67 24.72
O4 NAG O . -32.57 -27.11 26.03
O5 NAG O . -31.45 -25.97 22.70
O6 NAG O . -30.02 -28.15 23.63
O7 NAG O . -35.18 -25.13 20.57
C1 NAG P . 27.87 14.52 2.48
C2 NAG P . 28.72 15.78 2.27
C3 NAG P . 29.88 15.63 1.24
C4 NAG P . 30.41 14.19 1.06
C5 NAG P . 29.28 13.19 1.24
C6 NAG P . 29.61 11.71 1.20
C7 NAG P . 26.96 17.12 1.05
C8 NAG P . 26.20 18.42 1.08
N2 NAG P . 27.86 16.96 2.05
O3 NAG P . 30.98 16.45 1.65
O4 NAG P . 30.98 14.06 -0.25
O5 NAG P . 28.73 13.39 2.52
O6 NAG P . 28.34 11.05 1.12
O7 NAG P . 26.76 16.30 0.16
MG MG Q . -35.37 9.26 29.57
C1 NAG R . -32.94 -9.47 -4.67
C2 NAG R . -34.33 -9.99 -4.33
C3 NAG R . -34.40 -10.41 -2.85
C4 NAG R . -33.16 -11.24 -2.40
C5 NAG R . -31.88 -10.52 -2.81
C6 NAG R . -30.58 -11.20 -2.36
C7 NAG R . -36.16 -8.97 -5.66
C8 NAG R . -37.00 -7.74 -5.86
N2 NAG R . -35.27 -8.90 -4.66
O3 NAG R . -35.59 -11.17 -2.67
O4 NAG R . -33.17 -11.47 -0.97
O5 NAG R . -31.95 -10.42 -4.25
O6 NAG R . -30.13 -12.06 -3.41
O7 NAG R . -36.32 -9.96 -6.36
C1 NAG S . -28.85 -1.50 -38.42
C2 NAG S . -28.20 -2.47 -39.36
C3 NAG S . -28.49 -2.11 -40.83
C4 NAG S . -30.02 -2.01 -41.01
C5 NAG S . -30.59 -1.05 -39.97
C6 NAG S . -32.10 -0.82 -40.00
C7 NAG S . -26.04 -3.51 -38.93
C8 NAG S . -24.61 -3.21 -38.66
N2 NAG S . -26.81 -2.43 -39.09
O3 NAG S . -27.89 -3.14 -41.63
O4 NAG S . -30.32 -1.49 -42.29
O5 NAG S . -30.26 -1.55 -38.65
O6 NAG S . -32.72 -2.09 -39.97
O7 NAG S . -26.46 -4.67 -39.00
C1 NAG T . -43.98 3.74 -14.47
C2 NAG T . -44.63 2.94 -15.57
C3 NAG T . -46.16 3.04 -15.51
C4 NAG T . -46.71 2.81 -14.09
C5 NAG T . -45.91 3.60 -13.04
C6 NAG T . -46.32 3.32 -11.60
C7 NAG T . -43.73 2.71 -17.85
C8 NAG T . -43.44 3.46 -19.13
N2 NAG T . -44.25 3.48 -16.89
O3 NAG T . -46.72 2.13 -16.47
O4 NAG T . -48.08 3.26 -14.07
O5 NAG T . -44.50 3.30 -13.19
O6 NAG T . -45.67 2.13 -11.11
O7 NAG T . -43.51 1.51 -17.68
C1 NAG U . 38.43 -16.28 -13.29
C2 NAG U . 39.30 -17.41 -13.87
C3 NAG U . 40.48 -17.75 -12.94
C4 NAG U . 41.21 -16.45 -12.56
C5 NAG U . 40.23 -15.38 -12.03
C6 NAG U . 40.86 -14.04 -11.66
C7 NAG U . 38.19 -19.07 -15.30
C8 NAG U . 37.22 -20.23 -15.28
N2 NAG U . 38.43 -18.56 -14.08
O3 NAG U . 41.43 -18.66 -13.52
O4 NAG U . 42.21 -16.79 -11.55
O5 NAG U . 39.24 -15.11 -13.02
O6 NAG U . 41.36 -13.44 -12.86
O7 NAG U . 38.69 -18.65 -16.32
C1 NAG V . 26.01 29.97 -19.18
C2 NAG V . 26.82 30.77 -18.17
C3 NAG V . 26.41 32.25 -18.26
C4 NAG V . 26.51 32.80 -19.67
C5 NAG V . 25.70 31.86 -20.56
C6 NAG V . 25.57 32.21 -22.05
C7 NAG V . 27.24 29.62 -15.97
C8 NAG V . 26.64 29.15 -14.67
N2 NAG V . 26.47 30.24 -16.86
O3 NAG V . 27.21 32.98 -17.33
O4 NAG V . 25.92 34.12 -19.73
O5 NAG V . 26.28 30.55 -20.44
O6 NAG V . 24.27 31.73 -22.46
O7 NAG V . 28.41 29.45 -16.19
C1 NAG W . 35.46 18.27 -17.94
C2 NAG W . 36.91 18.48 -18.25
C3 NAG W . 37.68 18.83 -16.96
C4 NAG W . 37.07 20.04 -16.31
C5 NAG W . 35.61 19.80 -16.07
C6 NAG W . 34.99 21.04 -15.44
C7 NAG W . 37.96 17.18 -20.02
C8 NAG W . 38.20 15.78 -20.47
N2 NAG W . 37.28 17.24 -18.86
O3 NAG W . 39.04 19.17 -17.22
O4 NAG W . 37.73 20.27 -15.06
O5 NAG W . 34.99 19.47 -17.35
O6 NAG W . 35.06 22.11 -16.41
O7 NAG W . 38.46 18.18 -20.56
C1 NAG X . 34.51 -23.03 -19.70
C2 NAG X . 35.87 -23.59 -20.08
C3 NAG X . 35.88 -24.18 -21.51
C4 NAG X . 34.83 -25.23 -21.63
C5 NAG X . 33.48 -24.73 -21.10
C6 NAG X . 32.59 -25.94 -20.87
C7 NAG X . 37.43 -22.22 -18.79
C8 NAG X . 38.46 -21.14 -18.87
N2 NAG X . 36.85 -22.53 -19.97
O3 NAG X . 37.13 -24.75 -21.82
O4 NAG X . 34.78 -25.56 -23.02
O5 NAG X . 33.55 -24.06 -19.84
O6 NAG X . 31.32 -25.44 -21.12
O7 NAG X . 37.13 -22.78 -17.74
MG MG Y . 34.60 10.27 -30.83
#